data_1IXE
#
_entry.id   1IXE
#
_cell.length_a   80.010
_cell.length_b   110.630
_cell.length_c   184.382
_cell.angle_alpha   90.00
_cell.angle_beta   90.00
_cell.angle_gamma   90.00
#
_symmetry.space_group_name_H-M   'P 21 21 21'
#
loop_
_entity.id
_entity.type
_entity.pdbx_description
1 polymer 'citrate synthase'
2 non-polymer 'SULFATE ION'
3 non-polymer 'COENZYME A'
4 non-polymer 'CITRIC ACID'
5 non-polymer GLYCEROL
6 water water
#
_entity_poly.entity_id   1
_entity_poly.type   'polypeptide(L)'
_entity_poly.pdbx_seq_one_letter_code
;MEVARGLEGVLFTESRMCYIDGQQGKLYYYGIPIQELAEKSSFEETTFLLLHGRLPRRQELEEFSAALARRRALPAHLLE
SFKRYPVSAHPMSFLRTAVSEFGMLDPTEGDISREALYEKGLDLIAKFATIVAANKRLKEGKEPIPPREDLSHAANFLYM
ANGVEPSPEQARLMDAALILHAEHGFNASTFTAIAAFSTETDLYSAITAAVASLKGPRHGGANEAVMRMIQEIGTPERAR
EWVREKLAKKERIMGMGHRVYKAFDPRAGVLEKLARLVAEKHGHSKEYQILKIVEEEAGKVLNPRGIYPNVDFYSGVVYS
DLGFSLEFFTPIFAVARISGWVGHILEYQELDNRLLRPGAKYVGELDVPYVPLEARE
;
_entity_poly.pdbx_strand_id   A,B,C,D
#
loop_
_chem_comp.id
_chem_comp.type
_chem_comp.name
_chem_comp.formula
CIT non-polymer 'CITRIC ACID' 'C6 H8 O7'
COA non-polymer 'COENZYME A' 'C21 H36 N7 O16 P3 S'
GOL non-polymer GLYCEROL 'C3 H8 O3'
SO4 non-polymer 'SULFATE ION' 'O4 S -2'
#
# COMPACT_ATOMS: atom_id res chain seq x y z
N VAL A 3 36.65 -27.02 -9.46
CA VAL A 3 35.56 -26.07 -9.86
C VAL A 3 34.23 -26.79 -10.00
N ALA A 4 33.20 -26.26 -9.35
CA ALA A 4 31.88 -26.88 -9.36
C ALA A 4 31.00 -26.33 -10.47
N ARG A 5 31.35 -26.64 -11.72
CA ARG A 5 30.58 -26.15 -12.85
C ARG A 5 29.10 -26.49 -12.69
N GLY A 6 28.24 -25.53 -12.99
CA GLY A 6 26.81 -25.74 -12.87
C GLY A 6 26.34 -25.88 -11.43
N LEU A 7 27.27 -25.71 -10.50
CA LEU A 7 27.01 -26.01 -9.09
C LEU A 7 26.44 -27.42 -8.93
N GLU A 8 26.77 -28.31 -9.87
CA GLU A 8 26.23 -29.66 -9.83
C GLU A 8 26.74 -30.41 -8.61
N GLY A 9 25.80 -31.03 -7.88
CA GLY A 9 26.15 -31.72 -6.66
C GLY A 9 26.46 -30.80 -5.49
N VAL A 10 26.44 -29.50 -5.73
CA VAL A 10 26.68 -28.55 -4.66
C VAL A 10 25.43 -28.40 -3.82
N LEU A 11 25.55 -28.69 -2.53
CA LEU A 11 24.42 -28.59 -1.61
C LEU A 11 24.70 -27.43 -0.67
N PHE A 12 24.00 -26.32 -0.88
CA PHE A 12 24.37 -25.07 -0.22
C PHE A 12 23.47 -24.71 0.94
N THR A 13 22.38 -25.46 1.12
CA THR A 13 21.46 -25.18 2.21
C THR A 13 20.71 -26.44 2.63
N GLU A 14 19.92 -26.34 3.70
CA GLU A 14 19.06 -27.44 4.12
C GLU A 14 17.62 -27.08 3.82
N SER A 15 16.80 -28.06 3.49
CA SER A 15 15.42 -27.78 3.14
C SER A 15 14.51 -28.92 3.55
N ARG A 16 13.25 -28.57 3.82
CA ARG A 16 12.25 -29.56 4.16
C ARG A 16 11.16 -29.63 3.09
N MET A 17 11.17 -28.64 2.20
CA MET A 17 10.05 -28.43 1.28
C MET A 17 9.87 -29.55 0.29
N CYS A 18 10.94 -29.82 -0.43
CA CYS A 18 10.85 -30.66 -1.61
C CYS A 18 11.92 -31.74 -1.57
N TYR A 19 11.52 -32.99 -1.76
CA TYR A 19 12.48 -34.05 -1.95
C TYR A 19 12.36 -34.59 -3.35
N ILE A 20 13.46 -34.55 -4.08
CA ILE A 20 13.52 -35.05 -5.43
C ILE A 20 14.36 -36.31 -5.44
N ASP A 21 13.71 -37.44 -5.64
CA ASP A 21 14.42 -38.71 -5.76
C ASP A 21 14.81 -38.86 -7.23
N GLY A 22 16.03 -38.48 -7.56
CA GLY A 22 16.45 -38.49 -8.96
C GLY A 22 16.62 -39.88 -9.52
N GLN A 23 16.86 -40.85 -8.64
CA GLN A 23 17.22 -42.19 -9.07
C GLN A 23 15.99 -43.04 -9.34
N GLN A 24 14.94 -42.83 -8.55
CA GLN A 24 13.71 -43.63 -8.69
C GLN A 24 12.57 -42.84 -9.32
N GLY A 25 12.79 -41.54 -9.51
CA GLY A 25 11.79 -40.69 -10.13
C GLY A 25 10.62 -40.40 -9.21
N LYS A 26 10.93 -39.90 -8.02
CA LYS A 26 9.91 -39.60 -7.03
C LYS A 26 10.04 -38.16 -6.59
N LEU A 27 8.90 -37.55 -6.25
CA LEU A 27 8.87 -36.16 -5.85
C LEU A 27 7.92 -36.03 -4.67
N TYR A 28 8.30 -35.19 -3.71
CA TYR A 28 7.45 -34.92 -2.55
C TYR A 28 7.47 -33.44 -2.23
N TYR A 29 6.30 -32.92 -1.87
CA TYR A 29 6.19 -31.59 -1.30
C TYR A 29 5.93 -31.78 0.19
N TYR A 30 6.88 -31.35 1.01
CA TYR A 30 6.82 -31.60 2.44
C TYR A 30 6.39 -33.03 2.76
N GLY A 31 7.00 -33.99 2.07
CA GLY A 31 6.85 -35.38 2.43
C GLY A 31 5.75 -36.09 1.67
N ILE A 32 4.82 -35.31 1.11
CA ILE A 32 3.70 -35.89 0.40
C ILE A 32 4.05 -36.12 -1.05
N PRO A 33 3.88 -37.36 -1.55
CA PRO A 33 4.19 -37.68 -2.94
C PRO A 33 3.40 -36.76 -3.87
N ILE A 34 4.02 -36.35 -4.96
CA ILE A 34 3.37 -35.41 -5.86
C ILE A 34 2.12 -36.00 -6.49
N GLN A 35 2.12 -37.31 -6.72
CA GLN A 35 0.97 -37.98 -7.32
C GLN A 35 -0.28 -37.86 -6.46
N GLU A 36 -0.11 -37.89 -5.15
CA GLU A 36 -1.24 -37.71 -4.24
C GLU A 36 -1.86 -36.33 -4.38
N LEU A 37 -1.02 -35.31 -4.31
CA LEU A 37 -1.49 -33.94 -4.42
C LEU A 37 -2.12 -33.67 -5.80
N ALA A 38 -1.53 -34.23 -6.84
CA ALA A 38 -2.04 -34.04 -8.19
C ALA A 38 -3.43 -34.65 -8.34
N GLU A 39 -3.68 -35.77 -7.67
CA GLU A 39 -4.99 -36.41 -7.68
C GLU A 39 -5.98 -35.74 -6.73
N LYS A 40 -5.52 -35.43 -5.53
CA LYS A 40 -6.44 -35.12 -4.44
C LYS A 40 -6.43 -33.66 -4.00
N SER A 41 -5.28 -33.02 -4.06
CA SER A 41 -5.15 -31.68 -3.52
C SER A 41 -5.63 -30.65 -4.55
N SER A 42 -5.40 -29.38 -4.24
CA SER A 42 -5.74 -28.30 -5.16
C SER A 42 -4.57 -27.33 -5.10
N PHE A 43 -4.50 -26.39 -6.03
CA PHE A 43 -3.39 -25.44 -6.01
C PHE A 43 -3.41 -24.66 -4.70
N GLU A 44 -4.60 -24.31 -4.21
CA GLU A 44 -4.68 -23.54 -2.97
C GLU A 44 -4.20 -24.33 -1.78
N GLU A 45 -4.56 -25.62 -1.76
CA GLU A 45 -4.17 -26.49 -0.65
C GLU A 45 -2.68 -26.80 -0.73
N THR A 46 -2.19 -27.08 -1.94
CA THR A 46 -0.79 -27.39 -2.13
C THR A 46 0.03 -26.16 -1.83
N THR A 47 -0.50 -25.00 -2.19
CA THR A 47 0.16 -23.74 -1.87
C THR A 47 0.25 -23.61 -0.34
N PHE A 48 -0.87 -23.86 0.34
CA PHE A 48 -0.88 -23.82 1.79
C PHE A 48 0.21 -24.74 2.34
N LEU A 49 0.27 -25.95 1.80
CA LEU A 49 1.29 -26.92 2.17
C LEU A 49 2.70 -26.37 1.96
N LEU A 50 2.94 -25.79 0.78
CA LEU A 50 4.25 -25.27 0.43
C LEU A 50 4.68 -24.08 1.27
N LEU A 51 3.72 -23.36 1.83
CA LEU A 51 4.04 -22.18 2.64
C LEU A 51 4.02 -22.47 4.14
N HIS A 52 3.26 -23.48 4.54
CA HIS A 52 3.08 -23.79 5.96
C HIS A 52 3.72 -25.11 6.35
N GLY A 53 4.13 -25.89 5.35
CA GLY A 53 4.81 -27.14 5.63
C GLY A 53 3.89 -28.24 6.12
N ARG A 54 2.58 -28.08 5.92
CA ARG A 54 1.61 -29.09 6.34
C ARG A 54 0.29 -28.87 5.64
N LEU A 55 -0.54 -29.90 5.59
CA LEU A 55 -1.87 -29.75 5.02
C LEU A 55 -2.72 -28.86 5.92
N PRO A 56 -3.63 -28.08 5.32
CA PRO A 56 -4.50 -27.20 6.11
C PRO A 56 -5.72 -27.96 6.63
N ARG A 57 -6.21 -27.58 7.80
CA ARG A 57 -7.50 -28.06 8.27
C ARG A 57 -8.56 -27.45 7.36
N ARG A 58 -9.78 -27.96 7.44
CA ARG A 58 -10.84 -27.55 6.51
C ARG A 58 -11.11 -26.06 6.59
N GLN A 59 -11.19 -25.52 7.79
CA GLN A 59 -11.42 -24.09 7.96
C GLN A 59 -10.23 -23.31 7.45
N GLU A 60 -9.03 -23.79 7.76
CA GLU A 60 -7.82 -23.13 7.30
C GLU A 60 -7.80 -23.01 5.78
N LEU A 61 -8.06 -24.12 5.09
CA LEU A 61 -8.02 -24.11 3.63
C LEU A 61 -9.05 -23.15 3.09
N GLU A 62 -10.24 -23.20 3.67
CA GLU A 62 -11.35 -22.38 3.22
C GLU A 62 -10.97 -20.90 3.38
N GLU A 63 -10.44 -20.56 4.55
CA GLU A 63 -9.99 -19.20 4.82
C GLU A 63 -8.80 -18.84 3.93
N PHE A 64 -7.89 -19.79 3.73
CA PHE A 64 -6.71 -19.57 2.90
C PHE A 64 -7.13 -19.31 1.46
N SER A 65 -8.01 -20.16 0.94
CA SER A 65 -8.51 -20.00 -0.41
C SER A 65 -9.13 -18.62 -0.59
N ALA A 66 -9.91 -18.20 0.40
CA ALA A 66 -10.59 -16.91 0.36
C ALA A 66 -9.58 -15.77 0.44
N ALA A 67 -8.58 -15.93 1.30
CA ALA A 67 -7.52 -14.93 1.45
C ALA A 67 -6.82 -14.69 0.12
N LEU A 68 -6.50 -15.78 -0.58
CA LEU A 68 -5.94 -15.69 -1.93
C LEU A 68 -6.94 -15.07 -2.91
N ALA A 69 -8.19 -15.51 -2.85
CA ALA A 69 -9.19 -15.02 -3.80
C ALA A 69 -9.37 -13.50 -3.75
N ARG A 70 -9.38 -12.93 -2.57
CA ARG A 70 -9.53 -11.48 -2.45
C ARG A 70 -8.23 -10.71 -2.75
N ARG A 71 -7.14 -11.43 -2.98
CA ARG A 71 -5.89 -10.79 -3.37
C ARG A 71 -5.63 -10.96 -4.86
N ARG A 72 -6.58 -11.53 -5.57
CA ARG A 72 -6.38 -11.82 -6.99
C ARG A 72 -6.30 -10.56 -7.85
N ALA A 73 -7.12 -9.58 -7.51
CA ALA A 73 -7.28 -8.40 -8.33
C ALA A 73 -6.02 -7.54 -8.28
N LEU A 74 -5.63 -7.04 -9.45
CA LEU A 74 -4.48 -6.17 -9.57
C LEU A 74 -4.92 -4.73 -9.30
N PRO A 75 -4.02 -3.91 -8.74
CA PRO A 75 -4.41 -2.52 -8.53
C PRO A 75 -4.65 -1.80 -9.86
N ALA A 76 -5.59 -0.85 -9.86
CA ALA A 76 -5.89 -0.09 -11.06
C ALA A 76 -4.61 0.51 -11.66
N HIS A 77 -3.71 0.99 -10.82
CA HIS A 77 -2.46 1.57 -11.30
C HIS A 77 -1.70 0.62 -12.22
N LEU A 78 -1.62 -0.64 -11.81
CA LEU A 78 -0.84 -1.61 -12.57
C LEU A 78 -1.59 -2.00 -13.83
N LEU A 79 -2.91 -2.19 -13.70
CA LEU A 79 -3.71 -2.52 -14.86
C LEU A 79 -3.58 -1.41 -15.90
N GLU A 80 -3.48 -0.18 -15.42
CA GLU A 80 -3.32 0.94 -16.33
C GLU A 80 -1.96 0.90 -17.01
N SER A 81 -0.91 0.57 -16.26
CA SER A 81 0.43 0.50 -16.82
C SER A 81 0.50 -0.57 -17.90
N PHE A 82 -0.24 -1.66 -17.71
CA PHE A 82 -0.24 -2.75 -18.69
C PHE A 82 -0.63 -2.27 -20.07
N LYS A 83 -1.50 -1.27 -20.12
CA LYS A 83 -1.99 -0.76 -21.41
C LYS A 83 -0.86 -0.25 -22.30
N ARG A 84 0.25 0.16 -21.69
CA ARG A 84 1.39 0.66 -22.45
C ARG A 84 2.54 -0.33 -22.55
N TYR A 85 2.51 -1.41 -21.78
CA TYR A 85 3.47 -2.49 -21.98
C TYR A 85 3.41 -2.93 -23.43
N PRO A 86 4.57 -3.00 -24.10
CA PRO A 86 4.55 -3.42 -25.51
C PRO A 86 3.85 -4.76 -25.70
N VAL A 87 2.81 -4.79 -26.50
CA VAL A 87 2.06 -6.01 -26.72
C VAL A 87 2.93 -7.09 -27.38
N SER A 88 3.98 -6.67 -28.07
CA SER A 88 4.85 -7.62 -28.77
C SER A 88 5.91 -8.18 -27.83
N ALA A 89 5.98 -7.64 -26.62
CA ALA A 89 6.97 -8.09 -25.65
C ALA A 89 6.72 -9.53 -25.23
N HIS A 90 7.80 -10.20 -24.85
CA HIS A 90 7.71 -11.56 -24.36
C HIS A 90 6.84 -11.58 -23.10
N PRO A 91 5.94 -12.58 -22.98
CA PRO A 91 5.08 -12.69 -21.81
C PRO A 91 5.83 -12.68 -20.48
N MET A 92 7.01 -13.30 -20.45
CA MET A 92 7.81 -13.33 -19.23
C MET A 92 8.41 -11.97 -18.91
N SER A 93 8.64 -11.18 -19.95
CA SER A 93 9.13 -9.82 -19.75
C SER A 93 7.99 -8.96 -19.22
N PHE A 94 6.79 -9.20 -19.72
CA PHE A 94 5.59 -8.58 -19.18
C PHE A 94 5.49 -8.88 -17.68
N LEU A 95 5.65 -10.15 -17.33
CA LEU A 95 5.48 -10.59 -15.95
C LEU A 95 6.60 -10.03 -15.08
N ARG A 96 7.82 -10.13 -15.58
CA ARG A 96 8.98 -9.63 -14.87
C ARG A 96 8.76 -8.17 -14.50
N THR A 97 8.31 -7.39 -15.49
CA THR A 97 8.06 -5.98 -15.31
C THR A 97 6.88 -5.74 -14.37
N ALA A 98 5.82 -6.53 -14.54
CA ALA A 98 4.63 -6.39 -13.70
C ALA A 98 4.96 -6.58 -12.23
N VAL A 99 5.72 -7.63 -11.93
CA VAL A 99 6.09 -7.91 -10.55
C VAL A 99 6.92 -6.76 -10.00
N SER A 100 7.89 -6.30 -10.79
CA SER A 100 8.74 -5.22 -10.34
C SER A 100 7.93 -3.96 -10.08
N GLU A 101 7.00 -3.65 -10.97
CA GLU A 101 6.23 -2.43 -10.86
C GLU A 101 5.24 -2.55 -9.71
N PHE A 102 4.78 -3.77 -9.48
CA PHE A 102 3.87 -4.02 -8.37
C PHE A 102 4.57 -3.75 -7.05
N GLY A 103 5.82 -4.21 -6.92
CA GLY A 103 6.57 -3.96 -5.71
C GLY A 103 6.76 -2.48 -5.43
N MET A 104 6.84 -1.67 -6.49
CA MET A 104 6.93 -0.23 -6.34
C MET A 104 5.68 0.37 -5.73
N LEU A 105 4.55 -0.29 -5.93
CA LEU A 105 3.28 0.22 -5.40
C LEU A 105 3.07 -0.18 -3.96
N ASP A 106 3.95 -1.05 -3.46
CA ASP A 106 3.84 -1.53 -2.09
C ASP A 106 4.52 -0.57 -1.13
N PRO A 107 3.74 0.13 -0.30
CA PRO A 107 4.30 1.11 0.64
C PRO A 107 5.35 0.54 1.58
N THR A 108 5.28 -0.77 1.85
CA THR A 108 6.31 -1.41 2.67
C THR A 108 7.06 -2.48 1.89
N GLU A 109 7.39 -2.16 0.64
CA GLU A 109 8.00 -3.12 -0.27
C GLU A 109 9.14 -3.89 0.37
N GLY A 110 9.95 -3.20 1.16
CA GLY A 110 11.19 -3.77 1.66
C GLY A 110 11.07 -4.54 2.97
N ASP A 111 9.87 -4.55 3.54
CA ASP A 111 9.61 -5.32 4.74
C ASP A 111 9.83 -6.79 4.41
N ILE A 112 10.81 -7.41 5.04
CA ILE A 112 11.07 -8.83 4.81
C ILE A 112 11.04 -9.65 6.09
N SER A 113 10.22 -9.23 7.06
CA SER A 113 9.99 -10.07 8.21
C SER A 113 9.21 -11.27 7.70
N ARG A 114 9.26 -12.37 8.43
CA ARG A 114 8.57 -13.58 8.01
C ARG A 114 7.12 -13.29 7.64
N GLU A 115 6.38 -12.66 8.56
CA GLU A 115 4.96 -12.40 8.31
C GLU A 115 4.75 -11.50 7.09
N ALA A 116 5.64 -10.53 6.90
CA ALA A 116 5.53 -9.64 5.75
C ALA A 116 5.83 -10.40 4.46
N LEU A 117 6.82 -11.30 4.51
CA LEU A 117 7.10 -12.15 3.37
C LEU A 117 5.92 -13.05 3.09
N TYR A 118 5.33 -13.62 4.14
CA TYR A 118 4.18 -14.49 3.96
C TYR A 118 3.06 -13.71 3.30
N GLU A 119 2.72 -12.56 3.88
CA GLU A 119 1.63 -11.74 3.39
C GLU A 119 1.86 -11.25 1.96
N LYS A 120 3.08 -10.83 1.65
CA LYS A 120 3.36 -10.33 0.31
C LYS A 120 3.42 -11.51 -0.66
N GLY A 121 3.86 -12.64 -0.14
CA GLY A 121 3.91 -13.85 -0.95
C GLY A 121 2.52 -14.29 -1.35
N LEU A 122 1.54 -14.18 -0.44
CA LEU A 122 0.17 -14.55 -0.77
C LEU A 122 -0.34 -13.64 -1.87
N ASP A 123 0.04 -12.38 -1.79
CA ASP A 123 -0.42 -11.41 -2.77
C ASP A 123 0.12 -11.78 -4.15
N LEU A 124 1.40 -12.12 -4.21
CA LEU A 124 2.03 -12.51 -5.47
C LEU A 124 1.45 -13.81 -6.03
N ILE A 125 1.29 -14.80 -5.17
CA ILE A 125 0.71 -16.08 -5.58
C ILE A 125 -0.65 -15.83 -6.21
N ALA A 126 -1.48 -15.05 -5.52
CA ALA A 126 -2.82 -14.76 -5.98
C ALA A 126 -2.78 -14.00 -7.28
N LYS A 127 -1.84 -13.06 -7.39
CA LYS A 127 -1.84 -12.12 -8.50
C LYS A 127 -1.11 -12.58 -9.75
N PHE A 128 -0.26 -13.60 -9.62
CA PHE A 128 0.51 -14.06 -10.76
C PHE A 128 -0.41 -14.55 -11.88
N ALA A 129 -1.45 -15.30 -11.51
CA ALA A 129 -2.42 -15.75 -12.48
C ALA A 129 -3.12 -14.57 -13.17
N THR A 130 -3.40 -13.54 -12.38
CA THR A 130 -4.14 -12.38 -12.89
C THR A 130 -3.27 -11.58 -13.85
N ILE A 131 -1.97 -11.53 -13.57
CA ILE A 131 -1.01 -10.83 -14.43
C ILE A 131 -0.82 -11.55 -15.77
N VAL A 132 -0.65 -12.87 -15.70
CA VAL A 132 -0.39 -13.63 -16.90
C VAL A 132 -1.64 -13.66 -17.77
N ALA A 133 -2.80 -13.76 -17.13
CA ALA A 133 -4.07 -13.77 -17.83
C ALA A 133 -4.32 -12.42 -18.50
N ALA A 134 -3.94 -11.34 -17.82
CA ALA A 134 -4.11 -10.01 -18.40
C ALA A 134 -3.22 -9.89 -19.62
N ASN A 135 -1.98 -10.33 -19.46
CA ASN A 135 -1.00 -10.34 -20.54
C ASN A 135 -1.61 -11.01 -21.76
N LYS A 136 -2.23 -12.17 -21.55
CA LYS A 136 -2.78 -12.93 -22.65
C LYS A 136 -3.91 -12.17 -23.32
N ARG A 137 -4.79 -11.59 -22.51
CA ARG A 137 -5.86 -10.78 -23.04
C ARG A 137 -5.30 -9.60 -23.85
N LEU A 138 -4.36 -8.89 -23.25
CA LEU A 138 -3.74 -7.75 -23.93
C LEU A 138 -3.03 -8.19 -25.20
N LYS A 139 -2.38 -9.34 -25.17
CA LYS A 139 -1.75 -9.90 -26.38
C LYS A 139 -2.75 -10.05 -27.52
N GLU A 140 -4.02 -10.23 -27.16
CA GLU A 140 -5.04 -10.51 -28.15
C GLU A 140 -5.81 -9.23 -28.49
N GLY A 141 -5.31 -8.11 -28.00
CA GLY A 141 -6.00 -6.85 -28.22
C GLY A 141 -7.28 -6.76 -27.42
N LYS A 142 -7.36 -7.53 -26.34
CA LYS A 142 -8.54 -7.51 -25.49
C LYS A 142 -8.23 -6.93 -24.11
N GLU A 143 -9.26 -6.77 -23.30
CA GLU A 143 -9.13 -6.16 -21.98
C GLU A 143 -8.99 -7.23 -20.91
N PRO A 144 -8.14 -7.00 -19.90
CA PRO A 144 -8.04 -7.96 -18.79
C PRO A 144 -9.41 -8.20 -18.17
N ILE A 145 -9.57 -9.35 -17.56
CA ILE A 145 -10.85 -9.68 -16.93
C ILE A 145 -10.69 -9.74 -15.43
N PRO A 146 -11.59 -9.06 -14.70
CA PRO A 146 -11.53 -9.08 -13.23
C PRO A 146 -11.67 -10.50 -12.70
N PRO A 147 -10.87 -10.84 -11.69
CA PRO A 147 -10.95 -12.16 -11.06
C PRO A 147 -12.34 -12.39 -10.49
N ARG A 148 -12.77 -13.64 -10.47
CA ARG A 148 -14.02 -13.98 -9.81
C ARG A 148 -13.76 -14.87 -8.60
N GLU A 149 -14.16 -14.38 -7.42
CA GLU A 149 -13.90 -15.07 -6.15
C GLU A 149 -14.56 -16.44 -6.05
N ASP A 150 -15.65 -16.64 -6.78
CA ASP A 150 -16.39 -17.89 -6.70
C ASP A 150 -15.70 -19.01 -7.48
N LEU A 151 -14.68 -18.65 -8.26
CA LEU A 151 -13.89 -19.63 -8.99
C LEU A 151 -12.61 -19.93 -8.21
N SER A 152 -12.19 -21.19 -8.22
CA SER A 152 -10.90 -21.56 -7.65
C SER A 152 -9.78 -20.85 -8.41
N HIS A 153 -8.57 -20.95 -7.88
CA HIS A 153 -7.43 -20.28 -8.50
C HIS A 153 -7.23 -20.72 -9.93
N ALA A 154 -7.36 -22.03 -10.16
CA ALA A 154 -7.15 -22.58 -11.49
C ALA A 154 -8.28 -22.20 -12.44
N ALA A 155 -9.53 -22.33 -11.97
CA ALA A 155 -10.69 -22.05 -12.81
C ALA A 155 -10.70 -20.58 -13.17
N ASN A 156 -10.35 -19.75 -12.20
CA ASN A 156 -10.33 -18.32 -12.41
C ASN A 156 -9.27 -17.94 -13.41
N PHE A 157 -8.11 -18.59 -13.29
CA PHE A 157 -7.03 -18.35 -14.23
C PHE A 157 -7.49 -18.57 -15.65
N LEU A 158 -8.10 -19.72 -15.89
CA LEU A 158 -8.55 -20.06 -17.23
C LEU A 158 -9.55 -19.00 -17.66
N TYR A 159 -10.45 -18.67 -16.75
CA TYR A 159 -11.50 -17.70 -16.99
C TYR A 159 -10.95 -16.34 -17.41
N MET A 160 -10.02 -15.82 -16.62
CA MET A 160 -9.43 -14.51 -16.92
C MET A 160 -8.63 -14.56 -18.21
N ALA A 161 -8.01 -15.70 -18.48
CA ALA A 161 -7.14 -15.86 -19.64
C ALA A 161 -7.93 -16.03 -20.93
N ASN A 162 -9.01 -16.82 -20.86
CA ASN A 162 -9.73 -17.21 -22.07
C ASN A 162 -10.99 -16.38 -22.29
N GLY A 163 -11.47 -15.75 -21.23
CA GLY A 163 -12.64 -14.90 -21.36
C GLY A 163 -13.94 -15.66 -21.17
N VAL A 164 -13.82 -16.94 -20.83
CA VAL A 164 -14.99 -17.76 -20.59
C VAL A 164 -14.71 -18.70 -19.44
N GLU A 165 -15.72 -18.92 -18.59
CA GLU A 165 -15.57 -19.82 -17.45
C GLU A 165 -15.31 -21.24 -17.93
N PRO A 166 -14.26 -21.88 -17.40
CA PRO A 166 -13.88 -23.23 -17.83
C PRO A 166 -14.78 -24.31 -17.26
N SER A 167 -14.95 -25.39 -18.01
CA SER A 167 -15.67 -26.55 -17.54
C SER A 167 -14.93 -27.12 -16.33
N PRO A 168 -15.63 -27.86 -15.45
CA PRO A 168 -14.97 -28.44 -14.29
C PRO A 168 -13.78 -29.28 -14.70
N GLU A 169 -13.90 -29.96 -15.84
CA GLU A 169 -12.82 -30.79 -16.34
C GLU A 169 -11.57 -29.96 -16.64
N GLN A 170 -11.74 -28.87 -17.39
CA GLN A 170 -10.64 -27.99 -17.72
C GLN A 170 -10.00 -27.40 -16.47
N ALA A 171 -10.83 -26.97 -15.52
CA ALA A 171 -10.35 -26.40 -14.28
C ALA A 171 -9.50 -27.43 -13.53
N ARG A 172 -9.95 -28.67 -13.56
CA ARG A 172 -9.26 -29.76 -12.88
C ARG A 172 -7.90 -30.01 -13.55
N LEU A 173 -7.86 -29.96 -14.87
CA LEU A 173 -6.60 -30.07 -15.59
C LEU A 173 -5.62 -28.99 -15.18
N MET A 174 -6.08 -27.74 -15.17
CA MET A 174 -5.22 -26.61 -14.83
C MET A 174 -4.73 -26.78 -13.39
N ASP A 175 -5.67 -27.05 -12.50
CA ASP A 175 -5.37 -27.22 -11.08
C ASP A 175 -4.26 -28.25 -10.91
N ALA A 176 -4.43 -29.39 -11.58
CA ALA A 176 -3.43 -30.45 -11.54
C ALA A 176 -2.10 -29.97 -12.13
N ALA A 177 -2.16 -29.22 -13.22
CA ALA A 177 -0.95 -28.70 -13.83
C ALA A 177 -0.21 -27.73 -12.89
N LEU A 178 -0.96 -26.87 -12.21
CA LEU A 178 -0.34 -25.93 -11.27
C LEU A 178 0.32 -26.67 -10.12
N ILE A 179 -0.39 -27.65 -9.58
CA ILE A 179 0.16 -28.44 -8.49
C ILE A 179 1.49 -29.05 -8.92
N LEU A 180 1.52 -29.61 -10.12
CA LEU A 180 2.71 -30.29 -10.61
C LEU A 180 3.90 -29.35 -10.79
N HIS A 181 3.65 -28.08 -11.09
CA HIS A 181 4.76 -27.16 -11.32
C HIS A 181 5.01 -26.22 -10.15
N ALA A 182 4.28 -26.43 -9.07
CA ALA A 182 4.30 -25.49 -7.95
C ALA A 182 5.68 -25.44 -7.29
N GLU A 183 6.40 -26.56 -7.30
CA GLU A 183 7.60 -26.66 -6.51
C GLU A 183 8.54 -27.73 -7.05
N HIS A 184 9.85 -27.43 -7.08
CA HIS A 184 10.81 -28.46 -7.47
C HIS A 184 12.24 -28.17 -7.01
N GLY A 185 12.41 -28.02 -5.69
CA GLY A 185 13.74 -27.89 -5.13
C GLY A 185 14.43 -26.65 -5.63
N PHE A 186 15.75 -26.70 -5.70
CA PHE A 186 16.53 -25.53 -6.05
C PHE A 186 16.94 -25.49 -7.51
N ASN A 187 15.92 -25.58 -8.36
CA ASN A 187 16.05 -25.32 -9.78
C ASN A 187 16.50 -23.86 -9.96
N ALA A 188 16.84 -23.52 -11.20
CA ALA A 188 17.44 -22.23 -11.52
C ALA A 188 16.63 -21.04 -11.01
N SER A 189 15.32 -21.07 -11.21
CA SER A 189 14.50 -19.92 -10.84
C SER A 189 14.44 -19.79 -9.32
N THR A 190 14.25 -20.92 -8.64
CA THR A 190 14.17 -20.90 -7.19
C THR A 190 15.50 -20.50 -6.59
N PHE A 191 16.58 -21.11 -7.11
CA PHE A 191 17.92 -20.80 -6.63
C PHE A 191 18.24 -19.32 -6.83
N THR A 192 17.81 -18.77 -7.96
CA THR A 192 18.07 -17.38 -8.27
C THR A 192 17.26 -16.47 -7.33
N ALA A 193 16.05 -16.91 -6.99
CA ALA A 193 15.24 -16.17 -6.03
C ALA A 193 16.00 -16.08 -4.72
N ILE A 194 16.63 -17.18 -4.33
CA ILE A 194 17.31 -17.27 -3.05
C ILE A 194 18.59 -16.45 -3.09
N ALA A 195 19.35 -16.58 -4.18
CA ALA A 195 20.54 -15.78 -4.40
C ALA A 195 20.20 -14.32 -4.18
N ALA A 196 19.09 -13.87 -4.77
CA ALA A 196 18.67 -12.47 -4.59
C ALA A 196 18.28 -12.23 -3.14
N PHE A 197 17.33 -13.02 -2.64
CA PHE A 197 16.82 -12.84 -1.30
C PHE A 197 17.90 -12.92 -0.21
N SER A 198 18.99 -13.63 -0.49
CA SER A 198 20.07 -13.80 0.49
C SER A 198 20.77 -12.49 0.80
N THR A 199 20.55 -11.47 -0.02
CA THR A 199 21.10 -10.14 0.25
C THR A 199 20.15 -9.37 1.14
N GLU A 200 19.05 -10.03 1.52
CA GLU A 200 17.95 -9.41 2.25
C GLU A 200 17.25 -8.33 1.44
N THR A 201 17.24 -8.49 0.13
CA THR A 201 16.45 -7.61 -0.72
C THR A 201 14.97 -7.97 -0.54
N ASP A 202 14.09 -7.11 -1.04
CA ASP A 202 12.64 -7.31 -0.90
C ASP A 202 12.15 -8.51 -1.70
N LEU A 203 10.94 -8.97 -1.39
CA LEU A 203 10.36 -10.16 -2.00
C LEU A 203 10.20 -9.99 -3.51
N TYR A 204 9.79 -8.81 -3.93
CA TYR A 204 9.54 -8.56 -5.34
C TYR A 204 10.83 -8.64 -6.14
N SER A 205 11.89 -8.07 -5.58
CA SER A 205 13.21 -8.20 -6.19
C SER A 205 13.57 -9.67 -6.36
N ALA A 206 13.37 -10.46 -5.32
CA ALA A 206 13.70 -11.88 -5.35
C ALA A 206 12.84 -12.62 -6.38
N ILE A 207 11.55 -12.29 -6.43
CA ILE A 207 10.64 -12.92 -7.37
C ILE A 207 10.88 -12.43 -8.80
N THR A 208 11.22 -11.15 -8.94
CA THR A 208 11.55 -10.62 -10.25
C THR A 208 12.76 -11.39 -10.79
N ALA A 209 13.71 -11.68 -9.91
CA ALA A 209 14.90 -12.43 -10.28
C ALA A 209 14.52 -13.86 -10.65
N ALA A 210 13.63 -14.44 -9.84
CA ALA A 210 13.12 -15.77 -10.13
C ALA A 210 12.50 -15.79 -11.55
N VAL A 211 11.70 -14.80 -11.86
CA VAL A 211 11.05 -14.71 -13.15
C VAL A 211 12.06 -14.53 -14.27
N ALA A 212 13.08 -13.71 -14.02
CA ALA A 212 14.16 -13.50 -14.98
C ALA A 212 14.81 -14.84 -15.31
N SER A 213 15.09 -15.64 -14.29
CA SER A 213 15.66 -16.96 -14.51
C SER A 213 14.73 -17.85 -15.31
N LEU A 214 13.46 -17.87 -14.90
CA LEU A 214 12.51 -18.79 -15.50
C LEU A 214 12.32 -18.48 -16.97
N LYS A 215 12.46 -17.20 -17.32
CA LYS A 215 12.36 -16.79 -18.69
C LYS A 215 13.34 -17.51 -19.62
N GLY A 216 14.49 -17.89 -19.08
CA GLY A 216 15.48 -18.59 -19.88
C GLY A 216 14.93 -19.86 -20.48
N PRO A 217 15.31 -20.19 -21.73
CA PRO A 217 14.82 -21.39 -22.39
C PRO A 217 15.34 -22.68 -21.75
N ARG A 218 16.46 -22.58 -21.04
CA ARG A 218 17.05 -23.74 -20.40
C ARG A 218 16.30 -24.09 -19.12
N HIS A 219 15.34 -23.26 -18.75
CA HIS A 219 14.57 -23.50 -17.55
C HIS A 219 13.10 -23.19 -17.78
N GLY A 220 12.27 -24.22 -17.68
CA GLY A 220 10.83 -24.06 -17.85
C GLY A 220 10.42 -23.91 -19.30
N GLY A 221 11.40 -24.01 -20.20
CA GLY A 221 11.13 -23.76 -21.61
C GLY A 221 10.67 -24.96 -22.41
N ALA A 222 11.43 -26.05 -22.35
CA ALA A 222 11.20 -27.27 -23.11
C ALA A 222 9.76 -27.47 -23.57
N ASN A 223 8.82 -27.22 -22.65
CA ASN A 223 7.39 -27.15 -22.95
C ASN A 223 7.13 -26.78 -24.42
N GLU A 224 7.50 -25.56 -24.79
CA GLU A 224 7.32 -25.07 -26.15
C GLU A 224 8.08 -25.95 -27.14
N ALA A 225 9.31 -26.27 -26.78
CA ALA A 225 10.19 -27.03 -27.67
C ALA A 225 9.56 -28.38 -27.99
N VAL A 226 8.93 -29.01 -27.01
CA VAL A 226 8.24 -30.28 -27.26
C VAL A 226 7.14 -30.09 -28.29
N MET A 227 6.35 -29.03 -28.15
CA MET A 227 5.27 -28.77 -29.08
C MET A 227 5.81 -28.50 -30.48
N ARG A 228 6.92 -27.79 -30.55
CA ARG A 228 7.59 -27.55 -31.83
C ARG A 228 7.99 -28.91 -32.41
N MET A 229 8.66 -29.71 -31.59
CA MET A 229 9.01 -31.07 -31.98
C MET A 229 7.81 -31.83 -32.52
N ILE A 230 6.70 -31.81 -31.78
CA ILE A 230 5.50 -32.52 -32.20
C ILE A 230 5.04 -31.99 -33.56
N GLN A 231 5.12 -30.68 -33.74
CA GLN A 231 4.68 -30.05 -34.98
C GLN A 231 5.60 -30.42 -36.15
N GLU A 232 6.91 -30.43 -35.90
CA GLU A 232 7.87 -30.76 -36.94
C GLU A 232 7.78 -32.25 -37.28
N ILE A 233 7.30 -33.04 -36.33
CA ILE A 233 7.03 -34.44 -36.62
C ILE A 233 5.75 -34.55 -37.43
N GLY A 234 4.79 -33.69 -37.13
CA GLY A 234 3.61 -33.57 -37.98
C GLY A 234 2.53 -34.60 -37.78
N THR A 235 2.89 -35.89 -37.85
CA THR A 235 1.93 -36.97 -37.67
C THR A 235 2.64 -38.14 -36.98
N PRO A 236 1.87 -38.99 -36.27
CA PRO A 236 2.50 -40.12 -35.58
C PRO A 236 3.13 -41.12 -36.55
N GLU A 237 2.74 -41.04 -37.82
CA GLU A 237 3.24 -41.97 -38.82
C GLU A 237 4.74 -41.81 -39.03
N ARG A 238 5.25 -40.60 -38.87
CA ARG A 238 6.68 -40.37 -39.05
C ARG A 238 7.42 -40.12 -37.74
N ALA A 239 6.80 -40.45 -36.62
CA ALA A 239 7.42 -40.23 -35.31
C ALA A 239 8.68 -41.06 -35.10
N ARG A 240 8.56 -42.39 -35.21
CA ARG A 240 9.71 -43.26 -35.01
C ARG A 240 10.89 -42.89 -35.89
N GLU A 241 10.63 -42.70 -37.18
CA GLU A 241 11.68 -42.34 -38.11
C GLU A 241 12.33 -41.02 -37.69
N TRP A 242 11.49 -40.02 -37.39
CA TRP A 242 12.01 -38.73 -36.96
C TRP A 242 12.97 -38.91 -35.79
N VAL A 243 12.56 -39.72 -34.82
CA VAL A 243 13.35 -39.96 -33.62
C VAL A 243 14.70 -40.60 -33.95
N ARG A 244 14.67 -41.65 -34.78
CA ARG A 244 15.88 -42.33 -35.17
C ARG A 244 16.84 -41.37 -35.87
N GLU A 245 16.31 -40.51 -36.73
CA GLU A 245 17.14 -39.56 -37.46
C GLU A 245 17.64 -38.45 -36.56
N LYS A 246 16.80 -38.08 -35.60
CA LYS A 246 17.12 -36.98 -34.70
C LYS A 246 18.28 -37.37 -33.80
N LEU A 247 18.25 -38.61 -33.30
CA LEU A 247 19.33 -39.11 -32.46
C LEU A 247 20.60 -39.34 -33.28
N ALA A 248 20.44 -39.75 -34.53
CA ALA A 248 21.58 -39.94 -35.42
C ALA A 248 22.26 -38.61 -35.71
N LYS A 249 21.48 -37.53 -35.72
CA LYS A 249 22.06 -36.18 -35.86
C LYS A 249 22.72 -35.79 -34.54
N LYS A 250 22.63 -36.69 -33.56
CA LYS A 250 23.16 -36.41 -32.24
C LYS A 250 22.56 -35.12 -31.70
N GLU A 251 21.31 -34.86 -32.05
CA GLU A 251 20.59 -33.72 -31.49
C GLU A 251 19.66 -34.22 -30.40
N ARG A 252 19.37 -33.34 -29.44
CA ARG A 252 18.59 -33.75 -28.28
C ARG A 252 17.09 -33.89 -28.54
N ILE A 253 16.45 -34.78 -27.80
CA ILE A 253 15.01 -34.93 -27.87
C ILE A 253 14.33 -34.17 -26.73
N MET A 254 13.60 -33.13 -27.09
CA MET A 254 12.95 -32.25 -26.15
C MET A 254 11.97 -32.99 -25.24
N GLY A 255 11.96 -32.63 -23.97
CA GLY A 255 10.99 -33.22 -23.06
C GLY A 255 11.51 -34.47 -22.40
N MET A 256 12.77 -34.78 -22.66
CA MET A 256 13.42 -35.92 -22.02
C MET A 256 14.75 -35.51 -21.44
N GLY A 257 15.13 -36.15 -20.34
CA GLY A 257 16.36 -35.83 -19.68
C GLY A 257 16.11 -34.80 -18.61
N HIS A 258 16.91 -34.84 -17.55
CA HIS A 258 16.73 -33.94 -16.44
C HIS A 258 18.02 -33.87 -15.63
N ARG A 259 18.30 -32.72 -15.03
CA ARG A 259 19.50 -32.55 -14.23
C ARG A 259 19.51 -33.50 -13.04
N VAL A 260 18.35 -33.71 -12.44
CA VAL A 260 18.28 -34.55 -11.25
C VAL A 260 17.62 -35.90 -11.55
N TYR A 261 16.54 -35.88 -12.32
CA TYR A 261 15.82 -37.12 -12.61
C TYR A 261 16.58 -37.97 -13.63
N LYS A 262 17.05 -39.13 -13.20
CA LYS A 262 17.66 -40.11 -14.10
C LYS A 262 16.69 -41.26 -14.24
N ALA A 263 15.41 -40.95 -14.10
CA ALA A 263 14.34 -41.91 -14.30
C ALA A 263 13.17 -41.09 -14.81
N PHE A 264 12.04 -41.75 -15.04
CA PHE A 264 10.84 -41.06 -15.49
C PHE A 264 10.47 -39.97 -14.46
N ASP A 265 10.26 -38.74 -14.93
CA ASP A 265 9.82 -37.64 -14.07
C ASP A 265 8.45 -38.00 -13.49
N PRO A 266 8.32 -38.02 -12.16
CA PRO A 266 7.02 -38.39 -11.58
C PRO A 266 5.91 -37.41 -11.97
N ARG A 267 6.28 -36.18 -12.34
CA ARG A 267 5.30 -35.19 -12.78
C ARG A 267 4.88 -35.49 -14.23
N ALA A 268 5.83 -35.99 -15.01
CA ALA A 268 5.52 -36.50 -16.35
C ALA A 268 4.58 -37.69 -16.23
N GLY A 269 4.76 -38.47 -15.18
CA GLY A 269 3.88 -39.60 -14.96
C GLY A 269 2.43 -39.16 -14.78
N VAL A 270 2.22 -38.08 -14.06
CA VAL A 270 0.87 -37.59 -13.86
C VAL A 270 0.37 -36.93 -15.14
N LEU A 271 1.24 -36.15 -15.78
CA LEU A 271 0.85 -35.41 -16.97
C LEU A 271 0.53 -36.34 -18.14
N GLU A 272 1.17 -37.51 -18.17
CA GLU A 272 0.97 -38.48 -19.23
C GLU A 272 -0.48 -38.97 -19.23
N LYS A 273 -1.02 -39.19 -18.04
CA LYS A 273 -2.41 -39.59 -17.90
C LYS A 273 -3.35 -38.42 -18.26
N LEU A 274 -2.95 -37.21 -17.92
CA LEU A 274 -3.77 -36.04 -18.21
C LEU A 274 -3.76 -35.70 -19.69
N ALA A 275 -2.59 -35.83 -20.30
CA ALA A 275 -2.45 -35.63 -21.74
C ALA A 275 -3.32 -36.64 -22.49
N ARG A 276 -3.37 -37.88 -21.99
CA ARG A 276 -4.18 -38.89 -22.63
C ARG A 276 -5.67 -38.58 -22.49
N LEU A 277 -6.05 -37.98 -21.36
CA LEU A 277 -7.42 -37.54 -21.17
C LEU A 277 -7.83 -36.53 -22.24
N VAL A 278 -7.04 -35.47 -22.40
CA VAL A 278 -7.35 -34.46 -23.40
C VAL A 278 -7.26 -35.08 -24.80
N ALA A 279 -6.53 -36.19 -24.90
CA ALA A 279 -6.32 -36.87 -26.16
C ALA A 279 -7.51 -37.73 -26.58
N GLU A 280 -8.35 -38.11 -25.63
CA GLU A 280 -9.47 -38.99 -25.94
C GLU A 280 -10.77 -38.20 -26.10
N HIS A 284 -8.07 -34.26 -30.74
CA HIS A 284 -6.70 -34.34 -31.19
C HIS A 284 -5.87 -35.32 -30.37
N SER A 285 -5.86 -36.57 -30.79
CA SER A 285 -5.05 -37.60 -30.15
C SER A 285 -3.67 -37.64 -30.82
N LYS A 286 -3.55 -36.94 -31.95
CA LYS A 286 -2.31 -36.92 -32.71
C LYS A 286 -1.14 -36.50 -31.82
N GLU A 287 -1.21 -35.28 -31.30
CA GLU A 287 -0.23 -34.76 -30.35
C GLU A 287 0.23 -35.88 -29.42
N TYR A 288 -0.73 -36.47 -28.71
CA TYR A 288 -0.44 -37.51 -27.73
C TYR A 288 0.23 -38.73 -28.35
N GLN A 289 -0.35 -39.26 -29.43
CA GLN A 289 0.20 -40.46 -30.08
C GLN A 289 1.64 -40.26 -30.57
N ILE A 290 1.94 -39.09 -31.11
CA ILE A 290 3.31 -38.77 -31.51
C ILE A 290 4.22 -38.82 -30.29
N LEU A 291 3.73 -38.27 -29.19
CA LEU A 291 4.49 -38.22 -27.95
C LEU A 291 4.78 -39.62 -27.39
N LYS A 292 3.79 -40.52 -27.47
CA LYS A 292 3.96 -41.85 -26.91
C LYS A 292 4.95 -42.65 -27.75
N ILE A 293 4.92 -42.40 -29.06
CA ILE A 293 5.84 -43.05 -29.97
C ILE A 293 7.26 -42.53 -29.76
N VAL A 294 7.40 -41.21 -29.61
CA VAL A 294 8.70 -40.63 -29.29
C VAL A 294 9.22 -41.21 -27.97
N GLU A 295 8.37 -41.20 -26.94
CA GLU A 295 8.71 -41.76 -25.64
C GLU A 295 9.30 -43.16 -25.78
N GLU A 296 8.68 -43.96 -26.64
CA GLU A 296 9.04 -45.36 -26.76
C GLU A 296 10.31 -45.54 -27.58
N GLU A 297 10.32 -45.00 -28.79
CA GLU A 297 11.46 -45.15 -29.70
C GLU A 297 12.70 -44.46 -29.17
N ALA A 298 12.54 -43.26 -28.64
CA ALA A 298 13.67 -42.51 -28.09
C ALA A 298 14.07 -43.09 -26.74
N GLY A 299 13.10 -43.67 -26.04
CA GLY A 299 13.37 -44.20 -24.71
C GLY A 299 14.16 -45.50 -24.73
N LYS A 300 13.92 -46.32 -25.74
CA LYS A 300 14.66 -47.57 -25.88
C LYS A 300 16.17 -47.27 -25.96
N VAL A 301 16.49 -46.04 -26.37
CA VAL A 301 17.87 -45.62 -26.49
C VAL A 301 18.31 -44.77 -25.31
N LEU A 302 17.40 -43.92 -24.83
CA LEU A 302 17.78 -42.92 -23.85
C LEU A 302 17.57 -43.39 -22.41
N ASN A 303 16.53 -44.18 -22.17
CA ASN A 303 16.23 -44.66 -20.82
C ASN A 303 17.44 -45.33 -20.17
N PRO A 304 18.14 -46.23 -20.89
CA PRO A 304 19.31 -46.87 -20.32
C PRO A 304 20.41 -45.87 -19.93
N ARG A 305 20.43 -44.72 -20.59
CA ARG A 305 21.38 -43.67 -20.24
C ARG A 305 20.81 -42.79 -19.13
N GLY A 306 19.70 -43.22 -18.56
CA GLY A 306 19.13 -42.51 -17.44
C GLY A 306 18.33 -41.30 -17.84
N ILE A 307 17.97 -41.21 -19.12
CA ILE A 307 17.15 -40.09 -19.57
C ILE A 307 15.75 -40.51 -19.98
N TYR A 308 14.77 -39.90 -19.33
CA TYR A 308 13.37 -40.25 -19.53
C TYR A 308 12.57 -38.97 -19.75
N PRO A 309 11.31 -39.10 -20.19
CA PRO A 309 10.51 -37.87 -20.32
C PRO A 309 10.43 -37.10 -19.00
N ASN A 310 10.49 -35.78 -19.10
CA ASN A 310 10.36 -34.90 -17.96
C ASN A 310 9.01 -34.19 -18.02
N VAL A 311 8.74 -33.36 -17.02
CA VAL A 311 7.44 -32.69 -16.91
C VAL A 311 7.07 -31.95 -18.20
N ASP A 312 8.07 -31.53 -18.96
CA ASP A 312 7.84 -30.72 -20.16
C ASP A 312 7.38 -31.52 -21.37
N PHE A 313 7.48 -32.84 -21.26
CA PHE A 313 7.15 -33.73 -22.37
C PHE A 313 5.65 -33.67 -22.68
N TYR A 314 4.83 -33.67 -21.63
CA TYR A 314 3.39 -33.78 -21.80
C TYR A 314 2.62 -32.49 -21.53
N SER A 315 3.24 -31.56 -20.83
CA SER A 315 2.53 -30.38 -20.34
C SER A 315 2.03 -29.52 -21.49
N GLY A 316 2.84 -29.38 -22.54
CA GLY A 316 2.45 -28.57 -23.68
C GLY A 316 1.11 -29.00 -24.24
N VAL A 317 0.93 -30.29 -24.40
CA VAL A 317 -0.33 -30.84 -24.89
C VAL A 317 -1.47 -30.40 -23.99
N VAL A 318 -1.22 -30.38 -22.67
CA VAL A 318 -2.23 -29.98 -21.72
C VAL A 318 -2.54 -28.50 -21.84
N TYR A 319 -1.50 -27.67 -21.93
CA TYR A 319 -1.70 -26.24 -21.96
C TYR A 319 -2.37 -25.72 -23.22
N SER A 320 -1.95 -26.22 -24.39
CA SER A 320 -2.55 -25.74 -25.62
C SER A 320 -4.01 -26.16 -25.67
N ASP A 321 -4.32 -27.34 -25.16
CA ASP A 321 -5.71 -27.76 -25.01
C ASP A 321 -6.48 -26.80 -24.10
N LEU A 322 -5.81 -26.21 -23.13
CA LEU A 322 -6.46 -25.26 -22.23
C LEU A 322 -6.51 -23.89 -22.87
N GLY A 323 -5.97 -23.78 -24.07
CA GLY A 323 -6.15 -22.57 -24.87
C GLY A 323 -4.94 -21.66 -24.93
N PHE A 324 -3.80 -22.12 -24.40
CA PHE A 324 -2.60 -21.29 -24.31
C PHE A 324 -1.63 -21.57 -25.44
N SER A 325 -1.19 -20.51 -26.12
CA SER A 325 -0.17 -20.64 -27.15
C SER A 325 1.16 -20.94 -26.48
N LEU A 326 2.14 -21.38 -27.26
CA LEU A 326 3.41 -21.81 -26.71
C LEU A 326 4.06 -20.77 -25.81
N GLU A 327 3.94 -19.50 -26.19
CA GLU A 327 4.71 -18.46 -25.53
C GLU A 327 4.17 -18.18 -24.13
N PHE A 328 3.01 -18.74 -23.82
CA PHE A 328 2.46 -18.59 -22.49
C PHE A 328 2.75 -19.79 -21.60
N PHE A 329 3.42 -20.79 -22.17
CA PHE A 329 3.78 -21.97 -21.41
C PHE A 329 4.62 -21.61 -20.20
N THR A 330 5.68 -20.83 -20.39
CA THR A 330 6.54 -20.50 -19.27
C THR A 330 5.83 -19.63 -18.23
N PRO A 331 5.00 -18.67 -18.68
CA PRO A 331 4.22 -17.86 -17.73
C PRO A 331 3.34 -18.74 -16.84
N ILE A 332 2.63 -19.68 -17.46
CA ILE A 332 1.80 -20.62 -16.73
C ILE A 332 2.64 -21.37 -15.69
N PHE A 333 3.87 -21.70 -16.08
CA PHE A 333 4.82 -22.32 -15.17
C PHE A 333 5.02 -21.40 -13.96
N ALA A 334 5.21 -20.11 -14.24
CA ALA A 334 5.39 -19.12 -13.18
C ALA A 334 4.15 -18.97 -12.29
N VAL A 335 2.98 -19.09 -12.91
CA VAL A 335 1.73 -19.01 -12.18
C VAL A 335 1.67 -20.04 -11.07
N ALA A 336 2.37 -21.16 -11.26
CA ALA A 336 2.38 -22.23 -10.26
C ALA A 336 3.61 -22.15 -9.35
N ARG A 337 4.76 -21.88 -9.96
CA ARG A 337 6.02 -21.95 -9.24
C ARG A 337 6.15 -20.83 -8.22
N ILE A 338 5.40 -19.76 -8.41
CA ILE A 338 5.43 -18.65 -7.47
C ILE A 338 5.13 -19.14 -6.05
N SER A 339 4.29 -20.16 -5.93
CA SER A 339 4.02 -20.77 -4.63
C SER A 339 5.27 -21.36 -4.01
N GLY A 340 6.04 -22.09 -4.81
CA GLY A 340 7.28 -22.67 -4.34
C GLY A 340 8.34 -21.62 -4.09
N TRP A 341 8.43 -20.62 -4.96
CA TRP A 341 9.38 -19.53 -4.76
C TRP A 341 9.13 -18.86 -3.42
N VAL A 342 7.87 -18.51 -3.16
CA VAL A 342 7.53 -17.91 -1.89
C VAL A 342 7.87 -18.85 -0.74
N GLY A 343 7.45 -20.11 -0.86
CA GLY A 343 7.74 -21.09 0.17
C GLY A 343 9.23 -21.25 0.45
N HIS A 344 10.03 -21.22 -0.61
CA HIS A 344 11.46 -21.34 -0.47
C HIS A 344 12.08 -20.14 0.21
N ILE A 345 11.57 -18.95 -0.10
CA ILE A 345 12.08 -17.74 0.52
C ILE A 345 11.75 -17.74 2.02
N LEU A 346 10.55 -18.19 2.37
CA LEU A 346 10.17 -18.34 3.78
C LEU A 346 11.07 -19.36 4.47
N GLU A 347 11.34 -20.47 3.80
CA GLU A 347 12.14 -21.52 4.40
C GLU A 347 13.59 -21.08 4.54
N TYR A 348 14.13 -20.53 3.46
CA TYR A 348 15.52 -20.10 3.47
C TYR A 348 15.77 -19.13 4.61
N GLN A 349 14.87 -18.17 4.77
CA GLN A 349 14.96 -17.22 5.88
C GLN A 349 14.94 -17.97 7.20
N GLU A 350 14.05 -18.94 7.30
CA GLU A 350 13.89 -19.68 8.54
C GLU A 350 15.12 -20.53 8.86
N LEU A 351 15.61 -21.26 7.87
CA LEU A 351 16.60 -22.32 8.10
C LEU A 351 18.04 -21.93 7.85
N ASP A 352 18.27 -20.89 7.04
CA ASP A 352 19.64 -20.60 6.64
C ASP A 352 19.88 -19.09 6.58
N ASN A 353 19.35 -18.44 5.55
CA ASN A 353 19.34 -16.99 5.49
C ASN A 353 20.74 -16.42 5.32
N ARG A 354 21.63 -17.16 4.69
CA ARG A 354 23.01 -16.68 4.53
C ARG A 354 23.23 -16.09 3.14
N LEU A 355 24.01 -15.02 3.07
CA LEU A 355 24.35 -14.41 1.79
C LEU A 355 24.93 -15.47 0.86
N LEU A 356 24.41 -15.57 -0.35
CA LEU A 356 25.04 -16.42 -1.34
C LEU A 356 26.13 -15.62 -2.04
N ARG A 357 27.37 -16.00 -1.79
CA ARG A 357 28.50 -15.29 -2.34
C ARG A 357 29.60 -16.29 -2.60
N PRO A 358 29.62 -16.87 -3.81
CA PRO A 358 30.64 -17.86 -4.16
C PRO A 358 31.90 -17.20 -4.68
N GLY A 359 32.79 -18.02 -5.24
CA GLY A 359 33.97 -17.47 -5.89
C GLY A 359 34.16 -18.17 -7.20
N ALA A 360 35.17 -17.76 -7.95
CA ALA A 360 35.54 -18.45 -9.18
C ALA A 360 37.02 -18.79 -9.11
N LYS A 361 37.41 -19.86 -9.80
CA LYS A 361 38.82 -20.15 -9.97
C LYS A 361 39.37 -19.07 -10.88
N TYR A 362 40.42 -18.39 -10.41
CA TYR A 362 40.95 -17.28 -11.18
C TYR A 362 42.00 -17.76 -12.18
N VAL A 363 41.73 -17.53 -13.46
CA VAL A 363 42.65 -17.94 -14.52
C VAL A 363 43.11 -16.71 -15.32
N GLY A 364 43.11 -15.56 -14.65
CA GLY A 364 43.52 -14.33 -15.31
C GLY A 364 44.95 -13.96 -15.00
N GLU A 365 45.29 -12.69 -15.21
CA GLU A 365 46.63 -12.18 -14.98
C GLU A 365 46.69 -11.44 -13.65
N LEU A 366 47.89 -11.31 -13.10
CA LEU A 366 48.07 -10.53 -11.89
C LEU A 366 49.13 -9.46 -12.10
N ASP A 367 48.98 -8.35 -11.38
CA ASP A 367 49.95 -7.27 -11.45
C ASP A 367 50.20 -6.82 -12.88
N VAL A 368 49.12 -6.59 -13.62
CA VAL A 368 49.22 -5.97 -14.94
C VAL A 368 49.44 -4.48 -14.72
N PRO A 369 50.46 -3.89 -15.37
CA PRO A 369 50.72 -2.46 -15.18
C PRO A 369 49.66 -1.63 -15.87
N TYR A 370 49.36 -0.47 -15.29
CA TYR A 370 48.52 0.48 -15.99
C TYR A 370 49.39 1.25 -16.99
N VAL A 371 49.42 0.76 -18.22
CA VAL A 371 50.19 1.39 -19.26
C VAL A 371 49.55 2.71 -19.68
N PRO A 372 50.35 3.76 -19.83
CA PRO A 372 49.81 5.06 -20.27
C PRO A 372 49.08 4.95 -21.61
N LEU A 373 48.02 5.74 -21.77
CA LEU A 373 47.26 5.72 -23.01
C LEU A 373 48.19 5.94 -24.20
N GLU A 374 49.09 6.90 -24.08
CA GLU A 374 49.99 7.27 -25.17
C GLU A 374 50.92 6.15 -25.58
N ALA A 375 51.11 5.17 -24.70
CA ALA A 375 52.12 4.12 -24.90
C ALA A 375 51.51 2.78 -25.29
N ARG A 376 50.19 2.72 -25.38
CA ARG A 376 49.49 1.48 -25.69
C ARG A 376 49.48 1.22 -27.20
N VAL B 3 27.64 -29.26 3.62
CA VAL B 3 26.73 -28.20 3.08
C VAL B 3 27.46 -26.87 2.93
N ALA B 4 27.66 -26.44 1.69
CA ALA B 4 28.34 -25.18 1.41
C ALA B 4 27.42 -23.99 1.68
N ARG B 5 27.16 -23.75 2.95
CA ARG B 5 26.26 -22.67 3.34
C ARG B 5 26.76 -21.33 2.81
N GLY B 6 25.85 -20.55 2.24
CA GLY B 6 26.23 -19.28 1.64
C GLY B 6 27.12 -19.43 0.42
N LEU B 7 27.25 -20.66 -0.07
CA LEU B 7 28.19 -20.98 -1.14
C LEU B 7 29.61 -20.50 -0.84
N GLU B 8 29.92 -20.35 0.45
CA GLU B 8 31.25 -19.90 0.82
C GLU B 8 32.31 -20.92 0.40
N GLY B 9 33.35 -20.45 -0.28
CA GLY B 9 34.42 -21.33 -0.68
C GLY B 9 34.11 -22.15 -1.93
N VAL B 10 32.90 -22.00 -2.45
CA VAL B 10 32.52 -22.69 -3.68
C VAL B 10 32.98 -21.90 -4.90
N LEU B 11 33.90 -22.49 -5.66
CA LEU B 11 34.33 -21.89 -6.92
C LEU B 11 33.54 -22.59 -8.01
N PHE B 12 32.59 -21.90 -8.62
CA PHE B 12 31.66 -22.57 -9.52
C PHE B 12 32.05 -22.39 -10.97
N THR B 13 33.01 -21.51 -11.21
CA THR B 13 33.43 -21.23 -12.57
C THR B 13 34.84 -20.65 -12.59
N GLU B 14 35.37 -20.40 -13.78
CA GLU B 14 36.69 -19.78 -13.94
C GLU B 14 36.49 -18.35 -14.43
N SER B 15 37.35 -17.44 -14.00
CA SER B 15 37.25 -16.06 -14.43
C SER B 15 38.61 -15.43 -14.59
N ARG B 16 38.70 -14.44 -15.48
CA ARG B 16 39.92 -13.67 -15.67
C ARG B 16 39.72 -12.23 -15.20
N MET B 17 38.48 -11.89 -14.87
CA MET B 17 38.10 -10.49 -14.68
C MET B 17 38.57 -9.87 -13.39
N CYS B 18 38.35 -10.58 -12.29
CA CYS B 18 38.56 -9.97 -10.99
C CYS B 18 39.31 -10.90 -10.06
N TYR B 19 40.46 -10.45 -9.59
CA TYR B 19 41.17 -11.19 -8.58
C TYR B 19 41.02 -10.46 -7.26
N ILE B 20 40.48 -11.14 -6.27
CA ILE B 20 40.35 -10.55 -4.96
C ILE B 20 41.24 -11.35 -4.02
N ASP B 21 42.20 -10.68 -3.39
CA ASP B 21 42.97 -11.30 -2.32
C ASP B 21 42.36 -10.83 -1.00
N GLY B 22 41.59 -11.71 -0.38
CA GLY B 22 40.85 -11.31 0.80
C GLY B 22 41.72 -11.17 2.03
N GLN B 23 42.84 -11.89 2.04
CA GLN B 23 43.74 -11.85 3.18
C GLN B 23 44.62 -10.63 3.19
N GLN B 24 45.19 -10.28 2.04
CA GLN B 24 46.10 -9.15 1.96
C GLN B 24 45.35 -7.88 1.58
N GLY B 25 44.12 -8.04 1.09
CA GLY B 25 43.32 -6.88 0.74
C GLY B 25 43.70 -6.23 -0.58
N LYS B 26 43.85 -7.03 -1.61
CA LYS B 26 44.17 -6.52 -2.95
C LYS B 26 42.98 -6.76 -3.88
N LEU B 27 42.84 -5.88 -4.87
CA LEU B 27 41.82 -6.01 -5.89
C LEU B 27 42.37 -5.68 -7.26
N TYR B 28 42.10 -6.54 -8.25
CA TYR B 28 42.53 -6.27 -9.61
C TYR B 28 41.39 -6.43 -10.60
N TYR B 29 41.35 -5.54 -11.59
CA TYR B 29 40.44 -5.67 -12.71
C TYR B 29 41.26 -6.11 -13.90
N TYR B 30 41.04 -7.35 -14.35
CA TYR B 30 41.89 -7.97 -15.36
C TYR B 30 43.37 -7.74 -15.04
N GLY B 31 43.75 -8.01 -13.80
CA GLY B 31 45.14 -7.97 -13.43
C GLY B 31 45.66 -6.61 -12.98
N ILE B 32 44.94 -5.55 -13.31
CA ILE B 32 45.35 -4.20 -12.92
C ILE B 32 44.81 -3.84 -11.53
N PRO B 33 45.70 -3.41 -10.62
CA PRO B 33 45.27 -3.04 -9.27
C PRO B 33 44.22 -1.92 -9.31
N ILE B 34 43.23 -1.99 -8.43
CA ILE B 34 42.16 -1.01 -8.42
C ILE B 34 42.68 0.39 -8.07
N GLN B 35 43.69 0.45 -7.19
CA GLN B 35 44.27 1.74 -6.84
C GLN B 35 44.84 2.47 -8.04
N GLU B 36 45.46 1.72 -8.95
CA GLU B 36 45.95 2.31 -10.19
C GLU B 36 44.77 2.86 -10.98
N LEU B 37 43.76 2.01 -11.20
CA LEU B 37 42.59 2.41 -11.97
C LEU B 37 41.85 3.61 -11.38
N ALA B 38 41.66 3.60 -10.05
CA ALA B 38 40.92 4.68 -9.41
C ALA B 38 41.62 6.01 -9.64
N GLU B 39 42.95 5.99 -9.52
CA GLU B 39 43.74 7.20 -9.70
C GLU B 39 43.82 7.69 -11.13
N LYS B 40 44.04 6.78 -12.06
CA LYS B 40 44.43 7.15 -13.42
C LYS B 40 43.32 6.98 -14.45
N SER B 41 42.45 6.01 -14.24
CA SER B 41 41.49 5.65 -15.27
C SER B 41 40.25 6.52 -15.26
N SER B 42 39.29 6.17 -16.10
CA SER B 42 37.98 6.78 -16.10
C SER B 42 36.96 5.65 -16.07
N PHE B 43 35.69 5.99 -15.92
CA PHE B 43 34.67 4.96 -15.98
C PHE B 43 34.65 4.29 -17.36
N GLU B 44 34.74 5.10 -18.42
CA GLU B 44 34.75 4.53 -19.77
C GLU B 44 35.91 3.57 -19.97
N GLU B 45 37.09 3.96 -19.52
CA GLU B 45 38.27 3.16 -19.76
C GLU B 45 38.18 1.85 -18.98
N THR B 46 37.77 1.97 -17.73
CA THR B 46 37.64 0.80 -16.89
C THR B 46 36.50 -0.10 -17.40
N THR B 47 35.45 0.52 -17.96
CA THR B 47 34.38 -0.28 -18.59
C THR B 47 34.88 -1.03 -19.82
N PHE B 48 35.63 -0.34 -20.68
CA PHE B 48 36.27 -1.02 -21.80
C PHE B 48 37.10 -2.17 -21.27
N LEU B 49 37.94 -1.89 -20.29
CA LEU B 49 38.79 -2.94 -19.72
C LEU B 49 37.95 -4.14 -19.31
N LEU B 50 36.87 -3.88 -18.59
CA LEU B 50 36.04 -4.95 -18.05
C LEU B 50 35.28 -5.71 -19.14
N LEU B 51 34.95 -5.02 -20.22
CA LEU B 51 34.26 -5.66 -21.35
C LEU B 51 35.20 -6.31 -22.36
N HIS B 52 36.40 -5.76 -22.52
CA HIS B 52 37.26 -6.23 -23.59
C HIS B 52 38.44 -7.04 -23.07
N GLY B 53 38.79 -6.83 -21.81
CA GLY B 53 39.83 -7.63 -21.19
C GLY B 53 41.21 -7.02 -21.31
N ARG B 54 41.28 -5.79 -21.75
CA ARG B 54 42.55 -5.09 -21.89
C ARG B 54 42.26 -3.58 -21.95
N LEU B 55 43.28 -2.78 -21.66
CA LEU B 55 43.12 -1.34 -21.71
C LEU B 55 42.91 -0.90 -23.15
N PRO B 56 42.04 0.09 -23.36
CA PRO B 56 41.82 0.56 -24.73
C PRO B 56 43.00 1.41 -25.22
N ARG B 57 43.25 1.38 -26.52
CA ARG B 57 44.19 2.29 -27.14
C ARG B 57 43.49 3.64 -27.30
N ARG B 58 44.25 4.68 -27.64
CA ARG B 58 43.73 6.03 -27.70
C ARG B 58 42.43 6.13 -28.48
N GLN B 59 42.47 5.70 -29.73
CA GLN B 59 41.33 5.81 -30.63
C GLN B 59 40.18 4.93 -30.16
N GLU B 60 40.49 3.70 -29.76
CA GLU B 60 39.50 2.78 -29.20
C GLU B 60 38.71 3.41 -28.08
N LEU B 61 39.42 4.02 -27.12
CA LEU B 61 38.78 4.65 -25.99
C LEU B 61 37.89 5.81 -26.45
N GLU B 62 38.44 6.66 -27.32
CA GLU B 62 37.69 7.81 -27.83
C GLU B 62 36.38 7.36 -28.47
N GLU B 63 36.44 6.30 -29.27
CA GLU B 63 35.27 5.81 -29.99
C GLU B 63 34.31 5.06 -29.07
N PHE B 64 34.89 4.30 -28.15
CA PHE B 64 34.13 3.58 -27.14
C PHE B 64 33.34 4.55 -26.26
N SER B 65 33.95 5.68 -25.92
CA SER B 65 33.28 6.66 -25.09
C SER B 65 32.17 7.39 -25.83
N ALA B 66 32.42 7.74 -27.08
CA ALA B 66 31.41 8.38 -27.92
C ALA B 66 30.28 7.38 -28.12
N ALA B 67 30.65 6.10 -28.27
CA ALA B 67 29.65 5.05 -28.45
C ALA B 67 28.71 5.00 -27.26
N LEU B 68 29.26 4.84 -26.06
CA LEU B 68 28.46 4.86 -24.85
C LEU B 68 27.59 6.11 -24.77
N ALA B 69 28.20 7.27 -25.01
CA ALA B 69 27.51 8.55 -24.92
C ALA B 69 26.30 8.63 -25.84
N ARG B 70 26.45 8.07 -27.05
CA ARG B 70 25.36 8.06 -28.01
C ARG B 70 24.19 7.21 -27.51
N ARG B 71 24.45 6.39 -26.51
CA ARG B 71 23.44 5.43 -26.05
C ARG B 71 22.87 5.82 -24.69
N ARG B 72 23.20 7.02 -24.21
CA ARG B 72 22.75 7.45 -22.89
C ARG B 72 21.27 7.78 -22.77
N ALA B 73 20.68 8.26 -23.87
CA ALA B 73 19.31 8.76 -23.83
C ALA B 73 18.32 7.63 -23.63
N LEU B 74 17.29 7.89 -22.85
CA LEU B 74 16.23 6.92 -22.65
C LEU B 74 15.15 7.14 -23.70
N PRO B 75 14.48 6.05 -24.11
CA PRO B 75 13.40 6.20 -25.08
C PRO B 75 12.24 6.95 -24.45
N ALA B 76 11.50 7.71 -25.26
CA ALA B 76 10.36 8.49 -24.77
C ALA B 76 9.42 7.60 -23.97
N HIS B 77 9.17 6.40 -24.49
CA HIS B 77 8.20 5.51 -23.88
C HIS B 77 8.53 5.27 -22.41
N LEU B 78 9.80 4.93 -22.17
CA LEU B 78 10.26 4.68 -20.82
C LEU B 78 10.19 5.97 -19.99
N LEU B 79 10.57 7.10 -20.60
CA LEU B 79 10.53 8.37 -19.86
C LEU B 79 9.10 8.72 -19.53
N GLU B 80 8.20 8.41 -20.44
CA GLU B 80 6.76 8.61 -20.22
C GLU B 80 6.30 7.71 -19.07
N SER B 81 6.76 6.46 -19.06
CA SER B 81 6.43 5.53 -17.98
C SER B 81 6.88 6.01 -16.61
N PHE B 82 8.07 6.60 -16.54
CA PHE B 82 8.61 7.11 -15.30
C PHE B 82 7.64 8.05 -14.55
N LYS B 83 6.85 8.81 -15.31
CA LYS B 83 5.90 9.75 -14.74
C LYS B 83 4.95 9.12 -13.73
N ARG B 84 4.57 7.87 -13.97
CA ARG B 84 3.67 7.17 -13.06
C ARG B 84 4.37 6.19 -12.13
N TYR B 85 5.67 6.01 -12.30
CA TYR B 85 6.46 5.22 -11.34
C TYR B 85 6.30 5.85 -9.96
N PRO B 86 5.86 5.07 -8.96
CA PRO B 86 5.68 5.60 -7.60
C PRO B 86 6.94 6.31 -7.12
N VAL B 87 6.84 7.62 -6.99
CA VAL B 87 8.01 8.42 -6.68
C VAL B 87 8.51 8.15 -5.26
N SER B 88 7.66 7.59 -4.41
CA SER B 88 8.07 7.25 -3.06
C SER B 88 8.74 5.88 -3.00
N ALA B 89 8.75 5.17 -4.12
CA ALA B 89 9.32 3.83 -4.15
C ALA B 89 10.83 3.94 -4.04
N HIS B 90 11.46 2.90 -3.50
CA HIS B 90 12.90 2.89 -3.40
C HIS B 90 13.53 2.99 -4.79
N PRO B 91 14.56 3.83 -4.94
CA PRO B 91 15.27 4.01 -6.20
C PRO B 91 15.74 2.72 -6.86
N MET B 92 16.21 1.76 -6.08
CA MET B 92 16.55 0.46 -6.65
C MET B 92 15.35 -0.23 -7.27
N SER B 93 14.16 0.00 -6.73
CA SER B 93 12.96 -0.61 -7.29
C SER B 93 12.56 0.13 -8.53
N PHE B 94 12.82 1.44 -8.55
CA PHE B 94 12.65 2.26 -9.74
C PHE B 94 13.55 1.70 -10.83
N LEU B 95 14.84 1.63 -10.51
CA LEU B 95 15.84 1.13 -11.44
C LEU B 95 15.48 -0.27 -11.92
N ARG B 96 15.14 -1.14 -10.97
CA ARG B 96 14.77 -2.52 -11.29
C ARG B 96 13.65 -2.57 -12.33
N THR B 97 12.65 -1.73 -12.15
CA THR B 97 11.49 -1.70 -13.03
C THR B 97 11.85 -1.10 -14.38
N ALA B 98 12.67 -0.05 -14.36
CA ALA B 98 13.08 0.65 -15.57
C ALA B 98 13.85 -0.29 -16.49
N VAL B 99 14.75 -1.07 -15.92
CA VAL B 99 15.53 -2.01 -16.71
C VAL B 99 14.60 -3.08 -17.32
N SER B 100 13.70 -3.61 -16.49
CA SER B 100 12.73 -4.58 -16.99
C SER B 100 11.90 -3.99 -18.12
N GLU B 101 11.37 -2.79 -17.91
CA GLU B 101 10.53 -2.19 -18.94
C GLU B 101 11.38 -1.90 -20.17
N PHE B 102 12.56 -1.34 -19.96
CA PHE B 102 13.45 -1.08 -21.07
C PHE B 102 13.62 -2.36 -21.88
N GLY B 103 13.74 -3.49 -21.16
CA GLY B 103 13.83 -4.82 -21.76
C GLY B 103 12.66 -5.11 -22.64
N MET B 104 11.45 -4.73 -22.19
CA MET B 104 10.29 -4.93 -23.09
C MET B 104 10.39 -4.11 -24.36
N LEU B 105 11.00 -2.92 -24.30
CA LEU B 105 11.01 -2.07 -25.51
C LEU B 105 11.94 -2.54 -26.58
N ASP B 106 12.79 -3.52 -26.32
CA ASP B 106 13.80 -4.03 -27.23
C ASP B 106 13.18 -5.11 -28.12
N PRO B 107 13.00 -4.80 -29.40
CA PRO B 107 12.40 -5.77 -30.33
C PRO B 107 13.18 -7.08 -30.44
N THR B 108 14.48 -7.04 -30.12
CA THR B 108 15.27 -8.27 -30.08
C THR B 108 15.80 -8.55 -28.66
N GLU B 109 14.99 -8.22 -27.65
CA GLU B 109 15.34 -8.44 -26.25
C GLU B 109 16.01 -9.80 -26.00
N GLY B 110 15.46 -10.84 -26.61
CA GLY B 110 15.88 -12.19 -26.28
C GLY B 110 17.20 -12.61 -26.89
N ASP B 111 17.71 -11.80 -27.81
CA ASP B 111 18.95 -12.13 -28.51
C ASP B 111 20.10 -12.13 -27.52
N ILE B 112 20.79 -13.26 -27.38
CA ILE B 112 21.91 -13.35 -26.45
C ILE B 112 23.20 -13.81 -27.13
N SER B 113 23.29 -13.63 -28.44
CA SER B 113 24.55 -13.85 -29.12
C SER B 113 25.56 -12.92 -28.46
N ARG B 114 26.83 -13.29 -28.48
CA ARG B 114 27.86 -12.47 -27.85
C ARG B 114 27.74 -11.02 -28.32
N GLU B 115 27.55 -10.84 -29.62
CA GLU B 115 27.47 -9.49 -30.18
C GLU B 115 26.27 -8.70 -29.67
N ALA B 116 25.15 -9.38 -29.49
CA ALA B 116 23.94 -8.72 -29.00
C ALA B 116 24.07 -8.35 -27.52
N LEU B 117 24.63 -9.26 -26.74
CA LEU B 117 24.87 -9.00 -25.32
C LEU B 117 25.72 -7.77 -25.18
N TYR B 118 26.78 -7.71 -25.96
CA TYR B 118 27.69 -6.57 -25.93
C TYR B 118 26.95 -5.29 -26.32
N GLU B 119 26.23 -5.33 -27.43
CA GLU B 119 25.49 -4.15 -27.88
C GLU B 119 24.43 -3.73 -26.88
N LYS B 120 23.64 -4.69 -26.38
CA LYS B 120 22.61 -4.35 -25.40
C LYS B 120 23.25 -3.91 -24.09
N GLY B 121 24.42 -4.46 -23.79
CA GLY B 121 25.13 -4.08 -22.59
C GLY B 121 25.64 -2.66 -22.66
N LEU B 122 26.11 -2.25 -23.84
CA LEU B 122 26.57 -0.88 -24.00
C LEU B 122 25.41 0.08 -23.71
N ASP B 123 24.23 -0.27 -24.21
CA ASP B 123 23.04 0.52 -23.94
C ASP B 123 22.67 0.57 -22.48
N LEU B 124 22.77 -0.55 -21.77
CA LEU B 124 22.46 -0.56 -20.34
C LEU B 124 23.49 0.20 -19.54
N ILE B 125 24.76 0.01 -19.85
CA ILE B 125 25.83 0.66 -19.12
C ILE B 125 25.64 2.17 -19.26
N ALA B 126 25.41 2.60 -20.49
CA ALA B 126 25.19 4.01 -20.75
C ALA B 126 23.89 4.51 -20.10
N LYS B 127 22.82 3.74 -20.20
CA LYS B 127 21.51 4.24 -19.79
C LYS B 127 21.28 4.22 -18.28
N PHE B 128 22.04 3.42 -17.54
CA PHE B 128 21.78 3.31 -16.12
C PHE B 128 21.85 4.64 -15.40
N ALA B 129 22.84 5.45 -15.76
CA ALA B 129 23.04 6.76 -15.15
C ALA B 129 21.84 7.65 -15.42
N THR B 130 21.31 7.54 -16.61
CA THR B 130 20.22 8.39 -17.05
C THR B 130 18.98 8.00 -16.27
N ILE B 131 18.81 6.71 -16.04
CA ILE B 131 17.67 6.21 -15.30
C ILE B 131 17.73 6.68 -13.85
N VAL B 132 18.87 6.48 -13.22
CA VAL B 132 19.01 6.83 -11.81
C VAL B 132 18.85 8.33 -11.62
N ALA B 133 19.48 9.10 -12.50
CA ALA B 133 19.34 10.55 -12.48
C ALA B 133 17.89 10.97 -12.68
N ALA B 134 17.21 10.34 -13.65
CA ALA B 134 15.80 10.65 -13.89
C ALA B 134 14.98 10.42 -12.62
N ASN B 135 15.22 9.29 -11.97
CA ASN B 135 14.56 8.95 -10.73
C ASN B 135 14.78 10.05 -9.71
N LYS B 136 16.03 10.50 -9.60
CA LYS B 136 16.38 11.52 -8.61
C LYS B 136 15.68 12.85 -8.92
N ARG B 137 15.64 13.24 -10.19
CA ARG B 137 14.96 14.46 -10.59
C ARG B 137 13.48 14.37 -10.25
N LEU B 138 12.88 13.20 -10.53
CA LEU B 138 11.48 12.96 -10.23
C LEU B 138 11.17 12.98 -8.73
N LYS B 139 12.03 12.35 -7.93
CA LYS B 139 11.90 12.42 -6.47
C LYS B 139 11.87 13.88 -6.00
N GLU B 140 12.63 14.72 -6.68
CA GLU B 140 12.76 16.13 -6.30
C GLU B 140 11.65 16.99 -6.84
N GLY B 141 10.70 16.37 -7.56
CA GLY B 141 9.62 17.13 -8.14
C GLY B 141 10.10 17.93 -9.33
N LYS B 142 11.16 17.45 -9.97
CA LYS B 142 11.70 18.13 -11.16
C LYS B 142 11.69 17.20 -12.37
N GLU B 143 12.12 17.72 -13.52
CA GLU B 143 12.08 16.95 -14.75
C GLU B 143 13.40 16.23 -15.05
N PRO B 144 13.32 14.99 -15.55
CA PRO B 144 14.55 14.31 -15.97
C PRO B 144 15.27 15.17 -17.00
N ILE B 145 16.60 15.12 -16.97
CA ILE B 145 17.43 15.90 -17.87
C ILE B 145 18.06 14.98 -18.91
N PRO B 146 17.99 15.36 -20.20
CA PRO B 146 18.60 14.57 -21.27
C PRO B 146 20.13 14.51 -21.11
N PRO B 147 20.76 13.42 -21.55
CA PRO B 147 22.21 13.28 -21.46
C PRO B 147 22.91 14.40 -22.23
N ARG B 148 24.05 14.84 -21.73
CA ARG B 148 24.94 15.69 -22.51
C ARG B 148 26.09 14.84 -23.02
N GLU B 149 26.08 14.55 -24.31
CA GLU B 149 27.05 13.63 -24.88
C GLU B 149 28.49 14.14 -24.78
N ASP B 150 28.66 15.44 -24.60
CA ASP B 150 30.01 16.01 -24.53
C ASP B 150 30.70 15.74 -23.19
N LEU B 151 29.90 15.52 -22.14
CA LEU B 151 30.44 15.20 -20.82
C LEU B 151 30.82 13.73 -20.71
N SER B 152 31.80 13.43 -19.88
CA SER B 152 32.11 12.04 -19.54
C SER B 152 30.90 11.39 -18.88
N HIS B 153 30.90 10.07 -18.82
CA HIS B 153 29.82 9.36 -18.17
C HIS B 153 29.60 9.91 -16.76
N ALA B 154 30.68 10.07 -16.02
CA ALA B 154 30.59 10.53 -14.64
C ALA B 154 30.03 11.95 -14.57
N ALA B 155 30.62 12.84 -15.38
CA ALA B 155 30.24 14.24 -15.40
C ALA B 155 28.78 14.36 -15.84
N ASN B 156 28.40 13.55 -16.81
CA ASN B 156 27.03 13.58 -17.31
C ASN B 156 26.06 13.07 -16.26
N PHE B 157 26.46 12.05 -15.52
CA PHE B 157 25.61 11.50 -14.48
C PHE B 157 25.31 12.60 -13.46
N LEU B 158 26.36 13.31 -13.04
CA LEU B 158 26.17 14.40 -12.09
C LEU B 158 25.30 15.49 -12.68
N TYR B 159 25.55 15.81 -13.95
CA TYR B 159 24.78 16.84 -14.63
C TYR B 159 23.30 16.50 -14.69
N MET B 160 22.98 15.25 -15.03
CA MET B 160 21.58 14.83 -15.12
C MET B 160 20.95 14.71 -13.75
N ALA B 161 21.75 14.32 -12.75
CA ALA B 161 21.22 14.16 -11.40
C ALA B 161 20.99 15.50 -10.71
N ASN B 162 21.86 16.47 -10.97
CA ASN B 162 21.87 17.71 -10.21
C ASN B 162 21.37 18.90 -11.01
N GLY B 163 21.35 18.78 -12.33
CA GLY B 163 20.89 19.88 -13.15
C GLY B 163 21.97 20.88 -13.54
N VAL B 164 23.14 20.79 -12.93
CA VAL B 164 24.25 21.63 -13.35
C VAL B 164 25.46 20.76 -13.68
N GLU B 165 26.18 21.15 -14.72
CA GLU B 165 27.45 20.54 -15.03
C GLU B 165 28.37 20.57 -13.80
N PRO B 166 28.95 19.42 -13.45
CA PRO B 166 29.79 19.38 -12.26
C PRO B 166 31.14 20.05 -12.50
N SER B 167 31.76 20.52 -11.43
CA SER B 167 33.15 20.96 -11.48
C SER B 167 33.97 19.77 -11.95
N PRO B 168 35.16 20.02 -12.51
CA PRO B 168 36.00 18.87 -12.90
C PRO B 168 36.38 18.01 -11.72
N GLU B 169 36.64 18.61 -10.58
CA GLU B 169 36.85 17.87 -9.34
C GLU B 169 35.67 16.97 -9.00
N GLN B 170 34.47 17.48 -9.06
CA GLN B 170 33.26 16.71 -8.70
C GLN B 170 33.16 15.50 -9.63
N ALA B 171 33.37 15.77 -10.91
CA ALA B 171 33.31 14.72 -11.92
C ALA B 171 34.38 13.66 -11.66
N ARG B 172 35.57 14.10 -11.28
CA ARG B 172 36.67 13.18 -11.04
C ARG B 172 36.36 12.31 -9.83
N LEU B 173 35.69 12.89 -8.85
CA LEU B 173 35.31 12.17 -7.65
C LEU B 173 34.29 11.09 -8.03
N MET B 174 33.28 11.50 -8.80
CA MET B 174 32.26 10.55 -9.24
C MET B 174 32.91 9.48 -10.09
N ASP B 175 33.84 9.89 -10.95
CA ASP B 175 34.54 8.97 -11.83
C ASP B 175 35.30 7.93 -11.02
N ALA B 176 36.00 8.38 -9.98
CA ALA B 176 36.71 7.48 -9.07
C ALA B 176 35.76 6.48 -8.40
N ALA B 177 34.65 6.98 -7.86
CA ALA B 177 33.69 6.11 -7.18
C ALA B 177 33.13 5.05 -8.12
N LEU B 178 32.73 5.45 -9.32
CA LEU B 178 32.23 4.49 -10.31
C LEU B 178 33.26 3.38 -10.57
N ILE B 179 34.52 3.78 -10.71
CA ILE B 179 35.59 2.83 -11.01
C ILE B 179 35.74 1.83 -9.88
N LEU B 180 35.61 2.31 -8.64
CA LEU B 180 35.77 1.48 -7.46
C LEU B 180 34.66 0.46 -7.29
N HIS B 181 33.47 0.77 -7.81
CA HIS B 181 32.32 -0.11 -7.64
C HIS B 181 32.02 -0.90 -8.93
N ALA B 182 32.74 -0.58 -10.00
CA ALA B 182 32.45 -1.15 -11.31
C ALA B 182 32.41 -2.67 -11.33
N GLU B 183 33.29 -3.31 -10.57
CA GLU B 183 33.46 -4.74 -10.69
C GLU B 183 33.95 -5.34 -9.39
N HIS B 184 33.51 -6.56 -9.08
CA HIS B 184 34.06 -7.22 -7.90
C HIS B 184 33.78 -8.72 -7.80
N GLY B 185 34.12 -9.45 -8.85
CA GLY B 185 33.97 -10.89 -8.83
C GLY B 185 32.53 -11.36 -8.72
N PHE B 186 32.35 -12.50 -8.08
CA PHE B 186 31.04 -13.14 -7.97
C PHE B 186 30.36 -12.85 -6.65
N ASN B 187 30.23 -11.55 -6.40
CA ASN B 187 29.45 -11.05 -5.31
C ASN B 187 27.98 -11.39 -5.59
N ALA B 188 27.13 -11.18 -4.59
CA ALA B 188 25.74 -11.60 -4.66
C ALA B 188 25.03 -11.14 -5.93
N SER B 189 25.23 -9.90 -6.35
CA SER B 189 24.50 -9.36 -7.48
C SER B 189 25.06 -9.88 -8.79
N THR B 190 26.38 -9.95 -8.88
CA THR B 190 26.98 -10.51 -10.07
C THR B 190 26.59 -11.96 -10.17
N PHE B 191 26.63 -12.66 -9.05
CA PHE B 191 26.33 -14.08 -9.05
C PHE B 191 24.88 -14.31 -9.43
N THR B 192 23.99 -13.48 -8.90
CA THR B 192 22.58 -13.59 -9.21
C THR B 192 22.34 -13.39 -10.70
N ALA B 193 23.02 -12.42 -11.29
CA ALA B 193 22.90 -12.16 -12.71
C ALA B 193 23.34 -13.39 -13.51
N ILE B 194 24.44 -14.01 -13.09
CA ILE B 194 24.92 -15.22 -13.73
C ILE B 194 23.97 -16.39 -13.51
N ALA B 195 23.44 -16.53 -12.30
CA ALA B 195 22.45 -17.57 -12.03
C ALA B 195 21.31 -17.45 -13.04
N ALA B 196 20.79 -16.22 -13.19
CA ALA B 196 19.71 -15.98 -14.12
C ALA B 196 20.15 -16.23 -15.56
N PHE B 197 21.30 -15.66 -15.91
CA PHE B 197 21.80 -15.80 -17.27
C PHE B 197 22.09 -17.25 -17.62
N SER B 198 22.38 -18.07 -16.61
CA SER B 198 22.75 -19.47 -16.84
C SER B 198 21.58 -20.27 -17.42
N THR B 199 20.39 -19.67 -17.47
CA THR B 199 19.25 -20.32 -18.12
C THR B 199 19.13 -19.82 -19.57
N GLU B 200 20.13 -19.04 -19.98
CA GLU B 200 20.11 -18.38 -21.28
C GLU B 200 18.98 -17.36 -21.44
N THR B 201 18.57 -16.77 -20.31
CA THR B 201 17.59 -15.69 -20.35
C THR B 201 18.25 -14.45 -20.96
N ASP B 202 17.46 -13.42 -21.23
CA ASP B 202 17.98 -12.22 -21.88
C ASP B 202 18.78 -11.35 -20.91
N LEU B 203 19.56 -10.42 -21.46
CA LEU B 203 20.42 -9.57 -20.65
C LEU B 203 19.62 -8.76 -19.62
N TYR B 204 18.48 -8.23 -20.05
CA TYR B 204 17.68 -7.41 -19.17
C TYR B 204 17.20 -8.22 -17.95
N SER B 205 16.75 -9.43 -18.20
CA SER B 205 16.35 -10.32 -17.12
C SER B 205 17.52 -10.53 -16.15
N ALA B 206 18.69 -10.85 -16.69
CA ALA B 206 19.85 -11.07 -15.85
C ALA B 206 20.22 -9.80 -15.07
N ILE B 207 20.07 -8.64 -15.70
CA ILE B 207 20.46 -7.40 -15.04
C ILE B 207 19.39 -6.96 -14.05
N THR B 208 18.12 -7.18 -14.39
CA THR B 208 17.04 -6.87 -13.46
C THR B 208 17.28 -7.67 -12.19
N ALA B 209 17.71 -8.92 -12.37
CA ALA B 209 17.97 -9.82 -11.25
C ALA B 209 19.17 -9.32 -10.44
N ALA B 210 20.19 -8.85 -11.14
CA ALA B 210 21.38 -8.30 -10.52
C ALA B 210 21.01 -7.10 -9.66
N VAL B 211 20.24 -6.18 -10.24
CA VAL B 211 19.80 -5.00 -9.51
C VAL B 211 18.97 -5.42 -8.31
N ALA B 212 18.10 -6.40 -8.52
CA ALA B 212 17.28 -6.93 -7.44
C ALA B 212 18.19 -7.35 -6.30
N SER B 213 19.27 -8.06 -6.65
CA SER B 213 20.17 -8.61 -5.66
C SER B 213 20.97 -7.48 -5.00
N LEU B 214 21.51 -6.58 -5.81
CA LEU B 214 22.33 -5.48 -5.29
C LEU B 214 21.58 -4.67 -4.25
N LYS B 215 20.28 -4.60 -4.39
CA LYS B 215 19.44 -3.76 -3.54
C LYS B 215 19.53 -4.12 -2.07
N GLY B 216 19.79 -5.40 -1.79
CA GLY B 216 19.80 -5.89 -0.42
C GLY B 216 20.79 -5.19 0.49
N PRO B 217 20.41 -4.93 1.75
CA PRO B 217 21.32 -4.25 2.69
C PRO B 217 22.47 -5.12 3.17
N ARG B 218 22.37 -6.43 2.96
CA ARG B 218 23.54 -7.29 3.16
C ARG B 218 24.57 -7.06 2.08
N HIS B 219 24.10 -6.58 0.92
CA HIS B 219 24.94 -6.40 -0.25
C HIS B 219 25.06 -4.91 -0.52
N GLY B 220 24.73 -4.47 -1.73
CA GLY B 220 24.90 -3.08 -2.09
C GLY B 220 24.07 -2.10 -1.26
N GLY B 221 22.95 -2.58 -0.71
CA GLY B 221 22.14 -1.73 0.14
C GLY B 221 22.83 -1.29 1.43
N ALA B 222 23.94 -1.92 1.77
CA ALA B 222 24.71 -1.51 2.96
C ALA B 222 25.17 -0.06 2.82
N ASN B 223 25.30 0.37 1.57
CA ASN B 223 25.52 1.76 1.19
C ASN B 223 24.74 2.72 2.09
N GLU B 224 23.43 2.72 1.89
CA GLU B 224 22.56 3.68 2.55
C GLU B 224 22.39 3.31 4.01
N ALA B 225 22.53 2.02 4.31
CA ALA B 225 22.43 1.56 5.69
C ALA B 225 23.50 2.21 6.56
N VAL B 226 24.71 2.28 6.05
CA VAL B 226 25.79 2.95 6.77
C VAL B 226 25.43 4.40 7.02
N MET B 227 24.83 5.04 6.02
CA MET B 227 24.47 6.44 6.17
C MET B 227 23.35 6.56 7.19
N ARG B 228 22.46 5.57 7.18
CA ARG B 228 21.41 5.48 8.18
C ARG B 228 22.05 5.39 9.57
N MET B 229 23.08 4.55 9.67
CA MET B 229 23.85 4.38 10.89
C MET B 229 24.45 5.70 11.33
N ILE B 230 25.08 6.42 10.40
CA ILE B 230 25.70 7.69 10.73
C ILE B 230 24.65 8.64 11.29
N GLN B 231 23.52 8.76 10.60
CA GLN B 231 22.49 9.68 11.04
C GLN B 231 21.97 9.27 12.41
N GLU B 232 21.73 7.98 12.60
CA GLU B 232 21.22 7.50 13.88
C GLU B 232 22.18 7.87 15.00
N ILE B 233 23.47 7.74 14.72
CA ILE B 233 24.50 8.15 15.66
C ILE B 233 24.42 9.67 15.85
N GLY B 234 24.24 10.37 14.74
CA GLY B 234 24.09 11.81 14.80
C GLY B 234 25.42 12.53 14.94
N THR B 235 26.04 12.39 16.11
CA THR B 235 27.26 13.14 16.39
C THR B 235 28.41 12.20 16.71
N PRO B 236 29.64 12.61 16.35
CA PRO B 236 30.81 11.79 16.65
C PRO B 236 30.96 11.53 18.16
N GLU B 237 30.35 12.40 18.98
CA GLU B 237 30.36 12.24 20.43
C GLU B 237 29.54 11.03 20.89
N ARG B 238 28.58 10.60 20.08
CA ARG B 238 27.74 9.46 20.43
C ARG B 238 28.16 8.16 19.75
N ALA B 239 29.13 8.24 18.84
CA ALA B 239 29.53 7.08 18.04
C ALA B 239 30.03 5.90 18.85
N ARG B 240 30.96 6.13 19.77
CA ARG B 240 31.53 5.01 20.54
C ARG B 240 30.50 4.20 21.31
N GLU B 241 29.72 4.86 22.15
CA GLU B 241 28.71 4.18 22.94
C GLU B 241 27.69 3.54 22.00
N TRP B 242 27.42 4.18 20.88
CA TRP B 242 26.48 3.63 19.90
C TRP B 242 26.95 2.27 19.41
N VAL B 243 28.24 2.17 19.08
CA VAL B 243 28.81 0.93 18.61
C VAL B 243 28.83 -0.09 19.75
N ARG B 244 29.21 0.36 20.93
CA ARG B 244 29.26 -0.53 22.09
C ARG B 244 27.93 -1.22 22.26
N GLU B 245 26.84 -0.46 22.22
CA GLU B 245 25.52 -1.01 22.47
C GLU B 245 24.98 -1.74 21.25
N LYS B 246 25.44 -1.33 20.08
CA LYS B 246 25.06 -2.00 18.83
C LYS B 246 25.64 -3.40 18.85
N LEU B 247 26.90 -3.50 19.24
CA LEU B 247 27.59 -4.78 19.30
C LEU B 247 27.11 -5.60 20.48
N ALA B 248 26.72 -4.91 21.55
CA ALA B 248 26.19 -5.57 22.74
C ALA B 248 24.88 -6.31 22.45
N LYS B 249 23.97 -5.70 21.69
CA LYS B 249 22.77 -6.43 21.30
C LYS B 249 23.03 -7.30 20.08
N LYS B 250 24.29 -7.66 19.92
CA LYS B 250 24.71 -8.59 18.87
C LYS B 250 24.09 -8.31 17.51
N GLU B 251 24.02 -7.03 17.15
CA GLU B 251 23.62 -6.64 15.81
C GLU B 251 24.88 -6.30 15.01
N ARG B 252 24.72 -6.14 13.71
CA ARG B 252 25.86 -5.92 12.82
C ARG B 252 26.10 -4.46 12.51
N ILE B 253 27.37 -4.08 12.39
CA ILE B 253 27.72 -2.74 11.95
C ILE B 253 27.81 -2.72 10.44
N MET B 254 26.94 -1.94 9.80
CA MET B 254 26.89 -1.90 8.36
C MET B 254 28.19 -1.31 7.86
N GLY B 255 28.60 -1.74 6.67
CA GLY B 255 29.80 -1.21 6.04
C GLY B 255 31.06 -1.89 6.50
N MET B 256 30.91 -2.95 7.27
CA MET B 256 32.06 -3.75 7.69
C MET B 256 31.80 -5.21 7.42
N GLY B 257 32.87 -5.95 7.18
CA GLY B 257 32.70 -7.38 6.96
C GLY B 257 32.49 -7.66 5.49
N HIS B 258 32.86 -8.85 5.06
CA HIS B 258 32.88 -9.20 3.66
C HIS B 258 33.09 -10.69 3.57
N ARG B 259 32.42 -11.33 2.63
CA ARG B 259 32.61 -12.75 2.40
C ARG B 259 34.07 -13.06 2.09
N VAL B 260 34.73 -12.15 1.39
CA VAL B 260 36.07 -12.41 0.89
C VAL B 260 37.12 -11.62 1.65
N TYR B 261 36.95 -10.31 1.77
CA TYR B 261 37.93 -9.53 2.49
C TYR B 261 37.93 -9.86 3.98
N LYS B 262 39.06 -10.38 4.46
CA LYS B 262 39.30 -10.52 5.88
C LYS B 262 40.39 -9.52 6.21
N ALA B 263 40.21 -8.32 5.66
CA ALA B 263 41.16 -7.23 5.78
C ALA B 263 40.49 -5.97 5.25
N PHE B 264 41.09 -4.83 5.50
CA PHE B 264 40.57 -3.58 4.98
C PHE B 264 40.33 -3.70 3.48
N ASP B 265 39.13 -3.31 3.05
CA ASP B 265 38.73 -3.36 1.64
C ASP B 265 39.59 -2.34 0.86
N PRO B 266 40.39 -2.81 -0.12
CA PRO B 266 41.22 -1.87 -0.88
C PRO B 266 40.42 -0.72 -1.52
N ARG B 267 39.13 -0.94 -1.73
CA ARG B 267 38.27 0.11 -2.27
C ARG B 267 37.90 1.09 -1.17
N ALA B 268 37.59 0.57 0.01
CA ALA B 268 37.33 1.41 1.16
C ALA B 268 38.58 2.24 1.47
N GLY B 269 39.74 1.62 1.35
CA GLY B 269 40.99 2.34 1.53
C GLY B 269 41.04 3.60 0.68
N VAL B 270 40.77 3.45 -0.61
CA VAL B 270 40.72 4.58 -1.53
C VAL B 270 39.60 5.54 -1.13
N LEU B 271 38.40 5.00 -0.89
CA LEU B 271 37.26 5.84 -0.58
C LEU B 271 37.45 6.61 0.73
N GLU B 272 38.08 5.97 1.70
CA GLU B 272 38.39 6.61 2.97
C GLU B 272 39.18 7.89 2.71
N LYS B 273 40.12 7.83 1.76
CA LYS B 273 40.93 8.99 1.43
C LYS B 273 40.12 10.08 0.74
N LEU B 274 39.22 9.68 -0.17
CA LEU B 274 38.32 10.61 -0.81
C LEU B 274 37.32 11.20 0.17
N ALA B 275 36.85 10.36 1.09
CA ALA B 275 35.93 10.81 2.12
C ALA B 275 36.62 11.82 3.02
N ARG B 276 37.88 11.57 3.33
CA ARG B 276 38.66 12.46 4.19
C ARG B 276 38.80 13.83 3.52
N LEU B 277 39.00 13.82 2.20
CA LEU B 277 39.15 15.07 1.47
C LEU B 277 37.85 15.87 1.40
N VAL B 278 36.73 15.20 1.16
CA VAL B 278 35.44 15.88 1.21
C VAL B 278 35.15 16.40 2.63
N ALA B 279 35.54 15.63 3.64
CA ALA B 279 35.26 15.99 5.03
C ALA B 279 35.94 17.30 5.41
N GLU B 280 37.19 17.46 4.99
CA GLU B 280 37.93 18.67 5.26
C GLU B 280 37.41 19.80 4.39
N SER B 285 31.82 17.49 8.12
CA SER B 285 32.91 16.51 8.41
C SER B 285 32.51 15.56 9.54
N LYS B 286 31.34 15.79 10.12
CA LYS B 286 30.82 14.94 11.19
C LYS B 286 30.60 13.49 10.73
N GLU B 287 30.09 13.31 9.51
CA GLU B 287 29.80 11.96 9.01
C GLU B 287 31.10 11.17 9.00
N TYR B 288 32.14 11.77 8.43
CA TYR B 288 33.47 11.18 8.37
C TYR B 288 34.07 10.92 9.75
N GLN B 289 33.96 11.89 10.65
CA GLN B 289 34.43 11.70 12.01
C GLN B 289 33.70 10.53 12.66
N ILE B 290 32.39 10.46 12.44
CA ILE B 290 31.60 9.38 13.00
C ILE B 290 32.05 8.04 12.46
N LEU B 291 32.28 7.97 11.15
CA LEU B 291 32.77 6.75 10.52
C LEU B 291 34.10 6.30 11.10
N LYS B 292 35.05 7.22 11.26
CA LYS B 292 36.36 6.90 11.82
C LYS B 292 36.24 6.33 13.24
N ILE B 293 35.37 6.91 14.04
CA ILE B 293 35.13 6.38 15.38
C ILE B 293 34.51 4.99 15.33
N VAL B 294 33.50 4.82 14.48
CA VAL B 294 32.88 3.50 14.32
C VAL B 294 33.95 2.51 13.86
N GLU B 295 34.75 2.94 12.89
CA GLU B 295 35.84 2.14 12.39
C GLU B 295 36.77 1.71 13.51
N GLU B 296 37.17 2.67 14.33
CA GLU B 296 38.06 2.38 15.46
C GLU B 296 37.38 1.49 16.49
N GLU B 297 36.19 1.88 16.93
CA GLU B 297 35.53 1.21 18.04
C GLU B 297 35.00 -0.16 17.67
N ALA B 298 34.41 -0.28 16.49
CA ALA B 298 33.88 -1.56 16.07
C ALA B 298 35.07 -2.41 15.63
N GLY B 299 36.06 -1.76 15.02
CA GLY B 299 37.22 -2.48 14.56
C GLY B 299 37.90 -3.33 15.62
N LYS B 300 37.96 -2.84 16.85
CA LYS B 300 38.69 -3.54 17.89
C LYS B 300 38.05 -4.86 18.30
N VAL B 301 36.75 -5.02 18.03
CA VAL B 301 36.10 -6.30 18.26
C VAL B 301 35.96 -7.11 16.95
N LEU B 302 35.76 -6.42 15.84
CA LEU B 302 35.49 -7.10 14.58
C LEU B 302 36.74 -7.36 13.72
N ASN B 303 37.69 -6.43 13.73
CA ASN B 303 38.91 -6.63 12.94
C ASN B 303 39.56 -7.98 13.31
N PRO B 304 39.68 -8.27 14.61
CA PRO B 304 40.28 -9.56 14.98
C PRO B 304 39.49 -10.76 14.46
N ARG B 305 38.23 -10.54 14.08
CA ARG B 305 37.45 -11.58 13.43
C ARG B 305 37.53 -11.54 11.91
N GLY B 306 38.36 -10.64 11.37
CA GLY B 306 38.49 -10.55 9.93
C GLY B 306 37.41 -9.65 9.33
N ILE B 307 36.80 -8.85 10.19
CA ILE B 307 35.72 -7.97 9.79
C ILE B 307 36.22 -6.54 9.74
N TYR B 308 36.37 -6.00 8.52
CA TYR B 308 36.87 -4.63 8.36
C TYR B 308 35.92 -3.78 7.54
N PRO B 309 36.13 -2.45 7.52
CA PRO B 309 35.29 -1.62 6.67
C PRO B 309 35.33 -2.15 5.24
N ASN B 310 34.19 -2.16 4.57
CA ASN B 310 34.14 -2.55 3.18
C ASN B 310 33.80 -1.35 2.31
N VAL B 311 33.57 -1.58 1.03
CA VAL B 311 33.41 -0.51 0.06
C VAL B 311 32.24 0.40 0.44
N ASP B 312 31.26 -0.16 1.14
CA ASP B 312 30.06 0.59 1.50
C ASP B 312 30.25 1.55 2.67
N PHE B 313 31.37 1.42 3.37
CA PHE B 313 31.58 2.16 4.60
C PHE B 313 31.76 3.66 4.37
N TYR B 314 32.54 4.02 3.36
CA TYR B 314 32.91 5.41 3.11
C TYR B 314 32.25 5.99 1.87
N SER B 315 31.64 5.14 1.04
CA SER B 315 31.14 5.60 -0.24
C SER B 315 30.03 6.64 -0.06
N GLY B 316 29.18 6.45 0.93
CA GLY B 316 28.11 7.39 1.22
C GLY B 316 28.58 8.81 1.48
N VAL B 317 29.62 8.98 2.28
CA VAL B 317 30.20 10.29 2.49
C VAL B 317 30.52 10.92 1.14
N VAL B 318 31.05 10.10 0.24
CA VAL B 318 31.41 10.57 -1.08
C VAL B 318 30.19 10.93 -1.91
N TYR B 319 29.21 10.03 -1.98
CA TYR B 319 28.03 10.27 -2.80
C TYR B 319 27.28 11.47 -2.26
N SER B 320 27.25 11.61 -0.95
CA SER B 320 26.53 12.70 -0.33
C SER B 320 27.17 14.02 -0.76
N ASP B 321 28.49 14.05 -0.79
CA ASP B 321 29.20 15.23 -1.24
C ASP B 321 28.86 15.56 -2.68
N LEU B 322 28.52 14.55 -3.45
CA LEU B 322 28.26 14.74 -4.87
C LEU B 322 26.81 15.15 -5.12
N GLY B 323 26.04 15.28 -4.04
CA GLY B 323 24.69 15.78 -4.16
C GLY B 323 23.58 14.75 -3.99
N PHE B 324 23.93 13.55 -3.55
CA PHE B 324 22.93 12.49 -3.47
C PHE B 324 22.46 12.21 -2.07
N SER B 325 21.16 12.00 -1.91
CA SER B 325 20.62 11.57 -0.62
C SER B 325 20.84 10.07 -0.53
N LEU B 326 20.66 9.50 0.66
CA LEU B 326 21.14 8.17 0.94
C LEU B 326 20.43 7.07 0.14
N GLU B 327 19.16 7.30 -0.21
CA GLU B 327 18.40 6.28 -0.94
C GLU B 327 18.89 6.14 -2.38
N PHE B 328 19.86 6.96 -2.75
CA PHE B 328 20.42 6.85 -4.10
C PHE B 328 21.81 6.26 -4.08
N PHE B 329 22.29 5.93 -2.89
CA PHE B 329 23.64 5.42 -2.76
C PHE B 329 23.78 4.09 -3.48
N THR B 330 22.78 3.23 -3.35
CA THR B 330 22.90 1.93 -3.98
C THR B 330 22.70 2.05 -5.49
N PRO B 331 21.77 2.90 -5.94
CA PRO B 331 21.64 3.08 -7.39
C PRO B 331 22.95 3.58 -8.01
N ILE B 332 23.67 4.45 -7.31
CA ILE B 332 24.93 4.94 -7.84
C ILE B 332 25.88 3.77 -7.95
N PHE B 333 25.85 2.89 -6.97
CA PHE B 333 26.58 1.64 -7.01
C PHE B 333 26.25 0.90 -8.32
N ALA B 334 24.96 0.75 -8.61
CA ALA B 334 24.49 0.06 -9.80
C ALA B 334 24.95 0.74 -11.10
N VAL B 335 24.95 2.06 -11.10
CA VAL B 335 25.43 2.80 -12.26
C VAL B 335 26.84 2.38 -12.64
N ALA B 336 27.66 2.03 -11.65
CA ALA B 336 29.01 1.53 -11.90
C ALA B 336 29.01 0.03 -12.22
N ARG B 337 28.35 -0.75 -11.36
CA ARG B 337 28.48 -2.19 -11.36
C ARG B 337 27.91 -2.83 -12.62
N ILE B 338 27.05 -2.10 -13.32
CA ILE B 338 26.48 -2.58 -14.57
C ILE B 338 27.58 -2.96 -15.57
N SER B 339 28.66 -2.18 -15.60
CA SER B 339 29.80 -2.53 -16.44
C SER B 339 30.35 -3.89 -16.06
N GLY B 340 30.54 -4.11 -14.77
CA GLY B 340 31.03 -5.39 -14.31
C GLY B 340 30.04 -6.50 -14.58
N TRP B 341 28.75 -6.24 -14.40
CA TRP B 341 27.76 -7.27 -14.68
C TRP B 341 27.80 -7.68 -16.15
N VAL B 342 27.85 -6.69 -17.04
CA VAL B 342 27.85 -7.01 -18.46
C VAL B 342 29.11 -7.81 -18.79
N GLY B 343 30.23 -7.36 -18.25
CA GLY B 343 31.48 -8.07 -18.45
C GLY B 343 31.38 -9.51 -18.02
N HIS B 344 30.82 -9.74 -16.83
CA HIS B 344 30.71 -11.10 -16.34
C HIS B 344 29.79 -11.95 -17.18
N ILE B 345 28.69 -11.36 -17.64
CA ILE B 345 27.81 -12.10 -18.50
C ILE B 345 28.53 -12.49 -19.79
N LEU B 346 29.35 -11.58 -20.33
CA LEU B 346 30.08 -11.89 -21.56
C LEU B 346 31.11 -12.98 -21.29
N GLU B 347 31.81 -12.89 -20.17
CA GLU B 347 32.79 -13.91 -19.79
C GLU B 347 32.15 -15.26 -19.50
N TYR B 348 31.02 -15.25 -18.81
CA TYR B 348 30.41 -16.52 -18.41
C TYR B 348 29.99 -17.25 -19.67
N GLN B 349 29.41 -16.50 -20.60
CA GLN B 349 29.03 -17.08 -21.87
C GLN B 349 30.22 -17.74 -22.57
N GLU B 350 31.33 -17.01 -22.65
CA GLU B 350 32.52 -17.51 -23.32
C GLU B 350 33.13 -18.71 -22.61
N LEU B 351 33.34 -18.58 -21.31
CA LEU B 351 34.16 -19.54 -20.57
C LEU B 351 33.43 -20.73 -19.97
N ASP B 352 32.11 -20.65 -19.83
CA ASP B 352 31.41 -21.67 -19.06
C ASP B 352 30.00 -21.92 -19.57
N ASN B 353 29.12 -20.96 -19.32
CA ASN B 353 27.80 -20.95 -19.95
C ASN B 353 26.97 -22.18 -19.60
N ARG B 354 27.18 -22.73 -18.40
CA ARG B 354 26.38 -23.86 -17.92
C ARG B 354 25.26 -23.40 -16.98
N LEU B 355 24.08 -23.98 -17.16
CA LEU B 355 22.98 -23.75 -16.24
C LEU B 355 23.43 -24.06 -14.81
N LEU B 356 23.14 -23.16 -13.88
CA LEU B 356 23.43 -23.42 -12.47
C LEU B 356 22.21 -24.07 -11.84
N ARG B 357 22.39 -25.27 -11.29
CA ARG B 357 21.28 -25.99 -10.68
C ARG B 357 21.84 -26.75 -9.49
N PRO B 358 21.90 -26.09 -8.33
CA PRO B 358 22.46 -26.72 -7.13
C PRO B 358 21.43 -27.59 -6.42
N GLY B 359 21.80 -28.07 -5.24
CA GLY B 359 20.88 -28.88 -4.47
C GLY B 359 20.88 -28.47 -3.01
N ALA B 360 20.13 -29.18 -2.22
CA ALA B 360 20.28 -28.92 -0.77
C ALA B 360 20.49 -30.23 -0.03
N LYS B 361 20.68 -30.15 1.28
CA LYS B 361 20.63 -31.30 2.17
C LYS B 361 19.23 -31.39 2.77
N TYR B 362 18.44 -32.30 2.19
CA TYR B 362 17.05 -32.46 2.64
C TYR B 362 17.02 -32.89 4.14
N VAL B 363 16.27 -32.14 4.92
CA VAL B 363 16.10 -32.39 6.35
C VAL B 363 14.62 -32.50 6.68
N GLY B 364 13.80 -32.68 5.65
CA GLY B 364 12.37 -32.81 5.86
C GLY B 364 11.89 -34.25 6.04
N GLU B 365 10.62 -34.47 5.78
CA GLU B 365 10.03 -35.80 5.96
C GLU B 365 9.71 -36.43 4.61
N LEU B 366 9.55 -37.76 4.61
CA LEU B 366 9.14 -38.48 3.41
C LEU B 366 7.98 -39.41 3.74
N ASP B 367 7.19 -39.71 2.73
CA ASP B 367 6.04 -40.61 2.88
C ASP B 367 5.09 -40.13 3.96
N VAL B 368 4.95 -38.81 4.05
CA VAL B 368 3.88 -38.21 4.83
C VAL B 368 2.60 -38.46 4.05
N PRO B 369 1.55 -38.95 4.72
CA PRO B 369 0.31 -39.27 4.02
C PRO B 369 -0.47 -38.03 3.63
N TYR B 370 -1.25 -38.13 2.56
CA TYR B 370 -2.22 -37.10 2.27
C TYR B 370 -3.46 -37.44 3.07
N VAL B 371 -3.59 -36.82 4.24
CA VAL B 371 -4.70 -37.14 5.13
C VAL B 371 -5.96 -36.49 4.59
N PRO B 372 -7.07 -37.25 4.54
CA PRO B 372 -8.35 -36.71 4.07
C PRO B 372 -8.68 -35.43 4.83
N LEU B 373 -9.21 -34.45 4.12
CA LEU B 373 -9.44 -33.13 4.71
C LEU B 373 -10.10 -33.22 6.08
N GLU B 374 -11.28 -33.84 6.12
CA GLU B 374 -12.09 -33.88 7.33
C GLU B 374 -11.46 -34.71 8.47
N ALA B 375 -10.23 -35.18 8.28
CA ALA B 375 -9.59 -36.01 9.29
C ALA B 375 -8.29 -35.39 9.78
N ARG B 376 -8.09 -34.11 9.50
CA ARG B 376 -6.86 -33.41 9.90
C ARG B 376 -7.07 -32.65 11.20
N VAL C 3 -14.45 14.94 34.54
CA VAL C 3 -14.66 14.84 33.06
C VAL C 3 -15.65 13.74 32.68
N ALA C 4 -16.55 14.07 31.76
CA ALA C 4 -17.55 13.14 31.27
C ALA C 4 -16.96 12.20 30.23
N ARG C 5 -16.14 11.25 30.67
CA ARG C 5 -15.43 10.37 29.76
C ARG C 5 -16.40 9.56 28.90
N GLY C 6 -16.07 9.43 27.62
CA GLY C 6 -16.94 8.72 26.70
C GLY C 6 -18.28 9.42 26.59
N LEU C 7 -18.37 10.61 27.18
CA LEU C 7 -19.62 11.36 27.25
C LEU C 7 -20.75 10.55 27.86
N GLU C 8 -20.41 9.48 28.58
CA GLU C 8 -21.43 8.67 29.23
C GLU C 8 -22.30 9.50 30.15
N GLY C 9 -23.61 9.32 30.02
CA GLY C 9 -24.55 10.04 30.87
C GLY C 9 -24.90 11.41 30.34
N VAL C 10 -24.09 11.93 29.42
CA VAL C 10 -24.31 13.27 28.90
C VAL C 10 -25.46 13.28 27.92
N LEU C 11 -26.48 14.09 28.25
CA LEU C 11 -27.63 14.29 27.39
C LEU C 11 -27.51 15.67 26.77
N PHE C 12 -27.01 15.72 25.55
CA PHE C 12 -26.62 16.98 24.91
C PHE C 12 -27.74 17.61 24.08
N THR C 13 -28.85 16.90 23.93
CA THR C 13 -29.94 17.42 23.13
C THR C 13 -31.25 16.71 23.44
N GLU C 14 -32.34 17.20 22.86
CA GLU C 14 -33.63 16.56 23.02
C GLU C 14 -34.03 15.81 21.75
N SER C 15 -34.66 14.66 21.91
CA SER C 15 -35.04 13.84 20.76
C SER C 15 -36.38 13.14 20.98
N ARG C 16 -37.16 13.02 19.91
CA ARG C 16 -38.44 12.34 19.96
C ARG C 16 -38.38 11.04 19.19
N MET C 17 -37.29 10.85 18.46
CA MET C 17 -37.15 9.73 17.53
C MET C 17 -37.03 8.38 18.20
N CYS C 18 -36.13 8.30 19.17
CA CYS C 18 -35.76 7.00 19.70
C CYS C 18 -35.68 6.98 21.23
N TYR C 19 -36.42 6.08 21.84
CA TYR C 19 -36.30 5.87 23.28
C TYR C 19 -35.68 4.52 23.54
N ILE C 20 -34.57 4.52 24.26
CA ILE C 20 -33.89 3.27 24.57
C ILE C 20 -33.98 3.01 26.06
N ASP C 21 -34.81 2.04 26.44
CA ASP C 21 -34.88 1.66 27.84
C ASP C 21 -33.74 0.70 28.10
N GLY C 22 -32.61 1.25 28.53
CA GLY C 22 -31.42 0.46 28.73
C GLY C 22 -31.54 -0.57 29.83
N GLN C 23 -32.33 -0.24 30.85
CA GLN C 23 -32.52 -1.14 31.99
C GLN C 23 -33.46 -2.30 31.71
N GLN C 24 -34.54 -2.03 30.98
CA GLN C 24 -35.52 -3.08 30.71
C GLN C 24 -35.33 -3.69 29.33
N GLY C 25 -34.47 -3.09 28.52
CA GLY C 25 -34.22 -3.63 27.19
C GLY C 25 -35.39 -3.41 26.24
N LYS C 26 -35.90 -2.18 26.21
CA LYS C 26 -36.99 -1.83 25.32
C LYS C 26 -36.51 -0.75 24.36
N LEU C 27 -37.09 -0.72 23.17
CA LEU C 27 -36.67 0.21 22.13
C LEU C 27 -37.87 0.64 21.30
N TYR C 28 -37.95 1.93 21.01
CA TYR C 28 -39.09 2.51 20.33
C TYR C 28 -38.60 3.45 19.25
N TYR C 29 -39.23 3.38 18.07
CA TYR C 29 -39.03 4.39 17.03
C TYR C 29 -40.22 5.34 17.06
N TYR C 30 -39.98 6.58 17.47
CA TYR C 30 -41.07 7.53 17.64
C TYR C 30 -42.21 6.91 18.45
N GLY C 31 -41.85 6.19 19.51
CA GLY C 31 -42.85 5.68 20.42
C GLY C 31 -43.30 4.26 20.13
N ILE C 32 -43.19 3.84 18.87
CA ILE C 32 -43.61 2.51 18.49
C ILE C 32 -42.55 1.46 18.86
N PRO C 33 -42.97 0.37 19.51
CA PRO C 33 -42.06 -0.72 19.90
C PRO C 33 -41.37 -1.30 18.69
N ILE C 34 -40.08 -1.58 18.81
CA ILE C 34 -39.31 -2.08 17.68
C ILE C 34 -39.78 -3.45 17.23
N GLN C 35 -40.22 -4.27 18.19
CA GLN C 35 -40.69 -5.62 17.86
C GLN C 35 -41.92 -5.57 16.97
N GLU C 36 -42.75 -4.55 17.16
CA GLU C 36 -43.90 -4.37 16.28
C GLU C 36 -43.43 -4.03 14.85
N LEU C 37 -42.62 -2.98 14.73
CA LEU C 37 -42.13 -2.55 13.43
C LEU C 37 -41.45 -3.69 12.69
N ALA C 38 -40.57 -4.40 13.39
CA ALA C 38 -39.82 -5.50 12.78
C ALA C 38 -40.75 -6.58 12.24
N GLU C 39 -41.95 -6.65 12.77
CA GLU C 39 -42.89 -7.69 12.40
C GLU C 39 -43.93 -7.22 11.39
N LYS C 40 -44.39 -5.99 11.54
CA LYS C 40 -45.51 -5.50 10.74
C LYS C 40 -45.07 -4.46 9.73
N SER C 41 -43.92 -3.86 9.94
CA SER C 41 -43.51 -2.74 9.12
C SER C 41 -42.62 -3.16 7.95
N SER C 42 -42.26 -2.20 7.12
CA SER C 42 -41.33 -2.41 6.02
C SER C 42 -40.26 -1.35 6.17
N PHE C 43 -39.11 -1.56 5.53
CA PHE C 43 -38.06 -0.57 5.66
C PHE C 43 -38.53 0.79 5.16
N GLU C 44 -39.33 0.80 4.10
CA GLU C 44 -39.83 2.06 3.55
C GLU C 44 -40.76 2.76 4.54
N GLU C 45 -41.59 1.96 5.22
CA GLU C 45 -42.55 2.53 6.16
C GLU C 45 -41.85 3.02 7.41
N THR C 46 -40.94 2.22 7.94
CA THR C 46 -40.13 2.60 9.09
C THR C 46 -39.27 3.84 8.81
N THR C 47 -38.68 3.88 7.63
CA THR C 47 -37.87 5.02 7.23
C THR C 47 -38.76 6.25 7.17
N PHE C 48 -39.96 6.09 6.62
CA PHE C 48 -40.91 7.19 6.58
C PHE C 48 -41.22 7.66 7.98
N LEU C 49 -41.38 6.71 8.90
CA LEU C 49 -41.65 7.02 10.30
C LEU C 49 -40.49 7.81 10.88
N LEU C 50 -39.27 7.31 10.64
CA LEU C 50 -38.08 7.94 11.17
C LEU C 50 -37.90 9.33 10.57
N LEU C 51 -38.40 9.54 9.37
CA LEU C 51 -38.24 10.83 8.70
C LEU C 51 -39.37 11.82 8.97
N HIS C 52 -40.59 11.30 9.11
CA HIS C 52 -41.75 12.16 9.27
C HIS C 52 -42.31 12.21 10.70
N GLY C 53 -41.85 11.29 11.54
CA GLY C 53 -42.24 11.31 12.94
C GLY C 53 -43.59 10.66 13.19
N ARG C 54 -44.04 9.87 12.21
CA ARG C 54 -45.33 9.18 12.31
C ARG C 54 -45.45 8.14 11.21
N LEU C 55 -46.43 7.26 11.34
CA LEU C 55 -46.71 6.27 10.31
C LEU C 55 -47.38 6.94 9.12
N PRO C 56 -47.05 6.46 7.91
CA PRO C 56 -47.67 7.06 6.71
C PRO C 56 -49.04 6.46 6.44
N ARG C 57 -49.89 7.21 5.72
CA ARG C 57 -51.16 6.66 5.26
C ARG C 57 -50.92 5.87 3.97
N ARG C 58 -51.89 5.03 3.61
CA ARG C 58 -51.77 4.13 2.45
C ARG C 58 -51.06 4.77 1.28
N GLN C 59 -51.66 5.82 0.72
CA GLN C 59 -51.12 6.47 -0.46
C GLN C 59 -49.76 7.13 -0.17
N GLU C 60 -49.61 7.69 1.03
CA GLU C 60 -48.33 8.28 1.41
C GLU C 60 -47.20 7.25 1.30
N LEU C 61 -47.40 6.08 1.90
CA LEU C 61 -46.38 5.04 1.89
C LEU C 61 -46.04 4.59 0.48
N GLU C 62 -47.06 4.49 -0.37
CA GLU C 62 -46.83 4.06 -1.74
C GLU C 62 -46.06 5.11 -2.54
N GLU C 63 -46.51 6.35 -2.49
CA GLU C 63 -45.82 7.42 -3.19
C GLU C 63 -44.40 7.53 -2.66
N PHE C 64 -44.27 7.42 -1.35
CA PHE C 64 -42.97 7.47 -0.70
C PHE C 64 -42.04 6.35 -1.18
N SER C 65 -42.55 5.13 -1.20
CA SER C 65 -41.74 3.98 -1.57
C SER C 65 -41.37 4.08 -3.05
N ALA C 66 -42.29 4.58 -3.85
CA ALA C 66 -42.05 4.79 -5.27
C ALA C 66 -41.05 5.93 -5.45
N ALA C 67 -41.09 6.88 -4.51
CA ALA C 67 -40.13 7.98 -4.50
C ALA C 67 -38.71 7.43 -4.28
N LEU C 68 -38.53 6.68 -3.20
CA LEU C 68 -37.23 6.06 -2.93
C LEU C 68 -36.77 5.20 -4.09
N ALA C 69 -37.65 4.37 -4.61
CA ALA C 69 -37.30 3.48 -5.71
C ALA C 69 -36.75 4.24 -6.92
N ARG C 70 -37.32 5.39 -7.24
CA ARG C 70 -36.82 6.18 -8.37
C ARG C 70 -35.49 6.85 -8.08
N ARG C 71 -35.00 6.69 -6.85
CA ARG C 71 -33.76 7.36 -6.46
C ARG C 71 -32.67 6.34 -6.14
N ARG C 72 -32.94 5.09 -6.47
CA ARG C 72 -32.00 4.02 -6.18
C ARG C 72 -30.80 4.02 -7.12
N ALA C 73 -31.03 4.46 -8.35
CA ALA C 73 -29.99 4.35 -9.38
C ALA C 73 -28.84 5.31 -9.08
N LEU C 74 -27.62 4.81 -9.27
CA LEU C 74 -26.44 5.63 -9.07
C LEU C 74 -26.10 6.38 -10.35
N PRO C 75 -25.60 7.62 -10.21
CA PRO C 75 -25.21 8.40 -11.38
C PRO C 75 -24.10 7.66 -12.11
N ALA C 76 -24.11 7.74 -13.44
CA ALA C 76 -23.10 7.06 -14.25
C ALA C 76 -21.69 7.45 -13.86
N HIS C 77 -21.49 8.69 -13.45
CA HIS C 77 -20.17 9.18 -13.06
C HIS C 77 -19.64 8.33 -11.92
N LEU C 78 -20.51 8.04 -10.96
CA LEU C 78 -20.10 7.33 -9.77
C LEU C 78 -19.80 5.87 -10.13
N LEU C 79 -20.68 5.27 -10.93
CA LEU C 79 -20.48 3.90 -11.38
C LEU C 79 -19.19 3.81 -12.16
N GLU C 80 -18.93 4.81 -13.00
CA GLU C 80 -17.67 4.87 -13.71
C GLU C 80 -16.53 4.88 -12.69
N SER C 81 -16.64 5.71 -11.66
CA SER C 81 -15.60 5.82 -10.65
C SER C 81 -15.40 4.54 -9.84
N PHE C 82 -16.47 3.78 -9.65
CA PHE C 82 -16.36 2.50 -8.93
C PHE C 82 -15.38 1.54 -9.58
N LYS C 83 -15.18 1.70 -10.88
CA LYS C 83 -14.31 0.80 -11.62
C LYS C 83 -12.87 0.87 -11.13
N ARG C 84 -12.46 2.01 -10.58
CA ARG C 84 -11.10 2.16 -10.10
C ARG C 84 -11.00 2.17 -8.58
N TYR C 85 -12.15 2.11 -7.90
CA TYR C 85 -12.14 1.99 -6.44
C TYR C 85 -11.43 0.71 -6.09
N PRO C 86 -10.38 0.79 -5.27
CA PRO C 86 -9.66 -0.43 -4.89
C PRO C 86 -10.64 -1.50 -4.40
N VAL C 87 -10.72 -2.59 -5.16
CA VAL C 87 -11.63 -3.67 -4.81
C VAL C 87 -11.23 -4.36 -3.50
N SER C 88 -9.96 -4.27 -3.15
CA SER C 88 -9.46 -4.89 -1.93
C SER C 88 -9.82 -4.06 -0.71
N ALA C 89 -10.22 -2.82 -0.92
CA ALA C 89 -10.50 -1.94 0.19
C ALA C 89 -11.73 -2.40 0.97
N HIS C 90 -11.80 -2.02 2.23
CA HIS C 90 -12.94 -2.33 3.07
C HIS C 90 -14.21 -1.67 2.51
N PRO C 91 -15.31 -2.42 2.44
CA PRO C 91 -16.60 -1.94 1.93
C PRO C 91 -17.05 -0.62 2.55
N MET C 92 -16.79 -0.44 3.83
CA MET C 92 -17.15 0.81 4.50
C MET C 92 -16.31 1.98 3.98
N SER C 93 -15.06 1.71 3.61
CA SER C 93 -14.24 2.72 2.98
C SER C 93 -14.79 3.03 1.59
N PHE C 94 -15.27 1.98 0.92
CA PHE C 94 -15.87 2.10 -0.40
C PHE C 94 -17.10 2.99 -0.26
N LEU C 95 -17.94 2.69 0.72
CA LEU C 95 -19.16 3.45 0.95
C LEU C 95 -18.82 4.89 1.33
N ARG C 96 -17.85 5.05 2.23
CA ARG C 96 -17.43 6.36 2.67
C ARG C 96 -17.04 7.21 1.48
N THR C 97 -16.22 6.64 0.59
CA THR C 97 -15.80 7.36 -0.58
C THR C 97 -16.97 7.67 -1.51
N ALA C 98 -17.83 6.67 -1.71
CA ALA C 98 -18.95 6.80 -2.64
C ALA C 98 -19.89 7.94 -2.23
N VAL C 99 -20.23 7.99 -0.96
CA VAL C 99 -21.11 9.04 -0.48
C VAL C 99 -20.43 10.38 -0.70
N SER C 100 -19.16 10.45 -0.32
CA SER C 100 -18.39 11.68 -0.47
C SER C 100 -18.33 12.08 -1.94
N GLU C 101 -18.02 11.15 -2.82
CA GLU C 101 -17.94 11.49 -4.23
C GLU C 101 -19.31 11.88 -4.75
N PHE C 102 -20.34 11.23 -4.22
CA PHE C 102 -21.71 11.52 -4.63
C PHE C 102 -22.05 12.97 -4.28
N GLY C 103 -21.62 13.41 -3.11
CA GLY C 103 -21.83 14.80 -2.73
C GLY C 103 -21.17 15.78 -3.71
N MET C 104 -19.98 15.45 -4.17
CA MET C 104 -19.29 16.31 -5.13
C MET C 104 -20.12 16.46 -6.40
N LEU C 105 -20.91 15.43 -6.69
CA LEU C 105 -21.69 15.42 -7.92
C LEU C 105 -22.97 16.22 -7.77
N ASP C 106 -23.32 16.55 -6.53
CA ASP C 106 -24.55 17.29 -6.28
C ASP C 106 -24.32 18.77 -6.49
N PRO C 107 -24.99 19.35 -7.49
CA PRO C 107 -24.85 20.77 -7.79
C PRO C 107 -25.24 21.71 -6.65
N THR C 108 -26.10 21.22 -5.76
CA THR C 108 -26.49 21.99 -4.58
C THR C 108 -26.14 21.23 -3.31
N GLU C 109 -24.98 20.58 -3.32
CA GLU C 109 -24.48 19.83 -2.19
C GLU C 109 -24.63 20.58 -0.87
N GLY C 110 -24.32 21.87 -0.87
CA GLY C 110 -24.31 22.65 0.36
C GLY C 110 -25.66 23.01 0.97
N ASP C 111 -26.70 23.09 0.15
CA ASP C 111 -28.04 23.42 0.62
C ASP C 111 -28.39 22.55 1.83
N ILE C 112 -28.76 23.17 2.95
CA ILE C 112 -29.19 22.40 4.12
C ILE C 112 -30.50 22.91 4.71
N SER C 113 -31.34 23.53 3.89
CA SER C 113 -32.71 23.81 4.30
C SER C 113 -33.36 22.47 4.54
N ARG C 114 -34.32 22.42 5.46
CA ARG C 114 -34.99 21.18 5.77
C ARG C 114 -35.37 20.42 4.52
N GLU C 115 -36.06 21.09 3.60
CA GLU C 115 -36.44 20.48 2.34
C GLU C 115 -35.24 19.84 1.63
N ALA C 116 -34.16 20.60 1.49
CA ALA C 116 -32.96 20.08 0.83
C ALA C 116 -32.41 18.85 1.56
N LEU C 117 -32.35 18.91 2.88
CA LEU C 117 -31.87 17.77 3.66
C LEU C 117 -32.78 16.59 3.40
N TYR C 118 -34.08 16.86 3.34
CA TYR C 118 -35.03 15.80 3.12
C TYR C 118 -34.85 15.16 1.75
N GLU C 119 -34.79 15.99 0.71
CA GLU C 119 -34.62 15.48 -0.65
C GLU C 119 -33.31 14.72 -0.79
N LYS C 120 -32.21 15.35 -0.38
CA LYS C 120 -30.89 14.75 -0.43
C LYS C 120 -30.84 13.48 0.40
N GLY C 121 -31.50 13.49 1.54
CA GLY C 121 -31.55 12.32 2.39
C GLY C 121 -32.25 11.15 1.73
N LEU C 122 -33.34 11.42 1.00
CA LEU C 122 -34.08 10.37 0.31
C LEU C 122 -33.16 9.67 -0.68
N ASP C 123 -32.43 10.46 -1.44
CA ASP C 123 -31.42 9.92 -2.36
C ASP C 123 -30.42 9.03 -1.66
N LEU C 124 -29.88 9.51 -0.56
CA LEU C 124 -28.90 8.73 0.17
C LEU C 124 -29.49 7.42 0.64
N ILE C 125 -30.63 7.49 1.30
CA ILE C 125 -31.27 6.28 1.81
C ILE C 125 -31.54 5.31 0.66
N ALA C 126 -31.98 5.83 -0.47
CA ALA C 126 -32.23 4.98 -1.63
C ALA C 126 -30.93 4.43 -2.17
N LYS C 127 -29.91 5.27 -2.30
CA LYS C 127 -28.69 4.85 -2.98
C LYS C 127 -27.73 4.02 -2.15
N PHE C 128 -27.87 4.06 -0.82
CA PHE C 128 -26.94 3.31 0.02
C PHE C 128 -26.90 1.83 -0.32
N ALA C 129 -28.07 1.23 -0.47
CA ALA C 129 -28.15 -0.20 -0.81
C ALA C 129 -27.52 -0.42 -2.20
N THR C 130 -27.75 0.52 -3.10
CA THR C 130 -27.18 0.41 -4.44
C THR C 130 -25.65 0.45 -4.37
N ILE C 131 -25.12 1.35 -3.54
CA ILE C 131 -23.67 1.49 -3.42
C ILE C 131 -23.04 0.22 -2.88
N VAL C 132 -23.62 -0.29 -1.80
CA VAL C 132 -23.10 -1.48 -1.16
C VAL C 132 -23.20 -2.67 -2.09
N ALA C 133 -24.35 -2.83 -2.74
CA ALA C 133 -24.57 -3.91 -3.69
C ALA C 133 -23.53 -3.87 -4.82
N ALA C 134 -23.28 -2.69 -5.36
CA ALA C 134 -22.32 -2.51 -6.44
C ALA C 134 -20.93 -2.91 -5.97
N ASN C 135 -20.59 -2.49 -4.75
CA ASN C 135 -19.32 -2.85 -4.13
C ASN C 135 -19.20 -4.37 -4.06
N LYS C 136 -20.27 -5.02 -3.62
CA LYS C 136 -20.25 -6.48 -3.46
C LYS C 136 -20.03 -7.15 -4.80
N ARG C 137 -20.70 -6.63 -5.83
CA ARG C 137 -20.55 -7.17 -7.17
C ARG C 137 -19.12 -6.98 -7.66
N LEU C 138 -18.55 -5.80 -7.44
CA LEU C 138 -17.19 -5.52 -7.89
C LEU C 138 -16.16 -6.41 -7.21
N LYS C 139 -16.32 -6.64 -5.92
CA LYS C 139 -15.44 -7.54 -5.20
C LYS C 139 -15.55 -8.97 -5.69
N GLU C 140 -16.68 -9.29 -6.33
CA GLU C 140 -16.89 -10.64 -6.83
C GLU C 140 -16.46 -10.73 -8.29
N GLY C 141 -15.92 -9.64 -8.81
CA GLY C 141 -15.51 -9.62 -10.21
C GLY C 141 -16.71 -9.57 -11.14
N LYS C 142 -17.79 -8.93 -10.69
CA LYS C 142 -18.99 -8.83 -11.50
C LYS C 142 -19.39 -7.38 -11.65
N GLU C 143 -20.43 -7.13 -12.45
CA GLU C 143 -20.88 -5.78 -12.72
C GLU C 143 -21.99 -5.34 -11.79
N PRO C 144 -21.92 -4.09 -11.32
CA PRO C 144 -23.00 -3.56 -10.48
C PRO C 144 -24.30 -3.69 -11.24
N ILE C 145 -25.38 -3.96 -10.51
CA ILE C 145 -26.68 -4.20 -11.14
C ILE C 145 -27.58 -2.99 -10.93
N PRO C 146 -28.15 -2.46 -12.03
CA PRO C 146 -29.05 -1.31 -11.89
C PRO C 146 -30.24 -1.70 -11.01
N PRO C 147 -30.79 -0.73 -10.26
CA PRO C 147 -31.95 -1.02 -9.42
C PRO C 147 -33.13 -1.56 -10.23
N ARG C 148 -33.92 -2.44 -9.61
CA ARG C 148 -35.25 -2.77 -10.10
C ARG C 148 -36.28 -2.07 -9.22
N GLU C 149 -36.97 -1.10 -9.77
CA GLU C 149 -37.90 -0.28 -9.01
C GLU C 149 -39.14 -1.02 -8.57
N ASP C 150 -39.43 -2.16 -9.19
CA ASP C 150 -40.63 -2.91 -8.86
C ASP C 150 -40.47 -3.69 -7.56
N LEU C 151 -39.23 -3.79 -7.09
CA LEU C 151 -38.93 -4.53 -5.86
C LEU C 151 -38.87 -3.59 -4.67
N SER C 152 -39.15 -4.11 -3.48
CA SER C 152 -39.00 -3.32 -2.27
C SER C 152 -37.52 -2.97 -2.09
N HIS C 153 -37.24 -2.00 -1.23
CA HIS C 153 -35.87 -1.60 -0.95
C HIS C 153 -35.05 -2.82 -0.53
N ALA C 154 -35.61 -3.60 0.39
CA ALA C 154 -34.98 -4.80 0.90
C ALA C 154 -34.74 -5.83 -0.19
N ALA C 155 -35.77 -6.12 -0.97
CA ALA C 155 -35.68 -7.14 -2.02
C ALA C 155 -34.73 -6.67 -3.10
N ASN C 156 -34.81 -5.38 -3.45
CA ASN C 156 -33.95 -4.83 -4.48
C ASN C 156 -32.50 -4.87 -4.03
N PHE C 157 -32.25 -4.62 -2.75
CA PHE C 157 -30.91 -4.71 -2.23
C PHE C 157 -30.34 -6.11 -2.48
N LEU C 158 -31.10 -7.14 -2.13
CA LEU C 158 -30.66 -8.52 -2.29
C LEU C 158 -30.45 -8.84 -3.76
N TYR C 159 -31.37 -8.34 -4.60
CA TYR C 159 -31.29 -8.53 -6.02
C TYR C 159 -30.01 -7.91 -6.60
N MET C 160 -29.76 -6.66 -6.28
CA MET C 160 -28.57 -5.97 -6.79
C MET C 160 -27.29 -6.59 -6.28
N ALA C 161 -27.36 -7.17 -5.09
CA ALA C 161 -26.17 -7.73 -4.44
C ALA C 161 -25.88 -9.15 -4.91
N ASN C 162 -26.93 -9.92 -5.17
CA ASN C 162 -26.76 -11.33 -5.48
C ASN C 162 -27.01 -11.68 -6.93
N GLY C 163 -27.53 -10.72 -7.69
CA GLY C 163 -27.77 -10.98 -9.10
C GLY C 163 -29.05 -11.76 -9.33
N VAL C 164 -29.77 -12.08 -8.26
CA VAL C 164 -31.02 -12.82 -8.39
C VAL C 164 -32.10 -12.28 -7.46
N GLU C 165 -33.31 -12.17 -7.99
CA GLU C 165 -34.42 -11.75 -7.17
C GLU C 165 -34.51 -12.71 -6.00
N PRO C 166 -34.70 -12.19 -4.79
CA PRO C 166 -34.80 -13.04 -3.60
C PRO C 166 -36.19 -13.64 -3.44
N SER C 167 -36.27 -14.77 -2.74
CA SER C 167 -37.57 -15.33 -2.40
C SER C 167 -38.24 -14.30 -1.50
N PRO C 168 -39.59 -14.28 -1.47
CA PRO C 168 -40.31 -13.34 -0.61
C PRO C 168 -39.85 -13.39 0.84
N GLU C 169 -39.43 -14.59 1.26
CA GLU C 169 -39.00 -14.82 2.63
C GLU C 169 -37.64 -14.18 2.92
N GLN C 170 -36.69 -14.38 2.02
CA GLN C 170 -35.37 -13.76 2.18
C GLN C 170 -35.52 -12.25 2.21
N ALA C 171 -36.40 -11.72 1.38
CA ALA C 171 -36.68 -10.29 1.40
C ALA C 171 -37.26 -9.86 2.74
N ARG C 172 -38.20 -10.63 3.27
CA ARG C 172 -38.82 -10.28 4.53
C ARG C 172 -37.80 -10.32 5.67
N LEU C 173 -36.80 -11.17 5.52
CA LEU C 173 -35.74 -11.29 6.50
C LEU C 173 -34.80 -10.08 6.45
N MET C 174 -34.38 -9.69 5.26
CA MET C 174 -33.54 -8.52 5.08
C MET C 174 -34.29 -7.26 5.53
N ASP C 175 -35.59 -7.25 5.26
CA ASP C 175 -36.44 -6.12 5.57
C ASP C 175 -36.50 -5.90 7.09
N ALA C 176 -36.70 -6.98 7.83
CA ALA C 176 -36.73 -6.90 9.29
C ALA C 176 -35.37 -6.45 9.78
N ALA C 177 -34.33 -7.02 9.20
CA ALA C 177 -32.94 -6.66 9.53
C ALA C 177 -32.73 -5.17 9.38
N LEU C 178 -33.11 -4.63 8.23
CA LEU C 178 -32.98 -3.20 7.97
C LEU C 178 -33.72 -2.41 9.04
N ILE C 179 -34.97 -2.78 9.28
CA ILE C 179 -35.80 -2.12 10.27
C ILE C 179 -35.11 -2.16 11.64
N LEU C 180 -34.54 -3.30 11.98
CA LEU C 180 -33.93 -3.45 13.29
C LEU C 180 -32.70 -2.58 13.49
N HIS C 181 -32.00 -2.24 12.41
CA HIS C 181 -30.82 -1.39 12.52
C HIS C 181 -31.08 0.04 12.09
N ALA C 182 -32.31 0.36 11.73
CA ALA C 182 -32.60 1.65 11.11
C ALA C 182 -32.21 2.83 12.00
N GLU C 183 -32.34 2.64 13.31
CA GLU C 183 -32.28 3.78 14.20
C GLU C 183 -31.93 3.34 15.62
N HIS C 184 -31.10 4.12 16.30
CA HIS C 184 -30.79 3.81 17.68
C HIS C 184 -30.22 4.97 18.49
N GLY C 185 -30.94 6.07 18.48
CA GLY C 185 -30.54 7.20 19.30
C GLY C 185 -29.18 7.74 18.90
N PHE C 186 -28.48 8.29 19.88
CA PHE C 186 -27.21 8.95 19.62
C PHE C 186 -26.01 8.07 19.86
N ASN C 187 -26.08 6.88 19.26
CA ASN C 187 -24.94 5.99 19.18
C ASN C 187 -23.81 6.73 18.46
N ALA C 188 -22.63 6.14 18.46
CA ALA C 188 -21.44 6.78 17.92
C ALA C 188 -21.64 7.38 16.52
N SER C 189 -22.17 6.59 15.59
CA SER C 189 -22.26 7.06 14.21
C SER C 189 -23.26 8.22 14.11
N THR C 190 -24.43 8.06 14.69
CA THR C 190 -25.39 9.15 14.68
C THR C 190 -24.80 10.39 15.34
N PHE C 191 -24.11 10.19 16.46
CA PHE C 191 -23.52 11.31 17.17
C PHE C 191 -22.50 12.05 16.31
N THR C 192 -21.64 11.28 15.66
CA THR C 192 -20.65 11.85 14.75
C THR C 192 -21.37 12.65 13.67
N ALA C 193 -22.43 12.07 13.12
CA ALA C 193 -23.19 12.75 12.07
C ALA C 193 -23.63 14.12 12.58
N ILE C 194 -24.25 14.16 13.75
CA ILE C 194 -24.73 15.41 14.30
C ILE C 194 -23.56 16.32 14.68
N ALA C 195 -22.50 15.72 15.21
CA ALA C 195 -21.31 16.51 15.49
C ALA C 195 -20.93 17.29 14.22
N ALA C 196 -20.83 16.58 13.11
CA ALA C 196 -20.49 17.19 11.83
C ALA C 196 -21.54 18.18 11.35
N PHE C 197 -22.81 17.77 11.39
CA PHE C 197 -23.88 18.64 10.94
C PHE C 197 -24.06 19.86 11.84
N SER C 198 -23.65 19.74 13.10
CA SER C 198 -23.76 20.85 14.04
C SER C 198 -22.96 22.06 13.56
N THR C 199 -22.06 21.84 12.59
CA THR C 199 -21.30 22.94 12.01
C THR C 199 -22.04 23.50 10.81
N GLU C 200 -23.22 22.95 10.56
CA GLU C 200 -23.99 23.27 9.35
C GLU C 200 -23.32 22.86 8.06
N THR C 201 -22.47 21.84 8.12
CA THR C 201 -21.88 21.27 6.91
C THR C 201 -23.00 20.58 6.13
N ASP C 202 -22.70 20.18 4.89
CA ASP C 202 -23.69 19.59 4.02
C ASP C 202 -24.07 18.19 4.48
N LEU C 203 -25.17 17.67 3.97
CA LEU C 203 -25.65 16.33 4.34
C LEU C 203 -24.63 15.24 4.07
N TYR C 204 -23.98 15.31 2.92
CA TYR C 204 -23.03 14.25 2.56
C TYR C 204 -21.82 14.22 3.48
N SER C 205 -21.35 15.39 3.90
CA SER C 205 -20.26 15.45 4.88
C SER C 205 -20.69 14.75 6.16
N ALA C 206 -21.87 15.10 6.66
CA ALA C 206 -22.36 14.50 7.89
C ALA C 206 -22.46 12.99 7.73
N ILE C 207 -23.00 12.53 6.61
CA ILE C 207 -23.16 11.10 6.41
C ILE C 207 -21.85 10.37 6.18
N THR C 208 -20.92 11.02 5.47
CA THR C 208 -19.60 10.45 5.31
C THR C 208 -18.98 10.25 6.69
N ALA C 209 -19.24 11.20 7.58
CA ALA C 209 -18.74 11.13 8.96
C ALA C 209 -19.40 9.98 9.72
N ALA C 210 -20.71 9.84 9.55
CA ALA C 210 -21.44 8.78 10.24
C ALA C 210 -20.89 7.43 9.76
N VAL C 211 -20.74 7.30 8.44
CA VAL C 211 -20.19 6.09 7.87
C VAL C 211 -18.79 5.86 8.42
N ALA C 212 -17.98 6.92 8.43
CA ALA C 212 -16.63 6.84 8.98
C ALA C 212 -16.64 6.28 10.40
N SER C 213 -17.62 6.71 11.18
CA SER C 213 -17.74 6.31 12.57
C SER C 213 -18.32 4.90 12.74
N LEU C 214 -19.36 4.59 11.95
CA LEU C 214 -20.00 3.29 12.02
C LEU C 214 -19.02 2.18 11.70
N LYS C 215 -18.03 2.49 10.88
CA LYS C 215 -17.04 1.51 10.45
C LYS C 215 -16.22 0.93 11.60
N GLY C 216 -16.08 1.69 12.69
CA GLY C 216 -15.26 1.26 13.80
C GLY C 216 -15.72 -0.04 14.45
N PRO C 217 -14.80 -0.97 14.74
CA PRO C 217 -15.14 -2.26 15.36
C PRO C 217 -15.88 -2.17 16.69
N ARG C 218 -15.76 -1.03 17.37
CA ARG C 218 -16.49 -0.79 18.62
C ARG C 218 -17.94 -0.44 18.40
N HIS C 219 -18.27 -0.12 17.16
CA HIS C 219 -19.61 0.31 16.80
C HIS C 219 -20.12 -0.61 15.71
N GLY C 220 -20.39 -0.07 14.54
CA GLY C 220 -20.94 -0.89 13.47
C GLY C 220 -20.05 -2.07 13.11
N GLY C 221 -18.74 -1.85 13.14
CA GLY C 221 -17.80 -2.89 12.75
C GLY C 221 -17.85 -4.12 13.63
N ALA C 222 -18.57 -4.04 14.74
CA ALA C 222 -18.69 -5.17 15.65
C ALA C 222 -19.43 -6.32 15.00
N ASN C 223 -20.22 -6.02 13.97
CA ASN C 223 -20.93 -7.03 13.20
C ASN C 223 -19.96 -8.12 12.75
N GLU C 224 -18.95 -7.71 12.01
CA GLU C 224 -18.00 -8.66 11.43
C GLU C 224 -17.03 -9.20 12.46
N ALA C 225 -16.72 -8.40 13.47
CA ALA C 225 -15.85 -8.84 14.56
C ALA C 225 -16.47 -10.01 15.31
N VAL C 226 -17.80 -10.04 15.39
CA VAL C 226 -18.50 -11.15 16.01
C VAL C 226 -18.29 -12.40 15.17
N MET C 227 -18.29 -12.23 13.86
CA MET C 227 -18.18 -13.35 12.94
C MET C 227 -16.76 -13.86 12.91
N ARG C 228 -15.80 -12.94 12.96
CA ARG C 228 -14.40 -13.31 13.06
C ARG C 228 -14.18 -14.03 14.37
N MET C 229 -14.95 -13.62 15.38
CA MET C 229 -14.94 -14.32 16.66
C MET C 229 -15.42 -15.76 16.46
N ILE C 230 -16.48 -15.91 15.69
CA ILE C 230 -17.06 -17.22 15.45
C ILE C 230 -16.11 -18.13 14.69
N GLN C 231 -15.34 -17.55 13.77
CA GLN C 231 -14.41 -18.34 12.97
C GLN C 231 -13.15 -18.70 13.76
N GLU C 232 -12.88 -17.94 14.82
CA GLU C 232 -11.75 -18.24 15.70
C GLU C 232 -12.16 -19.29 16.73
N ILE C 233 -13.47 -19.49 16.89
CA ILE C 233 -13.98 -20.55 17.75
C ILE C 233 -14.13 -21.82 16.90
N GLY C 234 -14.41 -21.60 15.62
CA GLY C 234 -14.50 -22.71 14.69
C GLY C 234 -15.72 -23.58 14.87
N THR C 235 -15.77 -24.31 15.97
CA THR C 235 -16.88 -25.23 16.23
C THR C 235 -17.48 -24.96 17.60
N PRO C 236 -18.72 -25.42 17.83
CA PRO C 236 -19.38 -25.26 19.13
C PRO C 236 -18.74 -26.06 20.26
N GLU C 237 -17.77 -26.91 19.93
CA GLU C 237 -17.07 -27.70 20.94
C GLU C 237 -15.78 -27.01 21.40
N ARG C 238 -15.64 -25.73 21.04
CA ARG C 238 -14.47 -24.96 21.45
C ARG C 238 -14.87 -23.59 22.01
N ALA C 239 -16.18 -23.33 22.02
CA ALA C 239 -16.68 -22.02 22.46
C ALA C 239 -16.59 -21.86 23.97
N ARG C 240 -17.10 -22.84 24.72
CA ARG C 240 -17.10 -22.79 26.18
C ARG C 240 -15.69 -22.54 26.70
N GLU C 241 -14.70 -23.12 26.03
CA GLU C 241 -13.30 -22.99 26.45
C GLU C 241 -12.66 -21.75 25.83
N TRP C 242 -13.27 -21.26 24.76
CA TRP C 242 -12.78 -20.05 24.09
C TRP C 242 -13.12 -18.84 24.95
N VAL C 243 -14.35 -18.78 25.44
CA VAL C 243 -14.80 -17.68 26.28
C VAL C 243 -14.05 -17.67 27.62
N ARG C 244 -13.65 -18.85 28.07
CA ARG C 244 -12.93 -18.97 29.33
C ARG C 244 -11.63 -18.17 29.27
N GLU C 245 -10.80 -18.48 28.28
CA GLU C 245 -9.51 -17.83 28.12
C GLU C 245 -9.69 -16.36 27.73
N LYS C 246 -10.65 -16.12 26.83
CA LYS C 246 -10.93 -14.77 26.36
C LYS C 246 -11.18 -13.80 27.52
N LEU C 247 -11.80 -14.31 28.58
CA LEU C 247 -12.10 -13.48 29.75
C LEU C 247 -10.93 -13.46 30.72
N ALA C 248 -10.24 -14.59 30.84
CA ALA C 248 -9.06 -14.68 31.70
C ALA C 248 -7.99 -13.71 31.22
N LYS C 249 -7.79 -13.66 29.91
CA LYS C 249 -6.85 -12.73 29.28
C LYS C 249 -7.40 -11.31 29.38
N LYS C 250 -8.62 -11.21 29.91
CA LYS C 250 -9.25 -9.93 30.19
C LYS C 250 -9.44 -9.11 28.89
N GLU C 251 -9.68 -9.84 27.80
CA GLU C 251 -10.06 -9.25 26.52
C GLU C 251 -11.57 -9.37 26.37
N ARG C 252 -12.19 -8.40 25.71
CA ARG C 252 -13.65 -8.36 25.60
C ARG C 252 -14.23 -9.36 24.61
N ILE C 253 -15.50 -9.70 24.82
CA ILE C 253 -16.24 -10.59 23.95
C ILE C 253 -17.19 -9.80 23.03
N MET C 254 -16.89 -9.82 21.73
CA MET C 254 -17.66 -9.09 20.73
C MET C 254 -19.14 -9.47 20.72
N GLY C 255 -19.98 -8.48 20.46
CA GLY C 255 -21.42 -8.67 20.49
C GLY C 255 -21.99 -8.41 21.87
N MET C 256 -21.16 -8.56 22.90
CA MET C 256 -21.58 -8.34 24.27
C MET C 256 -21.36 -6.88 24.62
N GLY C 257 -22.03 -6.42 25.66
CA GLY C 257 -21.82 -5.07 26.15
C GLY C 257 -22.61 -4.04 25.38
N HIS C 258 -22.90 -2.92 26.02
CA HIS C 258 -23.60 -1.83 25.37
C HIS C 258 -23.55 -0.59 26.25
N ARG C 259 -23.34 0.57 25.64
CA ARG C 259 -23.31 1.81 26.39
C ARG C 259 -24.64 2.04 27.12
N VAL C 260 -25.74 1.69 26.45
CA VAL C 260 -27.07 1.95 26.98
C VAL C 260 -27.76 0.71 27.54
N TYR C 261 -27.67 -0.40 26.82
CA TYR C 261 -28.34 -1.61 27.28
C TYR C 261 -27.57 -2.32 28.39
N LYS C 262 -28.23 -2.44 29.54
CA LYS C 262 -27.69 -3.23 30.64
C LYS C 262 -28.65 -4.41 30.79
N ALA C 263 -29.39 -4.65 29.71
CA ALA C 263 -30.28 -5.79 29.62
C ALA C 263 -30.15 -6.39 28.23
N PHE C 264 -31.02 -7.35 27.93
CA PHE C 264 -31.02 -7.99 26.62
C PHE C 264 -31.50 -7.01 25.56
N ASP C 265 -30.62 -6.70 24.61
CA ASP C 265 -30.95 -5.84 23.47
C ASP C 265 -32.23 -6.34 22.78
N PRO C 266 -33.28 -5.52 22.74
CA PRO C 266 -34.52 -5.94 22.07
C PRO C 266 -34.36 -6.37 20.60
N ARG C 267 -33.44 -5.72 19.90
CA ARG C 267 -33.16 -6.08 18.52
C ARG C 267 -32.51 -7.45 18.48
N ALA C 268 -31.61 -7.70 19.42
CA ALA C 268 -30.99 -9.01 19.53
C ALA C 268 -32.07 -10.04 19.81
N GLY C 269 -33.12 -9.60 20.49
CA GLY C 269 -34.25 -10.48 20.75
C GLY C 269 -34.82 -10.96 19.43
N VAL C 270 -35.24 -10.01 18.59
CA VAL C 270 -35.83 -10.33 17.30
C VAL C 270 -34.85 -11.10 16.42
N LEU C 271 -33.63 -10.59 16.31
CA LEU C 271 -32.61 -11.23 15.49
C LEU C 271 -32.33 -12.66 15.91
N GLU C 272 -32.20 -12.87 17.22
CA GLU C 272 -31.92 -14.21 17.75
C GLU C 272 -32.98 -15.19 17.26
N LYS C 273 -34.23 -14.73 17.21
CA LYS C 273 -35.30 -15.57 16.69
C LYS C 273 -35.16 -15.80 15.19
N LEU C 274 -34.90 -14.73 14.43
CA LEU C 274 -34.71 -14.86 12.99
C LEU C 274 -33.55 -15.80 12.68
N ALA C 275 -32.48 -15.71 13.46
CA ALA C 275 -31.29 -16.52 13.27
C ALA C 275 -31.55 -18.00 13.54
N ARG C 276 -32.24 -18.29 14.63
CA ARG C 276 -32.56 -19.67 14.99
C ARG C 276 -33.43 -20.29 13.88
N LEU C 277 -34.30 -19.49 13.28
CA LEU C 277 -35.11 -19.95 12.16
C LEU C 277 -34.21 -20.32 10.98
N VAL C 278 -33.11 -19.59 10.84
CA VAL C 278 -32.13 -19.92 9.81
C VAL C 278 -31.49 -21.27 10.14
N GLU C 287 -22.96 -21.81 12.96
CA GLU C 287 -22.55 -20.46 13.43
C GLU C 287 -23.54 -19.90 14.44
N TYR C 288 -24.67 -20.59 14.61
CA TYR C 288 -25.70 -20.15 15.55
C TYR C 288 -25.51 -20.77 16.93
N GLN C 289 -25.35 -22.09 16.97
CA GLN C 289 -25.16 -22.78 18.25
C GLN C 289 -23.89 -22.30 18.92
N ILE C 290 -22.83 -22.12 18.14
CA ILE C 290 -21.59 -21.55 18.65
C ILE C 290 -21.88 -20.20 19.30
N LEU C 291 -22.91 -19.53 18.80
CA LEU C 291 -23.26 -18.18 19.24
C LEU C 291 -24.08 -18.24 20.53
N LYS C 292 -24.94 -19.25 20.65
CA LYS C 292 -25.78 -19.40 21.83
C LYS C 292 -24.95 -19.82 23.04
N ILE C 293 -23.93 -20.64 22.81
CA ILE C 293 -23.12 -21.13 23.91
C ILE C 293 -22.07 -20.12 24.37
N VAL C 294 -21.70 -19.18 23.49
CA VAL C 294 -20.83 -18.09 23.91
C VAL C 294 -21.69 -17.01 24.57
N GLU C 295 -22.99 -17.11 24.34
CA GLU C 295 -23.98 -16.26 24.99
C GLU C 295 -24.27 -16.81 26.38
N GLU C 296 -24.18 -18.13 26.51
CA GLU C 296 -24.42 -18.80 27.78
C GLU C 296 -23.21 -18.65 28.69
N GLU C 297 -22.08 -19.21 28.28
CA GLU C 297 -20.86 -19.20 29.07
C GLU C 297 -20.40 -17.81 29.44
N ALA C 298 -20.44 -16.90 28.47
CA ALA C 298 -20.00 -15.53 28.70
C ALA C 298 -21.05 -14.76 29.46
N GLY C 299 -22.31 -15.16 29.31
CA GLY C 299 -23.38 -14.51 30.03
C GLY C 299 -23.24 -14.68 31.53
N LYS C 300 -22.97 -15.91 31.96
CA LYS C 300 -22.90 -16.24 33.38
C LYS C 300 -22.06 -15.23 34.17
N VAL C 301 -21.03 -14.69 33.52
CA VAL C 301 -20.10 -13.79 34.19
C VAL C 301 -20.22 -12.33 33.71
N LEU C 302 -20.74 -12.14 32.50
CA LEU C 302 -20.90 -10.80 31.96
C LEU C 302 -22.29 -10.21 32.23
N ASN C 303 -23.30 -11.06 32.31
CA ASN C 303 -24.67 -10.58 32.56
C ASN C 303 -24.82 -9.79 33.84
N PRO C 304 -24.33 -10.31 34.98
CA PRO C 304 -24.48 -9.58 36.23
C PRO C 304 -23.84 -8.19 36.14
N ARG C 305 -22.88 -8.06 35.24
CA ARG C 305 -22.19 -6.78 35.04
C ARG C 305 -22.91 -5.89 34.03
N GLY C 306 -24.10 -6.32 33.60
CA GLY C 306 -24.89 -5.53 32.68
C GLY C 306 -24.44 -5.69 31.23
N ILE C 307 -23.54 -6.64 31.00
CA ILE C 307 -23.08 -6.93 29.65
C ILE C 307 -23.93 -8.04 29.02
N TYR C 308 -24.70 -7.67 28.01
CA TYR C 308 -25.53 -8.61 27.28
C TYR C 308 -25.23 -8.52 25.78
N PRO C 309 -25.73 -9.49 25.00
CA PRO C 309 -25.54 -9.45 23.55
C PRO C 309 -26.33 -8.32 22.88
N ASN C 310 -25.62 -7.45 22.16
CA ASN C 310 -26.27 -6.38 21.44
C ASN C 310 -26.76 -6.86 20.08
N VAL C 311 -27.08 -5.92 19.20
CA VAL C 311 -27.65 -6.21 17.89
C VAL C 311 -26.64 -6.90 16.97
N ASP C 312 -25.35 -6.73 17.24
CA ASP C 312 -24.31 -7.28 16.38
C ASP C 312 -24.06 -8.75 16.65
N PHE C 313 -24.72 -9.30 17.67
CA PHE C 313 -24.44 -10.65 18.11
C PHE C 313 -25.05 -11.71 17.20
N TYR C 314 -26.24 -11.45 16.69
CA TYR C 314 -26.92 -12.42 15.84
C TYR C 314 -27.14 -11.96 14.40
N SER C 315 -26.90 -10.68 14.16
CA SER C 315 -27.10 -10.11 12.83
C SER C 315 -26.24 -10.83 11.78
N GLY C 316 -24.98 -11.11 12.12
CA GLY C 316 -24.09 -11.79 11.21
C GLY C 316 -24.69 -13.03 10.58
N VAL C 317 -25.24 -13.91 11.42
CA VAL C 317 -25.86 -15.15 10.97
C VAL C 317 -26.97 -14.89 9.96
N VAL C 318 -27.81 -13.90 10.25
CA VAL C 318 -28.85 -13.49 9.32
C VAL C 318 -28.24 -13.04 7.98
N TYR C 319 -27.40 -12.02 8.04
CA TYR C 319 -26.77 -11.48 6.83
C TYR C 319 -26.09 -12.58 6.03
N SER C 320 -25.51 -13.53 6.74
CA SER C 320 -24.76 -14.60 6.11
C SER C 320 -25.71 -15.46 5.29
N ASP C 321 -26.86 -15.77 5.87
CA ASP C 321 -27.88 -16.53 5.18
C ASP C 321 -28.41 -15.79 3.95
N LEU C 322 -28.45 -14.46 4.06
CA LEU C 322 -28.89 -13.61 2.96
C LEU C 322 -27.84 -13.57 1.87
N GLY C 323 -26.71 -14.24 2.11
CA GLY C 323 -25.69 -14.37 1.09
C GLY C 323 -24.54 -13.37 1.19
N PHE C 324 -24.34 -12.76 2.35
CA PHE C 324 -23.25 -11.80 2.47
C PHE C 324 -22.05 -12.33 3.22
N SER C 325 -20.87 -11.85 2.83
CA SER C 325 -19.63 -12.16 3.54
C SER C 325 -19.47 -11.21 4.72
N LEU C 326 -18.59 -11.53 5.65
CA LEU C 326 -18.50 -10.80 6.90
C LEU C 326 -18.11 -9.33 6.70
N GLU C 327 -17.39 -9.04 5.63
CA GLU C 327 -16.93 -7.68 5.36
C GLU C 327 -18.07 -6.77 4.91
N PHE C 328 -19.23 -7.34 4.65
CA PHE C 328 -20.38 -6.54 4.23
C PHE C 328 -21.40 -6.39 5.33
N PHE C 329 -21.10 -6.93 6.51
CA PHE C 329 -22.04 -6.84 7.60
C PHE C 329 -22.24 -5.40 8.02
N THR C 330 -21.16 -4.66 8.24
CA THR C 330 -21.30 -3.27 8.65
C THR C 330 -21.91 -2.41 7.53
N PRO C 331 -21.58 -2.70 6.27
CA PRO C 331 -22.23 -1.96 5.19
C PRO C 331 -23.75 -2.15 5.20
N ILE C 332 -24.21 -3.38 5.39
CA ILE C 332 -25.65 -3.62 5.48
C ILE C 332 -26.25 -2.82 6.65
N PHE C 333 -25.50 -2.73 7.74
CA PHE C 333 -25.91 -1.93 8.89
C PHE C 333 -26.17 -0.50 8.40
N ALA C 334 -25.20 0.05 7.68
CA ALA C 334 -25.30 1.41 7.15
C ALA C 334 -26.49 1.58 6.21
N VAL C 335 -26.79 0.54 5.44
CA VAL C 335 -27.91 0.59 4.51
C VAL C 335 -29.21 0.82 5.29
N ALA C 336 -29.26 0.33 6.52
CA ALA C 336 -30.40 0.56 7.38
C ALA C 336 -30.25 1.90 8.09
N ARG C 337 -29.10 2.09 8.74
CA ARG C 337 -28.92 3.22 9.63
C ARG C 337 -29.03 4.57 8.91
N ILE C 338 -28.85 4.58 7.59
CA ILE C 338 -28.93 5.82 6.84
C ILE C 338 -30.28 6.54 7.08
N SER C 339 -31.35 5.77 7.23
CA SER C 339 -32.65 6.35 7.52
C SER C 339 -32.65 6.99 8.92
N GLY C 340 -31.97 6.35 9.86
CA GLY C 340 -31.86 6.91 11.19
C GLY C 340 -30.99 8.14 11.22
N TRP C 341 -29.92 8.13 10.43
CA TRP C 341 -29.04 9.28 10.36
C TRP C 341 -29.74 10.51 9.83
N VAL C 342 -30.45 10.33 8.73
CA VAL C 342 -31.13 11.44 8.07
C VAL C 342 -32.23 11.98 8.98
N GLY C 343 -32.96 11.07 9.62
CA GLY C 343 -34.02 11.46 10.52
C GLY C 343 -33.49 12.30 11.67
N HIS C 344 -32.31 11.93 12.18
CA HIS C 344 -31.69 12.66 13.26
C HIS C 344 -31.17 14.03 12.86
N ILE C 345 -30.67 14.13 11.63
CA ILE C 345 -30.24 15.41 11.14
C ILE C 345 -31.44 16.35 10.97
N LEU C 346 -32.51 15.85 10.37
CA LEU C 346 -33.72 16.65 10.25
C LEU C 346 -34.20 17.08 11.64
N GLU C 347 -34.22 16.14 12.58
CA GLU C 347 -34.69 16.44 13.92
C GLU C 347 -33.78 17.46 14.60
N TYR C 348 -32.48 17.16 14.62
CA TYR C 348 -31.53 18.03 15.31
C TYR C 348 -31.65 19.45 14.80
N GLN C 349 -31.81 19.61 13.50
CA GLN C 349 -31.96 20.93 12.91
C GLN C 349 -33.25 21.57 13.39
N GLU C 350 -34.27 20.75 13.59
CA GLU C 350 -35.57 21.22 14.04
C GLU C 350 -35.54 21.61 15.52
N LEU C 351 -34.96 20.75 16.35
CA LEU C 351 -35.08 20.89 17.80
C LEU C 351 -33.85 21.45 18.52
N ASP C 352 -32.76 21.68 17.81
CA ASP C 352 -31.57 22.16 18.49
C ASP C 352 -30.66 22.95 17.56
N ASN C 353 -30.06 22.28 16.59
CA ASN C 353 -29.28 22.94 15.57
C ASN C 353 -28.14 23.77 16.16
N ARG C 354 -27.54 23.27 17.23
CA ARG C 354 -26.49 24.03 17.91
C ARG C 354 -25.13 23.37 17.67
N LEU C 355 -24.14 24.18 17.30
CA LEU C 355 -22.78 23.70 17.17
C LEU C 355 -22.41 22.88 18.39
N LEU C 356 -21.84 21.70 18.16
CA LEU C 356 -21.27 20.94 19.25
C LEU C 356 -19.80 21.34 19.36
N ARG C 357 -19.42 21.79 20.54
CA ARG C 357 -18.06 22.26 20.76
C ARG C 357 -17.76 22.04 22.22
N PRO C 358 -17.40 20.80 22.59
CA PRO C 358 -17.09 20.43 23.98
C PRO C 358 -15.73 20.97 24.40
N GLY C 359 -15.26 20.53 25.55
CA GLY C 359 -13.95 20.94 26.02
C GLY C 359 -13.16 19.79 26.60
N ALA C 360 -11.96 20.09 27.07
CA ALA C 360 -11.13 19.09 27.72
C ALA C 360 -10.52 19.68 28.97
N LYS C 361 -10.30 18.83 29.96
CA LYS C 361 -9.57 19.23 31.15
C LYS C 361 -8.09 19.25 30.78
N TYR C 362 -7.49 20.42 30.79
CA TYR C 362 -6.08 20.53 30.44
C TYR C 362 -5.17 20.07 31.56
N VAL C 363 -4.36 19.06 31.26
CA VAL C 363 -3.49 18.49 32.27
C VAL C 363 -2.05 18.54 31.81
N GLY C 364 -1.77 19.45 30.87
CA GLY C 364 -0.43 19.61 30.33
C GLY C 364 0.31 20.78 30.95
N GLU C 365 1.37 21.22 30.29
CA GLU C 365 2.19 22.31 30.81
C GLU C 365 1.70 23.65 30.29
N LEU C 366 2.05 24.73 30.99
CA LEU C 366 1.74 26.07 30.55
C LEU C 366 2.98 26.94 30.55
N ASP C 367 2.99 27.93 29.68
CA ASP C 367 4.08 28.89 29.58
C ASP C 367 5.44 28.24 29.31
N VAL C 368 5.41 27.08 28.67
CA VAL C 368 6.65 26.45 28.24
C VAL C 368 7.33 27.39 27.27
N PRO C 369 8.63 27.62 27.45
CA PRO C 369 9.37 28.56 26.60
C PRO C 369 9.66 27.97 25.23
N TYR C 370 9.66 28.82 24.21
CA TYR C 370 10.16 28.40 22.90
C TYR C 370 11.68 28.45 22.95
N VAL C 371 12.31 27.30 23.11
CA VAL C 371 13.75 27.26 23.21
C VAL C 371 14.38 27.35 21.83
N PRO C 372 15.38 28.24 21.67
CA PRO C 372 16.06 28.37 20.38
C PRO C 372 16.56 27.02 19.89
N LEU C 373 16.51 26.83 18.58
CA LEU C 373 16.80 25.52 17.99
C LEU C 373 18.05 24.86 18.55
N GLU C 374 19.17 25.58 18.53
CA GLU C 374 20.43 24.99 18.97
C GLU C 374 20.52 24.84 20.48
N ALA C 375 19.67 25.55 21.22
CA ALA C 375 19.72 25.49 22.68
C ALA C 375 18.91 24.32 23.23
N ARG C 376 18.49 23.42 22.34
CA ARG C 376 17.71 22.25 22.76
C ARG C 376 18.58 21.01 22.81
N VAL D 3 -30.28 19.87 29.73
CA VAL D 3 -29.34 19.11 28.87
C VAL D 3 -28.16 19.99 28.44
N ALA D 4 -27.01 19.35 28.19
CA ALA D 4 -25.79 20.04 27.86
C ALA D 4 -25.77 20.41 26.38
N ARG D 5 -26.58 21.39 26.03
CA ARG D 5 -26.73 21.82 24.65
C ARG D 5 -25.38 22.27 24.08
N GLY D 6 -25.11 21.88 22.84
CA GLY D 6 -23.85 22.21 22.21
C GLY D 6 -22.69 21.57 22.94
N LEU D 7 -23.00 20.73 23.92
CA LEU D 7 -21.99 20.16 24.83
C LEU D 7 -21.19 21.30 25.44
N GLU D 8 -21.80 22.47 25.53
CA GLU D 8 -21.10 23.63 26.03
C GLU D 8 -20.72 23.38 27.48
N GLY D 9 -19.43 23.56 27.78
CA GLY D 9 -18.97 23.41 29.14
C GLY D 9 -18.61 21.97 29.45
N VAL D 10 -19.01 21.05 28.59
CA VAL D 10 -18.75 19.65 28.86
C VAL D 10 -17.30 19.34 28.56
N LEU D 11 -16.62 18.76 29.53
CA LEU D 11 -15.24 18.33 29.35
C LEU D 11 -15.22 16.81 29.38
N PHE D 12 -14.91 16.18 28.24
CA PHE D 12 -15.10 14.74 28.14
C PHE D 12 -13.79 14.00 28.21
N THR D 13 -12.68 14.72 28.04
CA THR D 13 -11.39 14.09 28.11
C THR D 13 -10.34 15.03 28.73
N GLU D 14 -9.18 14.49 29.05
CA GLU D 14 -8.03 15.28 29.50
C GLU D 14 -7.08 15.42 28.31
N SER D 15 -6.35 16.53 28.26
CA SER D 15 -5.44 16.76 27.14
C SER D 15 -4.20 17.52 27.59
N ARG D 16 -3.11 17.37 26.83
CA ARG D 16 -1.89 18.09 27.12
C ARG D 16 -1.54 18.93 25.91
N MET D 17 -2.20 18.65 24.79
CA MET D 17 -1.81 19.21 23.50
C MET D 17 -1.98 20.71 23.48
N CYS D 18 -3.20 21.16 23.72
CA CYS D 18 -3.51 22.54 23.51
C CYS D 18 -4.31 23.10 24.68
N TYR D 19 -3.98 24.31 25.11
CA TYR D 19 -4.78 24.96 26.11
C TYR D 19 -5.27 26.29 25.57
N ILE D 20 -6.57 26.48 25.64
CA ILE D 20 -7.21 27.68 25.17
C ILE D 20 -7.72 28.40 26.40
N ASP D 21 -7.12 29.54 26.71
CA ASP D 21 -7.56 30.34 27.82
C ASP D 21 -8.64 31.30 27.28
N GLY D 22 -9.89 30.90 27.42
CA GLY D 22 -10.98 31.67 26.86
C GLY D 22 -11.12 33.07 27.46
N GLN D 23 -10.82 33.19 28.74
CA GLN D 23 -10.98 34.46 29.42
C GLN D 23 -9.95 35.50 28.97
N GLN D 24 -8.70 35.10 28.90
CA GLN D 24 -7.64 36.06 28.61
C GLN D 24 -7.25 36.09 27.14
N GLY D 25 -7.81 35.17 26.37
CA GLY D 25 -7.46 35.09 24.96
C GLY D 25 -6.01 34.69 24.84
N LYS D 26 -5.67 33.57 25.45
CA LYS D 26 -4.35 32.98 25.30
C LYS D 26 -4.49 31.59 24.70
N LEU D 27 -3.46 31.12 24.02
CA LEU D 27 -3.47 29.82 23.36
C LEU D 27 -2.09 29.20 23.43
N TYR D 28 -2.04 27.93 23.79
CA TYR D 28 -0.77 27.24 23.95
C TYR D 28 -0.81 25.94 23.19
N TYR D 29 0.24 25.64 22.43
CA TYR D 29 0.46 24.29 21.89
C TYR D 29 1.50 23.64 22.78
N TYR D 30 1.12 22.51 23.37
CA TYR D 30 1.92 21.86 24.39
C TYR D 30 2.64 22.85 25.28
N GLY D 31 1.94 23.92 25.66
CA GLY D 31 2.46 24.82 26.67
C GLY D 31 3.12 26.05 26.12
N ILE D 32 3.37 26.06 24.81
CA ILE D 32 4.07 27.16 24.17
C ILE D 32 3.09 28.16 23.61
N PRO D 33 3.27 29.45 23.94
CA PRO D 33 2.39 30.51 23.46
C PRO D 33 2.30 30.49 21.93
N ILE D 34 1.09 30.55 21.41
CA ILE D 34 0.92 30.53 19.96
C ILE D 34 1.72 31.66 19.28
N GLN D 35 1.72 32.84 19.90
CA GLN D 35 2.41 33.99 19.30
C GLN D 35 3.90 33.71 19.13
N GLU D 36 4.48 32.95 20.05
CA GLU D 36 5.87 32.54 19.92
C GLU D 36 6.07 31.62 18.72
N LEU D 37 5.25 30.58 18.63
CA LEU D 37 5.31 29.66 17.49
C LEU D 37 5.05 30.39 16.19
N ALA D 38 4.00 31.20 16.13
CA ALA D 38 3.65 31.94 14.93
C ALA D 38 4.85 32.74 14.47
N GLU D 39 5.59 33.27 15.44
CA GLU D 39 6.74 34.12 15.17
C GLU D 39 8.00 33.33 14.82
N LYS D 40 8.35 32.35 15.64
CA LYS D 40 9.67 31.76 15.53
C LYS D 40 9.69 30.37 14.91
N SER D 41 8.54 29.73 14.82
CA SER D 41 8.49 28.34 14.42
C SER D 41 8.18 28.21 12.93
N SER D 42 8.10 26.98 12.46
CA SER D 42 7.66 26.69 11.10
C SER D 42 6.57 25.64 11.24
N PHE D 43 5.87 25.34 10.14
CA PHE D 43 4.78 24.40 10.22
C PHE D 43 5.32 23.03 10.57
N GLU D 44 6.47 22.68 10.02
CA GLU D 44 7.09 21.39 10.29
C GLU D 44 7.40 21.24 11.76
N GLU D 45 8.11 22.22 12.32
CA GLU D 45 8.48 22.18 13.72
C GLU D 45 7.24 22.22 14.60
N THR D 46 6.30 23.12 14.31
CA THR D 46 5.05 23.14 15.04
C THR D 46 4.31 21.82 14.92
N THR D 47 4.35 21.18 13.75
CA THR D 47 3.66 19.91 13.57
C THR D 47 4.35 18.87 14.45
N PHE D 48 5.67 18.90 14.44
CA PHE D 48 6.47 18.00 15.25
C PHE D 48 6.08 18.17 16.72
N LEU D 49 5.96 19.42 17.15
CA LEU D 49 5.60 19.73 18.54
C LEU D 49 4.26 19.09 18.86
N LEU D 50 3.32 19.23 17.94
CA LEU D 50 1.98 18.70 18.13
C LEU D 50 1.90 17.16 18.07
N LEU D 51 2.85 16.51 17.42
CA LEU D 51 2.84 15.05 17.33
C LEU D 51 3.70 14.41 18.42
N HIS D 52 4.73 15.12 18.87
CA HIS D 52 5.64 14.54 19.84
C HIS D 52 5.56 15.20 21.22
N GLY D 53 4.84 16.30 21.32
CA GLY D 53 4.63 16.94 22.60
C GLY D 53 5.80 17.78 23.07
N ARG D 54 6.74 18.06 22.17
CA ARG D 54 7.89 18.92 22.48
C ARG D 54 8.52 19.45 21.20
N LEU D 55 9.36 20.47 21.34
CA LEU D 55 10.09 20.99 20.20
C LEU D 55 11.15 20.00 19.76
N PRO D 56 11.41 19.93 18.44
CA PRO D 56 12.43 19.00 17.95
C PRO D 56 13.85 19.52 18.16
N ARG D 57 14.80 18.58 18.31
CA ARG D 57 16.21 18.94 18.19
C ARG D 57 16.53 19.25 16.74
N ARG D 58 17.67 19.89 16.52
CA ARG D 58 18.14 20.23 15.18
C ARG D 58 17.97 19.05 14.22
N GLN D 59 18.64 17.94 14.51
CA GLN D 59 18.62 16.80 13.59
C GLN D 59 17.24 16.18 13.47
N GLU D 60 16.55 15.99 14.59
CA GLU D 60 15.16 15.54 14.56
C GLU D 60 14.33 16.38 13.59
N LEU D 61 14.48 17.71 13.67
CA LEU D 61 13.68 18.58 12.84
C LEU D 61 14.00 18.38 11.39
N GLU D 62 15.30 18.33 11.07
CA GLU D 62 15.73 18.15 9.70
C GLU D 62 15.15 16.86 9.14
N GLU D 63 15.24 15.79 9.92
CA GLU D 63 14.77 14.50 9.45
C GLU D 63 13.25 14.49 9.39
N PHE D 64 12.62 15.18 10.32
CA PHE D 64 11.17 15.28 10.31
C PHE D 64 10.67 16.00 9.07
N SER D 65 11.22 17.19 8.80
CA SER D 65 10.84 17.96 7.63
C SER D 65 11.02 17.15 6.36
N ALA D 66 12.13 16.43 6.28
CA ALA D 66 12.42 15.63 5.11
C ALA D 66 11.49 14.41 5.00
N ALA D 67 11.06 13.87 6.14
CA ALA D 67 10.13 12.73 6.16
C ALA D 67 8.77 13.17 5.68
N LEU D 68 8.36 14.37 6.07
CA LEU D 68 7.16 14.97 5.52
C LEU D 68 7.32 15.27 4.03
N ALA D 69 8.48 15.78 3.66
CA ALA D 69 8.75 16.16 2.30
C ALA D 69 8.63 14.95 1.37
N ARG D 70 9.16 13.80 1.81
CA ARG D 70 9.15 12.58 0.98
C ARG D 70 7.73 12.03 0.79
N ARG D 71 6.81 12.47 1.64
CA ARG D 71 5.43 11.98 1.57
C ARG D 71 4.47 12.96 0.89
N ARG D 72 4.98 14.06 0.36
CA ARG D 72 4.10 15.06 -0.24
C ARG D 72 3.35 14.61 -1.49
N ALA D 73 4.02 13.83 -2.34
CA ALA D 73 3.45 13.50 -3.64
C ALA D 73 2.30 12.53 -3.47
N LEU D 74 1.24 12.74 -4.24
CA LEU D 74 0.09 11.87 -4.17
C LEU D 74 0.30 10.67 -5.05
N PRO D 75 -0.37 9.56 -4.74
CA PRO D 75 -0.15 8.45 -5.67
C PRO D 75 -0.83 8.75 -7.00
N ALA D 76 -0.23 8.24 -8.08
CA ALA D 76 -0.75 8.39 -9.43
C ALA D 76 -2.25 8.06 -9.48
N HIS D 77 -2.63 6.97 -8.82
CA HIS D 77 -4.02 6.53 -8.83
C HIS D 77 -4.92 7.70 -8.44
N LEU D 78 -4.50 8.41 -7.41
CA LEU D 78 -5.33 9.48 -6.85
C LEU D 78 -5.31 10.69 -7.77
N LEU D 79 -4.14 11.07 -8.23
CA LEU D 79 -4.06 12.19 -9.16
C LEU D 79 -4.96 11.94 -10.36
N GLU D 80 -5.04 10.67 -10.77
CA GLU D 80 -5.85 10.35 -11.91
C GLU D 80 -7.33 10.47 -11.57
N SER D 81 -7.71 9.99 -10.39
CA SER D 81 -9.09 10.15 -9.95
C SER D 81 -9.47 11.62 -9.92
N PHE D 82 -8.53 12.46 -9.46
CA PHE D 82 -8.75 13.90 -9.41
C PHE D 82 -9.21 14.45 -10.73
N LYS D 83 -8.72 13.86 -11.82
CA LYS D 83 -9.08 14.35 -13.14
C LYS D 83 -10.58 14.32 -13.42
N ARG D 84 -11.32 13.47 -12.72
CA ARG D 84 -12.77 13.39 -12.93
C ARG D 84 -13.59 13.95 -11.77
N TYR D 85 -12.94 14.27 -10.65
CA TYR D 85 -13.64 14.98 -9.57
C TYR D 85 -14.27 16.22 -10.18
N PRO D 86 -15.55 16.46 -9.90
CA PRO D 86 -16.19 17.65 -10.45
C PRO D 86 -15.41 18.90 -10.05
N VAL D 87 -15.01 19.69 -11.04
CA VAL D 87 -14.19 20.86 -10.81
C VAL D 87 -15.05 21.97 -10.20
N SER D 88 -16.36 21.89 -10.39
CA SER D 88 -17.27 22.83 -9.74
C SER D 88 -17.56 22.50 -8.27
N ALA D 89 -17.12 21.34 -7.79
CA ALA D 89 -17.44 20.95 -6.43
C ALA D 89 -16.72 21.83 -5.44
N HIS D 90 -17.31 22.02 -4.27
CA HIS D 90 -16.62 22.71 -3.20
C HIS D 90 -15.27 22.05 -2.93
N PRO D 91 -14.19 22.84 -2.79
CA PRO D 91 -12.85 22.29 -2.53
C PRO D 91 -12.78 21.39 -1.31
N MET D 92 -13.60 21.68 -0.29
CA MET D 92 -13.63 20.83 0.91
C MET D 92 -14.21 19.45 0.65
N SER D 93 -15.17 19.39 -0.28
CA SER D 93 -15.76 18.14 -0.74
C SER D 93 -14.74 17.38 -1.53
N PHE D 94 -13.92 18.13 -2.26
CA PHE D 94 -12.84 17.57 -3.06
C PHE D 94 -11.89 16.91 -2.05
N LEU D 95 -11.49 17.67 -1.05
CA LEU D 95 -10.58 17.18 -0.01
C LEU D 95 -11.20 15.99 0.74
N ARG D 96 -12.46 16.13 1.13
CA ARG D 96 -13.18 15.05 1.75
C ARG D 96 -13.07 13.76 0.92
N THR D 97 -13.39 13.82 -0.36
CA THR D 97 -13.31 12.64 -1.19
C THR D 97 -11.88 12.15 -1.34
N ALA D 98 -10.96 13.07 -1.55
CA ALA D 98 -9.56 12.73 -1.74
C ALA D 98 -9.06 11.91 -0.55
N VAL D 99 -9.26 12.42 0.65
CA VAL D 99 -8.79 11.73 1.83
C VAL D 99 -9.41 10.37 1.84
N SER D 100 -10.73 10.31 1.65
CA SER D 100 -11.44 9.05 1.66
C SER D 100 -10.92 8.09 0.60
N GLU D 101 -10.70 8.60 -0.59
CA GLU D 101 -10.17 7.73 -1.63
C GLU D 101 -8.75 7.29 -1.30
N PHE D 102 -7.96 8.20 -0.71
CA PHE D 102 -6.58 7.86 -0.41
C PHE D 102 -6.54 6.70 0.59
N GLY D 103 -7.44 6.72 1.57
CA GLY D 103 -7.53 5.63 2.51
C GLY D 103 -7.82 4.28 1.87
N MET D 104 -8.69 4.24 0.87
CA MET D 104 -9.00 2.99 0.17
C MET D 104 -7.73 2.42 -0.45
N LEU D 105 -6.80 3.30 -0.80
CA LEU D 105 -5.55 2.91 -1.43
C LEU D 105 -4.50 2.38 -0.44
N ASP D 106 -4.78 2.51 0.85
CA ASP D 106 -3.82 2.07 1.86
C ASP D 106 -4.04 0.59 2.19
N PRO D 107 -3.07 -0.28 1.88
CA PRO D 107 -3.27 -1.71 2.14
C PRO D 107 -3.51 -2.03 3.61
N THR D 108 -3.10 -1.14 4.49
CA THR D 108 -3.34 -1.34 5.92
C THR D 108 -4.18 -0.21 6.50
N GLU D 109 -5.12 0.29 5.71
CA GLU D 109 -5.98 1.40 6.10
C GLU D 109 -6.48 1.30 7.54
N GLY D 110 -6.84 0.10 7.95
CA GLY D 110 -7.50 -0.08 9.22
C GLY D 110 -6.57 -0.22 10.42
N ASP D 111 -5.27 -0.19 10.17
CA ASP D 111 -4.30 -0.31 11.25
C ASP D 111 -4.29 0.99 12.05
N ILE D 112 -4.66 0.89 13.32
CA ILE D 112 -4.70 2.05 14.18
C ILE D 112 -3.81 1.89 15.41
N SER D 113 -2.80 1.02 15.33
CA SER D 113 -1.75 1.02 16.34
C SER D 113 -1.19 2.45 16.37
N ARG D 114 -0.60 2.84 17.49
CA ARG D 114 -0.08 4.19 17.62
C ARG D 114 0.95 4.48 16.50
N GLU D 115 1.82 3.52 16.24
CA GLU D 115 2.82 3.73 15.21
C GLU D 115 2.20 3.86 13.83
N ALA D 116 1.15 3.09 13.56
CA ALA D 116 0.48 3.14 12.26
C ALA D 116 -0.25 4.48 12.08
N LEU D 117 -0.88 4.98 13.15
CA LEU D 117 -1.60 6.24 13.10
C LEU D 117 -0.65 7.40 12.88
N TYR D 118 0.51 7.32 13.52
CA TYR D 118 1.54 8.31 13.37
C TYR D 118 1.99 8.35 11.92
N GLU D 119 2.40 7.20 11.40
CA GLU D 119 2.94 7.14 10.04
C GLU D 119 1.87 7.51 9.03
N LYS D 120 0.63 7.07 9.26
CA LYS D 120 -0.43 7.45 8.33
C LYS D 120 -0.75 8.93 8.51
N GLY D 121 -0.60 9.42 9.74
CA GLY D 121 -0.87 10.81 10.01
C GLY D 121 0.15 11.67 9.28
N LEU D 122 1.41 11.27 9.33
CA LEU D 122 2.45 12.05 8.68
C LEU D 122 2.15 12.08 7.20
N ASP D 123 1.73 10.94 6.67
CA ASP D 123 1.42 10.89 5.26
C ASP D 123 0.33 11.92 4.95
N LEU D 124 -0.75 11.93 5.73
CA LEU D 124 -1.85 12.87 5.50
C LEU D 124 -1.46 14.34 5.68
N ILE D 125 -0.64 14.60 6.70
CA ILE D 125 -0.14 15.95 6.94
C ILE D 125 0.62 16.40 5.71
N ALA D 126 1.51 15.54 5.23
CA ALA D 126 2.30 15.88 4.06
C ALA D 126 1.39 16.13 2.86
N LYS D 127 0.38 15.28 2.69
CA LYS D 127 -0.39 15.25 1.44
C LYS D 127 -1.55 16.24 1.37
N PHE D 128 -2.00 16.73 2.51
CA PHE D 128 -3.13 17.66 2.48
C PHE D 128 -2.87 18.85 1.60
N ALA D 129 -1.69 19.44 1.76
CA ALA D 129 -1.30 20.57 0.94
C ALA D 129 -1.33 20.20 -0.54
N THR D 130 -0.83 19.02 -0.86
CA THR D 130 -0.74 18.58 -2.24
C THR D 130 -2.16 18.43 -2.80
N ILE D 131 -3.05 17.90 -1.98
CA ILE D 131 -4.42 17.68 -2.42
C ILE D 131 -5.09 18.99 -2.71
N VAL D 132 -4.97 19.92 -1.78
CA VAL D 132 -5.67 21.18 -1.94
C VAL D 132 -5.11 21.97 -3.11
N ALA D 133 -3.79 21.95 -3.26
CA ALA D 133 -3.12 22.62 -4.36
C ALA D 133 -3.48 22.01 -5.71
N ALA D 134 -3.61 20.69 -5.75
CA ALA D 134 -4.05 19.99 -6.98
C ALA D 134 -5.46 20.46 -7.34
N ASN D 135 -6.33 20.47 -6.35
CA ASN D 135 -7.69 20.94 -6.51
C ASN D 135 -7.68 22.35 -7.08
N LYS D 136 -6.82 23.23 -6.54
CA LYS D 136 -6.72 24.58 -7.07
C LYS D 136 -6.27 24.60 -8.54
N ARG D 137 -5.29 23.77 -8.88
CA ARG D 137 -4.78 23.71 -10.26
C ARG D 137 -5.90 23.22 -11.17
N LEU D 138 -6.64 22.23 -10.71
CA LEU D 138 -7.72 21.66 -11.49
C LEU D 138 -8.88 22.64 -11.67
N LYS D 139 -9.19 23.42 -10.65
CA LYS D 139 -10.21 24.46 -10.78
C LYS D 139 -9.82 25.47 -11.84
N GLU D 140 -8.52 25.60 -12.09
CA GLU D 140 -8.03 26.58 -13.04
C GLU D 140 -7.87 25.96 -14.41
N GLY D 141 -8.24 24.68 -14.54
CA GLY D 141 -8.11 23.99 -15.81
C GLY D 141 -6.66 23.60 -16.09
N LYS D 142 -5.85 23.59 -15.04
CA LYS D 142 -4.43 23.26 -15.18
C LYS D 142 -4.13 21.92 -14.54
N GLU D 143 -2.88 21.51 -14.57
CA GLU D 143 -2.46 20.22 -14.02
C GLU D 143 -1.82 20.36 -12.63
N PRO D 144 -2.05 19.39 -11.74
CA PRO D 144 -1.40 19.43 -10.42
C PRO D 144 0.10 19.52 -10.64
N ILE D 145 0.81 20.07 -9.65
CA ILE D 145 2.25 20.25 -9.74
C ILE D 145 2.98 19.33 -8.76
N PRO D 146 3.95 18.57 -9.23
CA PRO D 146 4.70 17.71 -8.31
C PRO D 146 5.33 18.53 -7.18
N PRO D 147 5.28 17.99 -5.94
CA PRO D 147 5.91 18.63 -4.79
C PRO D 147 7.43 18.72 -4.98
N ARG D 148 8.03 19.82 -4.51
CA ARG D 148 9.49 19.96 -4.56
C ARG D 148 10.08 19.82 -3.17
N GLU D 149 10.84 18.75 -2.96
CA GLU D 149 11.39 18.44 -1.64
C GLU D 149 12.20 19.57 -1.04
N ASP D 150 12.82 20.38 -1.89
CA ASP D 150 13.72 21.43 -1.43
C ASP D 150 12.98 22.65 -0.88
N LEU D 151 11.67 22.72 -1.09
CA LEU D 151 10.87 23.81 -0.54
C LEU D 151 10.25 23.37 0.78
N SER D 152 10.09 24.30 1.71
CA SER D 152 9.41 24.00 2.96
C SER D 152 7.94 23.65 2.65
N HIS D 153 7.27 23.04 3.61
CA HIS D 153 5.87 22.65 3.38
C HIS D 153 5.05 23.85 2.92
N ALA D 154 5.28 25.01 3.55
CA ALA D 154 4.53 26.22 3.28
C ALA D 154 4.86 26.75 1.88
N ALA D 155 6.15 26.84 1.60
CA ALA D 155 6.60 27.32 0.30
C ALA D 155 6.11 26.39 -0.79
N ASN D 156 6.18 25.09 -0.53
CA ASN D 156 5.83 24.10 -1.55
C ASN D 156 4.34 24.13 -1.79
N PHE D 157 3.57 24.38 -0.74
CA PHE D 157 2.13 24.48 -0.92
C PHE D 157 1.77 25.67 -1.85
N LEU D 158 2.38 26.83 -1.61
CA LEU D 158 2.18 27.97 -2.48
C LEU D 158 2.65 27.64 -3.89
N TYR D 159 3.81 27.02 -3.99
CA TYR D 159 4.35 26.59 -5.26
C TYR D 159 3.37 25.71 -6.03
N MET D 160 2.94 24.60 -5.41
CA MET D 160 1.98 23.70 -6.06
C MET D 160 0.67 24.37 -6.37
N ALA D 161 0.25 25.27 -5.49
CA ALA D 161 -1.02 25.97 -5.64
C ALA D 161 -0.98 27.01 -6.76
N ASN D 162 0.12 27.73 -6.86
CA ASN D 162 0.16 28.92 -7.70
C ASN D 162 0.98 28.74 -8.95
N GLY D 163 1.82 27.71 -8.98
CA GLY D 163 2.57 27.41 -10.16
C GLY D 163 3.93 28.06 -10.19
N VAL D 164 4.25 28.79 -9.13
CA VAL D 164 5.57 29.40 -8.99
C VAL D 164 6.07 29.41 -7.55
N GLU D 165 7.37 29.26 -7.40
CA GLU D 165 7.98 29.26 -6.09
C GLU D 165 7.66 30.59 -5.46
N PRO D 166 7.16 30.57 -4.23
CA PRO D 166 6.81 31.83 -3.56
C PRO D 166 8.05 32.63 -3.17
N SER D 167 7.88 33.93 -3.05
CA SER D 167 8.90 34.76 -2.42
C SER D 167 9.08 34.23 -1.00
N PRO D 168 10.26 34.45 -0.42
CA PRO D 168 10.51 34.02 0.96
C PRO D 168 9.48 34.62 1.90
N GLU D 169 9.17 35.90 1.71
CA GLU D 169 8.16 36.59 2.49
C GLU D 169 6.79 35.92 2.36
N GLN D 170 6.45 35.51 1.15
CA GLN D 170 5.17 34.84 0.94
C GLN D 170 5.13 33.56 1.73
N ALA D 171 6.23 32.81 1.68
CA ALA D 171 6.29 31.51 2.33
C ALA D 171 6.19 31.64 3.85
N ARG D 172 6.91 32.62 4.42
CA ARG D 172 6.77 32.96 5.83
C ARG D 172 5.34 33.31 6.21
N LEU D 173 4.66 34.08 5.38
CA LEU D 173 3.30 34.47 5.67
C LEU D 173 2.40 33.24 5.71
N MET D 174 2.50 32.38 4.70
CA MET D 174 1.71 31.15 4.65
C MET D 174 2.06 30.27 5.84
N ASP D 175 3.36 30.16 6.11
CA ASP D 175 3.89 29.29 7.16
C ASP D 175 3.33 29.70 8.52
N ALA D 176 3.30 31.00 8.78
CA ALA D 176 2.74 31.51 10.02
C ALA D 176 1.25 31.21 10.11
N ALA D 177 0.55 31.34 8.99
CA ALA D 177 -0.89 31.10 8.94
C ALA D 177 -1.19 29.63 9.19
N LEU D 178 -0.37 28.75 8.65
CA LEU D 178 -0.52 27.33 8.94
C LEU D 178 -0.32 27.06 10.42
N ILE D 179 0.67 27.73 11.00
CA ILE D 179 0.99 27.53 12.40
C ILE D 179 -0.17 27.95 13.29
N LEU D 180 -0.72 29.13 12.99
CA LEU D 180 -1.86 29.67 13.73
C LEU D 180 -3.08 28.78 13.72
N HIS D 181 -3.26 28.03 12.62
CA HIS D 181 -4.44 27.20 12.45
C HIS D 181 -4.16 25.73 12.70
N ALA D 182 -2.94 25.39 13.08
CA ALA D 182 -2.57 24.00 13.19
C ALA D 182 -3.41 23.27 14.22
N GLU D 183 -3.81 23.95 15.29
CA GLU D 183 -4.37 23.23 16.44
C GLU D 183 -5.27 24.11 17.30
N HIS D 184 -6.38 23.56 17.77
CA HIS D 184 -7.20 24.34 18.67
C HIS D 184 -8.13 23.57 19.59
N GLY D 185 -7.57 22.64 20.36
CA GLY D 185 -8.37 21.87 21.30
C GLY D 185 -9.48 21.09 20.60
N PHE D 186 -10.63 20.98 21.25
CA PHE D 186 -11.74 20.21 20.72
C PHE D 186 -12.85 21.05 20.09
N ASN D 187 -12.45 21.80 19.07
CA ASN D 187 -13.39 22.44 18.17
C ASN D 187 -14.16 21.35 17.41
N ALA D 188 -15.16 21.78 16.64
CA ALA D 188 -16.11 20.84 16.04
C ALA D 188 -15.37 19.75 15.23
N SER D 189 -14.38 20.16 14.43
CA SER D 189 -13.73 19.25 13.50
C SER D 189 -12.85 18.23 14.23
N THR D 190 -12.11 18.69 15.24
CA THR D 190 -11.26 17.81 16.03
C THR D 190 -12.12 16.89 16.85
N PHE D 191 -13.18 17.45 17.41
CA PHE D 191 -14.09 16.66 18.22
C PHE D 191 -14.75 15.59 17.36
N THR D 192 -15.13 15.97 16.13
CA THR D 192 -15.80 15.04 15.24
C THR D 192 -14.86 13.89 14.85
N ALA D 193 -13.59 14.20 14.66
CA ALA D 193 -12.58 13.16 14.35
C ALA D 193 -12.39 12.20 15.52
N ILE D 194 -12.39 12.74 16.74
CA ILE D 194 -12.29 11.93 17.95
C ILE D 194 -13.55 11.08 18.10
N ALA D 195 -14.70 11.69 17.88
CA ALA D 195 -15.95 10.96 17.99
C ALA D 195 -15.88 9.77 17.06
N ALA D 196 -15.44 10.01 15.83
CA ALA D 196 -15.33 8.92 14.85
C ALA D 196 -14.26 7.93 15.27
N PHE D 197 -13.11 8.45 15.67
CA PHE D 197 -11.99 7.60 16.02
C PHE D 197 -12.29 6.78 17.29
N SER D 198 -13.19 7.27 18.13
CA SER D 198 -13.51 6.59 19.38
C SER D 198 -14.15 5.23 19.15
N THR D 199 -14.61 4.99 17.91
CA THR D 199 -15.22 3.72 17.56
C THR D 199 -14.14 2.77 17.10
N GLU D 200 -12.90 3.25 17.19
CA GLU D 200 -11.72 2.58 16.64
C GLU D 200 -11.70 2.44 15.11
N THR D 201 -12.42 3.33 14.44
CA THR D 201 -12.35 3.39 12.99
C THR D 201 -10.94 3.80 12.56
N ASP D 202 -10.65 3.63 11.27
CA ASP D 202 -9.33 3.94 10.74
C ASP D 202 -9.10 5.45 10.70
N LEU D 203 -7.84 5.86 10.58
CA LEU D 203 -7.50 7.26 10.58
C LEU D 203 -8.18 8.03 9.46
N TYR D 204 -8.27 7.43 8.29
CA TYR D 204 -8.81 8.16 7.13
C TYR D 204 -10.26 8.50 7.36
N SER D 205 -11.00 7.56 7.92
CA SER D 205 -12.37 7.81 8.31
C SER D 205 -12.45 8.95 9.31
N ALA D 206 -11.59 8.92 10.32
CA ALA D 206 -11.59 9.98 11.32
C ALA D 206 -11.35 11.34 10.66
N ILE D 207 -10.34 11.41 9.81
CA ILE D 207 -9.96 12.65 9.16
C ILE D 207 -10.98 13.08 8.10
N THR D 208 -11.63 12.11 7.46
CA THR D 208 -12.69 12.45 6.52
C THR D 208 -13.80 13.14 7.28
N ALA D 209 -14.12 12.59 8.45
CA ALA D 209 -15.08 13.20 9.33
C ALA D 209 -14.63 14.58 9.78
N ALA D 210 -13.34 14.73 10.10
CA ALA D 210 -12.83 16.04 10.52
C ALA D 210 -13.03 17.06 9.41
N VAL D 211 -12.78 16.63 8.18
CA VAL D 211 -12.90 17.53 7.03
C VAL D 211 -14.37 17.89 6.78
N ALA D 212 -15.22 16.85 6.79
CA ALA D 212 -16.65 17.03 6.68
C ALA D 212 -17.11 18.09 7.67
N SER D 213 -16.61 17.97 8.90
CA SER D 213 -16.99 18.90 9.94
C SER D 213 -16.37 20.29 9.72
N LEU D 214 -15.09 20.33 9.36
CA LEU D 214 -14.43 21.62 9.18
C LEU D 214 -15.13 22.43 8.10
N LYS D 215 -15.64 21.72 7.10
CA LYS D 215 -16.33 22.35 5.97
C LYS D 215 -17.42 23.32 6.39
N GLY D 216 -18.11 22.99 7.49
CA GLY D 216 -19.26 23.76 7.91
C GLY D 216 -19.00 25.23 8.16
N PRO D 217 -19.93 26.11 7.77
CA PRO D 217 -19.79 27.57 7.96
C PRO D 217 -19.84 28.05 9.40
N ARG D 218 -20.28 27.23 10.33
CA ARG D 218 -20.16 27.58 11.74
C ARG D 218 -18.77 27.28 12.29
N HIS D 219 -17.95 26.62 11.49
CA HIS D 219 -16.65 26.17 11.94
C HIS D 219 -15.62 26.64 10.92
N GLY D 220 -14.94 25.71 10.27
CA GLY D 220 -13.90 26.11 9.35
C GLY D 220 -14.40 27.02 8.24
N GLY D 221 -15.61 26.72 7.76
CA GLY D 221 -16.16 27.49 6.67
C GLY D 221 -16.53 28.93 7.01
N ALA D 222 -16.39 29.31 8.28
CA ALA D 222 -16.66 30.68 8.69
C ALA D 222 -15.55 31.50 8.08
N ASN D 223 -14.50 30.80 7.69
CA ASN D 223 -13.37 31.39 6.99
C ASN D 223 -13.79 32.14 5.73
N GLU D 224 -14.52 31.48 4.84
CA GLU D 224 -14.95 32.12 3.60
C GLU D 224 -16.18 32.99 3.80
N ALA D 225 -16.97 32.66 4.82
CA ALA D 225 -18.14 33.45 5.14
C ALA D 225 -17.72 34.87 5.51
N VAL D 226 -16.63 34.99 6.26
CA VAL D 226 -16.12 36.30 6.63
C VAL D 226 -15.82 37.10 5.37
N MET D 227 -15.18 36.43 4.41
CA MET D 227 -14.82 37.10 3.17
C MET D 227 -16.09 37.44 2.42
N ARG D 228 -17.05 36.53 2.43
CA ARG D 228 -18.35 36.76 1.79
C ARG D 228 -19.02 38.00 2.42
N MET D 229 -18.82 38.16 3.73
CA MET D 229 -19.41 39.29 4.46
C MET D 229 -18.74 40.61 4.09
N ILE D 230 -17.41 40.60 4.01
CA ILE D 230 -16.64 41.73 3.52
C ILE D 230 -17.15 42.14 2.14
N GLN D 231 -17.35 41.16 1.26
CA GLN D 231 -17.86 41.45 -0.08
C GLN D 231 -19.26 42.03 0.00
N GLU D 232 -20.09 41.47 0.86
CA GLU D 232 -21.42 42.00 1.05
C GLU D 232 -21.34 43.47 1.48
N ILE D 233 -20.40 43.77 2.36
CA ILE D 233 -20.22 45.14 2.82
C ILE D 233 -19.69 46.02 1.69
N GLY D 234 -18.84 45.45 0.83
CA GLY D 234 -18.36 46.21 -0.31
C GLY D 234 -17.27 47.22 0.01
N THR D 235 -17.58 48.25 0.79
CA THR D 235 -16.60 49.28 1.14
C THR D 235 -16.53 49.53 2.64
N PRO D 236 -15.41 50.09 3.12
CA PRO D 236 -15.25 50.41 4.54
C PRO D 236 -16.19 51.53 4.97
N GLU D 237 -16.40 52.47 4.06
CA GLU D 237 -17.21 53.63 4.35
C GLU D 237 -18.69 53.28 4.37
N ARG D 238 -18.99 52.05 4.73
CA ARG D 238 -20.37 51.65 5.02
C ARG D 238 -20.42 50.39 5.89
N ALA D 239 -19.25 49.97 6.38
CA ALA D 239 -19.17 48.82 7.27
C ALA D 239 -19.81 49.18 8.62
N ARG D 240 -19.59 50.41 9.06
CA ARG D 240 -20.15 50.87 10.33
C ARG D 240 -21.65 50.56 10.39
N GLU D 241 -22.41 51.12 9.44
CA GLU D 241 -23.86 50.97 9.40
C GLU D 241 -24.25 49.52 9.22
N TRP D 242 -23.51 48.82 8.37
CA TRP D 242 -23.83 47.43 8.07
C TRP D 242 -24.01 46.64 9.37
N VAL D 243 -23.16 46.92 10.36
CA VAL D 243 -23.29 46.31 11.67
C VAL D 243 -24.66 46.61 12.28
N ARG D 244 -25.07 47.88 12.22
CA ARG D 244 -26.36 48.30 12.76
C ARG D 244 -27.51 47.47 12.19
N GLU D 245 -27.55 47.35 10.87
CA GLU D 245 -28.54 46.52 10.19
C GLU D 245 -28.44 45.03 10.58
N LYS D 246 -27.21 44.52 10.63
CA LYS D 246 -26.98 43.12 10.99
C LYS D 246 -27.47 42.79 12.41
N LEU D 247 -27.08 43.62 13.40
CA LEU D 247 -27.53 43.41 14.76
C LEU D 247 -29.04 43.63 14.85
N ALA D 248 -29.53 44.61 14.10
CA ALA D 248 -30.95 44.94 14.09
C ALA D 248 -31.83 43.71 13.90
N LYS D 249 -31.60 42.97 12.82
CA LYS D 249 -32.33 41.73 12.59
C LYS D 249 -31.69 40.58 13.37
N LYS D 250 -31.03 40.94 14.48
CA LYS D 250 -30.41 39.98 15.39
C LYS D 250 -29.71 38.85 14.63
N GLU D 251 -28.96 39.23 13.60
CA GLU D 251 -28.16 38.31 12.80
C GLU D 251 -26.73 38.32 13.29
N ARG D 252 -26.03 37.22 13.06
CA ARG D 252 -24.68 37.07 13.57
C ARG D 252 -23.63 37.60 12.61
N ILE D 253 -22.60 38.24 13.16
CA ILE D 253 -21.48 38.72 12.38
C ILE D 253 -20.37 37.66 12.34
N MET D 254 -20.15 37.11 11.15
CA MET D 254 -19.17 36.04 10.93
C MET D 254 -17.79 36.51 11.31
N GLY D 255 -17.02 35.62 11.93
CA GLY D 255 -15.64 35.93 12.23
C GLY D 255 -15.49 36.43 13.65
N MET D 256 -16.62 36.54 14.34
CA MET D 256 -16.61 36.92 15.74
C MET D 256 -17.35 35.94 16.62
N GLY D 257 -16.96 35.91 17.89
CA GLY D 257 -17.58 35.01 18.82
C GLY D 257 -16.83 33.70 18.82
N HIS D 258 -16.92 32.99 19.94
CA HIS D 258 -16.23 31.73 20.05
C HIS D 258 -16.84 30.92 21.18
N ARG D 259 -16.90 29.61 21.00
CA ARG D 259 -17.42 28.78 22.07
C ARG D 259 -16.52 28.91 23.29
N VAL D 260 -15.22 29.14 23.07
CA VAL D 260 -14.28 29.22 24.18
C VAL D 260 -13.75 30.62 24.44
N TYR D 261 -13.34 31.34 23.39
CA TYR D 261 -12.84 32.68 23.59
C TYR D 261 -13.96 33.65 23.97
N LYS D 262 -13.80 34.26 25.15
CA LYS D 262 -14.65 35.34 25.62
C LYS D 262 -13.77 36.56 25.65
N ALA D 263 -12.72 36.50 24.84
CA ALA D 263 -11.73 37.55 24.72
C ALA D 263 -11.22 37.57 23.27
N PHE D 264 -10.28 38.46 22.98
CA PHE D 264 -9.73 38.56 21.65
C PHE D 264 -8.89 37.32 21.32
N ASP D 265 -9.30 36.59 20.29
CA ASP D 265 -8.60 35.40 19.82
C ASP D 265 -7.13 35.74 19.56
N PRO D 266 -6.21 35.12 20.31
CA PRO D 266 -4.76 35.39 20.15
C PRO D 266 -4.23 35.13 18.72
N ARG D 267 -4.81 34.17 18.03
CA ARG D 267 -4.44 33.93 16.63
C ARG D 267 -4.90 35.12 15.79
N ALA D 268 -6.13 35.58 16.04
CA ALA D 268 -6.68 36.75 15.38
C ALA D 268 -5.76 37.92 15.60
N GLY D 269 -5.14 37.98 16.77
CA GLY D 269 -4.26 39.09 17.07
C GLY D 269 -3.02 39.05 16.21
N VAL D 270 -2.44 37.87 16.07
CA VAL D 270 -1.32 37.68 15.18
C VAL D 270 -1.76 37.95 13.73
N LEU D 271 -2.91 37.41 13.33
CA LEU D 271 -3.38 37.60 11.95
C LEU D 271 -3.73 39.04 11.66
N GLU D 272 -4.38 39.69 12.62
CA GLU D 272 -4.75 41.09 12.48
C GLU D 272 -3.53 41.86 12.02
N LYS D 273 -2.37 41.53 12.60
CA LYS D 273 -1.15 42.24 12.27
C LYS D 273 -0.64 41.84 10.89
N LEU D 274 -0.63 40.54 10.62
CA LEU D 274 -0.10 40.08 9.35
C LEU D 274 -0.95 40.68 8.24
N ALA D 275 -2.26 40.69 8.45
CA ALA D 275 -3.20 41.22 7.49
C ALA D 275 -2.98 42.71 7.30
N ARG D 276 -2.64 43.41 8.38
CA ARG D 276 -2.38 44.83 8.26
C ARG D 276 -1.11 45.09 7.43
N LEU D 277 -0.21 44.12 7.35
CA LEU D 277 1.02 44.28 6.59
C LEU D 277 0.86 44.15 5.08
N LYS D 286 -8.39 47.34 1.40
CA LYS D 286 -9.75 47.76 1.68
C LYS D 286 -10.51 46.76 2.55
N GLU D 287 -10.30 45.47 2.27
CA GLU D 287 -11.00 44.41 3.00
C GLU D 287 -10.53 44.42 4.47
N TYR D 288 -9.28 44.82 4.67
CA TYR D 288 -8.73 44.97 6.01
C TYR D 288 -9.38 46.15 6.73
N GLN D 289 -9.57 47.23 5.99
CA GLN D 289 -10.22 48.42 6.54
C GLN D 289 -11.67 48.11 6.92
N ILE D 290 -12.38 47.42 6.03
CA ILE D 290 -13.72 46.95 6.34
C ILE D 290 -13.69 46.09 7.61
N LEU D 291 -12.66 45.28 7.76
CA LEU D 291 -12.54 44.41 8.90
C LEU D 291 -12.27 45.18 10.19
N LYS D 292 -11.47 46.24 10.11
CA LYS D 292 -11.13 47.02 11.28
C LYS D 292 -12.33 47.74 11.88
N ILE D 293 -13.27 48.13 11.04
CA ILE D 293 -14.40 48.84 11.57
C ILE D 293 -15.61 47.97 11.87
N VAL D 294 -15.77 46.84 11.17
CA VAL D 294 -16.79 45.89 11.60
C VAL D 294 -16.33 45.32 12.95
N GLU D 295 -15.01 45.29 13.14
CA GLU D 295 -14.44 44.85 14.41
C GLU D 295 -14.80 45.81 15.52
N GLU D 296 -14.51 47.09 15.29
CA GLU D 296 -14.74 48.12 16.29
C GLU D 296 -16.23 48.35 16.52
N GLU D 297 -16.97 48.57 15.44
CA GLU D 297 -18.40 48.90 15.55
C GLU D 297 -19.25 47.77 16.10
N ALA D 298 -18.96 46.53 15.71
CA ALA D 298 -19.68 45.39 16.29
C ALA D 298 -19.15 45.09 17.70
N GLY D 299 -17.91 45.50 17.95
CA GLY D 299 -17.29 45.20 19.23
C GLY D 299 -17.83 46.02 20.38
N LYS D 300 -18.36 47.20 20.05
CA LYS D 300 -18.99 48.07 21.06
C LYS D 300 -20.09 47.34 21.82
N VAL D 301 -20.90 46.56 21.11
CA VAL D 301 -22.00 45.86 21.74
C VAL D 301 -21.72 44.37 21.93
N LEU D 302 -20.78 43.84 21.14
CA LEU D 302 -20.50 42.40 21.23
C LEU D 302 -19.40 42.09 22.22
N ASN D 303 -18.38 42.94 22.28
CA ASN D 303 -17.26 42.75 23.21
C ASN D 303 -17.69 42.47 24.65
N PRO D 304 -18.61 43.28 25.21
CA PRO D 304 -19.05 43.09 26.58
C PRO D 304 -19.83 41.78 26.80
N ARG D 305 -20.33 41.18 25.72
CA ARG D 305 -20.97 39.88 25.82
C ARG D 305 -19.97 38.75 25.57
N GLY D 306 -18.69 39.11 25.54
CA GLY D 306 -17.65 38.11 25.37
C GLY D 306 -17.36 37.78 23.92
N ILE D 307 -18.05 38.46 23.01
CA ILE D 307 -17.95 38.14 21.60
C ILE D 307 -16.89 38.99 20.93
N TYR D 308 -15.78 38.37 20.54
CA TYR D 308 -14.69 39.07 19.86
C TYR D 308 -14.40 38.46 18.49
N PRO D 309 -13.56 39.13 17.68
CA PRO D 309 -13.19 38.53 16.40
C PRO D 309 -12.30 37.30 16.63
N ASN D 310 -12.66 36.21 15.97
CA ASN D 310 -11.95 34.95 16.12
C ASN D 310 -10.90 34.77 15.01
N VAL D 311 -10.35 33.57 14.90
CA VAL D 311 -9.25 33.33 13.97
C VAL D 311 -9.69 33.62 12.54
N ASP D 312 -10.95 33.33 12.25
CA ASP D 312 -11.48 33.44 10.88
C ASP D 312 -11.72 34.88 10.44
N PHE D 313 -11.44 35.84 11.30
CA PHE D 313 -11.79 37.23 11.03
C PHE D 313 -10.83 37.88 10.05
N TYR D 314 -9.53 37.69 10.25
CA TYR D 314 -8.52 38.36 9.43
C TYR D 314 -7.80 37.39 8.49
N SER D 315 -8.08 36.10 8.65
CA SER D 315 -7.34 35.07 7.94
C SER D 315 -7.53 35.17 6.43
N GLY D 316 -8.78 35.30 6.00
CA GLY D 316 -9.08 35.50 4.60
C GLY D 316 -8.24 36.58 3.94
N VAL D 317 -7.95 37.64 4.65
CA VAL D 317 -7.14 38.73 4.10
C VAL D 317 -5.75 38.20 3.81
N VAL D 318 -5.29 37.31 4.68
CA VAL D 318 -3.95 36.75 4.54
C VAL D 318 -3.95 35.70 3.44
N TYR D 319 -4.95 34.84 3.40
CA TYR D 319 -4.99 33.83 2.34
C TYR D 319 -5.11 34.48 0.97
N SER D 320 -5.87 35.56 0.91
CA SER D 320 -6.15 36.25 -0.34
C SER D 320 -4.90 36.91 -0.94
N ASP D 321 -4.01 37.39 -0.08
CA ASP D 321 -2.74 37.96 -0.51
C ASP D 321 -1.80 36.85 -0.97
N LEU D 322 -1.94 35.68 -0.37
CA LEU D 322 -1.15 34.53 -0.72
C LEU D 322 -1.59 33.96 -2.06
N GLY D 323 -2.71 34.46 -2.57
CA GLY D 323 -3.11 34.09 -3.92
C GLY D 323 -4.33 33.19 -4.05
N PHE D 324 -4.99 32.90 -2.93
CA PHE D 324 -6.13 31.99 -2.95
C PHE D 324 -7.45 32.75 -2.99
N SER D 325 -8.44 32.15 -3.65
CA SER D 325 -9.79 32.69 -3.66
C SER D 325 -10.54 32.09 -2.48
N LEU D 326 -11.66 32.71 -2.13
CA LEU D 326 -12.34 32.45 -0.88
C LEU D 326 -12.80 30.99 -0.72
N GLU D 327 -13.05 30.32 -1.83
CA GLU D 327 -13.45 28.91 -1.79
C GLU D 327 -12.30 28.00 -1.29
N PHE D 328 -11.10 28.55 -1.23
CA PHE D 328 -9.98 27.78 -0.75
C PHE D 328 -9.54 28.10 0.68
N PHE D 329 -10.25 29.02 1.33
CA PHE D 329 -9.85 29.41 2.68
C PHE D 329 -9.98 28.24 3.64
N THR D 330 -11.11 27.55 3.62
CA THR D 330 -11.31 26.44 4.54
C THR D 330 -10.35 25.27 4.24
N PRO D 331 -10.14 24.95 2.96
CA PRO D 331 -9.13 23.93 2.66
C PRO D 331 -7.72 24.29 3.16
N ILE D 332 -7.40 25.58 3.13
CA ILE D 332 -6.08 26.00 3.62
C ILE D 332 -6.03 25.83 5.14
N PHE D 333 -7.15 26.10 5.79
CA PHE D 333 -7.31 25.82 7.21
C PHE D 333 -6.99 24.35 7.46
N ALA D 334 -7.60 23.47 6.68
CA ALA D 334 -7.43 22.02 6.85
C ALA D 334 -5.98 21.61 6.61
N VAL D 335 -5.32 22.30 5.69
CA VAL D 335 -3.93 22.04 5.42
C VAL D 335 -3.08 22.18 6.67
N ALA D 336 -3.47 23.10 7.55
CA ALA D 336 -2.78 23.31 8.82
C ALA D 336 -3.34 22.34 9.86
N ARG D 337 -4.66 22.31 9.96
CA ARG D 337 -5.32 21.67 11.09
C ARG D 337 -5.16 20.15 11.08
N ILE D 338 -4.78 19.59 9.94
CA ILE D 338 -4.57 18.14 9.85
C ILE D 338 -3.51 17.70 10.88
N SER D 339 -2.54 18.57 11.12
CA SER D 339 -1.54 18.31 12.18
C SER D 339 -2.19 18.24 13.56
N GLY D 340 -3.04 19.22 13.87
CA GLY D 340 -3.79 19.16 15.11
C GLY D 340 -4.59 17.87 15.21
N TRP D 341 -5.30 17.51 14.13
CA TRP D 341 -6.18 16.35 14.16
C TRP D 341 -5.42 15.07 14.44
N VAL D 342 -4.31 14.91 13.72
CA VAL D 342 -3.50 13.74 13.90
C VAL D 342 -2.97 13.70 15.33
N GLY D 343 -2.61 14.87 15.85
CA GLY D 343 -2.06 14.93 17.19
C GLY D 343 -3.10 14.51 18.22
N HIS D 344 -4.30 15.02 18.07
CA HIS D 344 -5.39 14.66 18.98
C HIS D 344 -5.77 13.21 18.93
N ILE D 345 -5.76 12.63 17.73
CA ILE D 345 -6.05 11.22 17.62
C ILE D 345 -4.99 10.40 18.34
N LEU D 346 -3.71 10.75 18.17
CA LEU D 346 -2.65 10.06 18.90
C LEU D 346 -2.86 10.22 20.42
N GLU D 347 -3.06 11.45 20.87
CA GLU D 347 -3.21 11.71 22.28
C GLU D 347 -4.43 11.01 22.83
N TYR D 348 -5.54 11.10 22.12
CA TYR D 348 -6.78 10.55 22.64
C TYR D 348 -6.63 9.04 22.84
N GLN D 349 -5.88 8.42 21.95
CA GLN D 349 -5.65 6.99 22.04
C GLN D 349 -4.80 6.73 23.27
N GLU D 350 -3.83 7.60 23.49
CA GLU D 350 -2.87 7.38 24.55
C GLU D 350 -3.51 7.63 25.90
N LEU D 351 -4.43 8.58 25.97
CA LEU D 351 -4.90 9.10 27.25
C LEU D 351 -6.33 8.71 27.62
N ASP D 352 -7.11 8.30 26.65
CA ASP D 352 -8.53 8.12 26.91
C ASP D 352 -9.08 6.96 26.12
N ASN D 353 -9.18 7.14 24.81
CA ASN D 353 -9.47 6.07 23.89
C ASN D 353 -10.78 5.39 24.23
N ARG D 354 -11.74 6.16 24.70
CA ARG D 354 -13.03 5.60 25.04
C ARG D 354 -14.08 5.99 24.00
N LEU D 355 -14.97 5.05 23.70
CA LEU D 355 -16.08 5.29 22.79
C LEU D 355 -16.86 6.50 23.26
N LEU D 356 -17.10 7.46 22.36
CA LEU D 356 -18.02 8.55 22.66
C LEU D 356 -19.43 8.12 22.30
N ARG D 357 -20.34 8.20 23.27
CA ARG D 357 -21.69 7.72 23.06
C ARG D 357 -22.58 8.47 24.06
N PRO D 358 -23.01 9.68 23.70
CA PRO D 358 -23.82 10.49 24.61
C PRO D 358 -25.27 10.02 24.58
N GLY D 359 -26.16 10.87 25.07
CA GLY D 359 -27.57 10.50 25.10
C GLY D 359 -28.43 11.70 24.83
N ALA D 360 -29.74 11.54 24.89
CA ALA D 360 -30.61 12.68 24.73
C ALA D 360 -31.72 12.68 25.77
N LYS D 361 -32.19 13.87 26.11
CA LYS D 361 -33.40 13.98 26.88
C LYS D 361 -34.53 13.58 25.94
N TYR D 362 -35.19 12.46 26.24
CA TYR D 362 -36.31 12.00 25.43
C TYR D 362 -37.55 12.86 25.66
N VAL D 363 -38.17 13.31 24.57
CA VAL D 363 -39.31 14.21 24.67
C VAL D 363 -40.37 13.72 23.70
N GLY D 364 -40.24 12.46 23.31
CA GLY D 364 -41.17 11.88 22.36
C GLY D 364 -42.23 11.07 23.06
N GLU D 365 -43.02 10.34 22.29
CA GLU D 365 -44.10 9.54 22.86
C GLU D 365 -43.61 8.13 23.18
N LEU D 366 -44.38 7.42 23.98
CA LEU D 366 -44.03 6.04 24.29
C LEU D 366 -45.23 5.13 24.08
N ASP D 367 -44.95 3.88 23.75
CA ASP D 367 -45.98 2.90 23.49
C ASP D 367 -47.07 3.48 22.59
N VAL D 368 -46.63 4.14 21.51
CA VAL D 368 -47.50 4.48 20.41
C VAL D 368 -47.82 3.17 19.69
N PRO D 369 -49.11 2.93 19.39
CA PRO D 369 -49.48 1.68 18.73
C PRO D 369 -49.12 1.69 17.23
N TYR D 370 -48.74 0.52 16.73
CA TYR D 370 -48.65 0.34 15.29
C TYR D 370 -50.10 0.27 14.77
N VAL D 371 -50.58 1.39 14.25
CA VAL D 371 -51.90 1.44 13.64
C VAL D 371 -51.86 0.70 12.30
N PRO D 372 -52.87 -0.14 12.05
CA PRO D 372 -52.97 -0.85 10.77
C PRO D 372 -53.06 0.15 9.63
N LEU D 373 -52.39 -0.14 8.52
CA LEU D 373 -52.34 0.77 7.39
C LEU D 373 -53.73 1.29 7.01
N GLU D 374 -54.73 0.42 7.01
CA GLU D 374 -56.07 0.82 6.60
C GLU D 374 -56.71 1.83 7.58
N ALA D 375 -56.19 1.91 8.79
CA ALA D 375 -56.81 2.72 9.83
C ALA D 375 -56.05 4.01 10.17
N ARG D 376 -55.21 4.48 9.26
CA ARG D 376 -54.42 5.69 9.49
C ARG D 376 -54.98 6.87 8.73
S SO4 E . -7.29 -11.52 5.00
O1 SO4 E . -7.42 -12.36 3.79
O2 SO4 E . -7.86 -12.25 6.15
O3 SO4 E . -5.87 -11.24 5.26
O4 SO4 E . -8.04 -10.25 4.79
S SO4 F . -13.92 -12.42 -25.54
O1 SO4 F . -13.57 -11.11 -24.96
O2 SO4 F . -13.11 -13.48 -24.91
O3 SO4 F . -15.34 -12.69 -25.30
O4 SO4 F . -13.65 -12.40 -26.97
N1A COA G . 18.09 -36.22 -26.24
C2A COA G . 19.16 -36.99 -26.69
N3A COA G . 20.29 -37.20 -25.98
C4A COA G . 20.30 -36.64 -24.73
C5A COA G . 19.28 -35.84 -24.14
C6A COA G . 18.05 -35.67 -24.95
N6A COA G . 16.99 -35.09 -24.48
N7A COA G . 19.64 -35.44 -22.89
C8A COA G . 20.61 -36.28 -22.56
N9A COA G . 21.26 -36.71 -23.72
C1B COA G . 22.67 -37.14 -23.92
C2B COA G . 23.53 -36.02 -23.45
O2B COA G . 23.61 -35.02 -24.49
C3B COA G . 24.84 -36.70 -23.11
O3B COA G . 25.78 -36.69 -24.15
P3B COA G . 27.06 -37.77 -24.36
O7A COA G . 26.68 -39.25 -24.86
O8A COA G . 27.59 -36.80 -25.50
O9A COA G . 27.95 -37.73 -23.02
C4B COA G . 24.30 -38.03 -22.47
O4B COA G . 22.85 -38.12 -22.85
C5B COA G . 24.39 -38.22 -20.92
O5B COA G . 23.54 -37.21 -20.26
P1A COA G . 22.88 -36.79 -18.84
O1A COA G . 21.88 -37.81 -18.34
O2A COA G . 23.97 -36.36 -17.89
O3A COA G . 22.12 -35.44 -19.19
P2A COA G . 22.70 -33.90 -19.11
O4A COA G . 22.90 -33.52 -17.62
O5A COA G . 23.95 -33.64 -19.99
O6A COA G . 21.50 -33.06 -19.79
CBP COA G . 19.40 -31.85 -19.83
CCP COA G . 20.35 -32.77 -19.01
CDP COA G . 18.13 -31.59 -18.98
CEP COA G . 20.13 -30.49 -19.97
CAP COA G . 19.14 -32.63 -21.20
OAP COA G . 18.51 -33.90 -20.89
C9P COA G . 18.28 -31.81 -22.22
O9P COA G . 18.84 -30.85 -22.93
N8P COA G . 16.96 -32.13 -22.31
C7P COA G . 16.23 -31.81 -23.55
C6P COA G . 15.34 -30.59 -23.26
C5P COA G . 14.48 -30.77 -22.05
O5P COA G . 13.40 -31.43 -22.05
N4P COA G . 14.95 -30.19 -20.99
C3P COA G . 14.18 -29.26 -20.10
C2P COA G . 13.63 -29.91 -18.85
S1P COA G . 15.01 -30.33 -17.79
C1 CIT H . 14.90 -28.49 -12.38
O1 CIT H . 14.33 -29.19 -11.51
O2 CIT H . 16.15 -28.28 -12.32
C2 CIT H . 14.09 -27.87 -13.51
C3 CIT H . 12.54 -28.21 -13.72
O7 CIT H . 12.28 -29.61 -13.58
C4 CIT H . 11.89 -27.53 -14.98
C5 CIT H . 12.45 -26.98 -16.29
O3 CIT H . 13.46 -26.22 -16.27
O4 CIT H . 11.91 -27.26 -17.40
C6 CIT H . 11.72 -27.54 -12.59
O5 CIT H . 10.67 -28.01 -12.10
O6 CIT H . 12.10 -26.43 -12.11
C1 GOL I . 8.89 -22.15 5.56
O1 GOL I . 9.59 -21.52 6.63
C2 GOL I . 7.63 -22.91 6.12
O2 GOL I . 6.65 -21.96 6.55
C3 GOL I . 7.96 -23.85 7.30
O3 GOL I . 6.75 -24.47 7.77
S SO4 J . 16.94 -30.01 -4.62
O1 SO4 J . 18.04 -30.70 -3.92
O2 SO4 J . 17.35 -28.63 -4.96
O3 SO4 J . 16.62 -30.73 -5.87
O4 SO4 J . 15.76 -29.95 -3.74
S SO4 K . 35.39 -13.76 -6.94
O1 SO4 K . 36.09 -13.49 -8.20
O2 SO4 K . 36.32 -14.44 -6.01
O3 SO4 K . 34.94 -12.50 -6.33
O4 SO4 K . 34.21 -14.62 -7.18
S SO4 L . 17.07 22.91 -11.56
O1 SO4 L . 17.87 24.01 -12.14
O2 SO4 L . 16.08 22.45 -12.56
O3 SO4 L . 17.98 21.80 -11.19
O4 SO4 L . 16.36 23.39 -10.37
N1A COA M . 29.04 -6.48 12.28
C2A COA M . 29.23 -7.31 13.38
N3A COA M . 29.34 -8.66 13.27
C4A COA M . 29.52 -9.13 11.98
C5A COA M . 29.59 -8.35 10.79
C6A COA M . 29.32 -6.89 10.97
N6A COA M . 29.35 -6.06 9.97
N7A COA M . 29.91 -9.13 9.70
C8A COA M . 29.84 -10.36 10.14
N9A COA M . 29.71 -10.44 11.55
C1B COA M . 29.76 -11.61 12.41
C2B COA M . 28.46 -12.33 12.24
O2B COA M . 27.48 -11.81 13.16
C3B COA M . 28.82 -13.77 12.52
O3B COA M . 28.70 -14.11 13.89
P3B COA M . 28.76 -15.69 14.48
O7A COA M . 29.79 -16.66 13.74
O8A COA M . 29.30 -15.07 15.85
O9A COA M . 27.25 -16.20 14.58
C4B COA M . 30.19 -13.86 11.77
O4B COA M . 30.71 -12.46 11.70
C5B COA M . 30.22 -14.41 10.31
O5B COA M . 28.96 -14.09 9.64
P1A COA M . 28.08 -14.48 8.34
O1A COA M . 27.55 -15.89 8.40
O2A COA M . 27.10 -13.38 8.03
O3A COA M . 29.18 -14.38 7.24
P2A COA M . 29.15 -13.66 5.78
O4A COA M . 30.50 -13.97 5.05
O5A COA M . 27.91 -14.01 4.92
O6A COA M . 29.02 -12.12 6.18
CBP COA M . 28.35 -9.98 5.27
CCP COA M . 29.36 -11.15 5.21
CDP COA M . 28.75 -8.96 4.19
CEP COA M . 26.97 -10.56 4.88
CAP COA M . 28.45 -9.41 6.77
OAP COA M . 29.82 -9.09 7.04
C9P COA M . 27.50 -8.20 7.05
O9P COA M . 26.23 -8.41 7.29
N8P COA M . 28.05 -6.96 7.00
C7P COA M . 27.18 -5.77 7.18
C6P COA M . 26.58 -5.45 5.81
C5P COA M . 27.60 -4.94 4.83
O5P COA M . 28.40 -3.98 5.10
N4P COA M . 27.58 -5.55 3.69
C3P COA M . 28.40 -5.14 2.49
C2P COA M . 29.53 -6.08 2.16
S1P COA M . 30.70 -5.24 1.06
C1 CIT N . 31.01 -8.88 -2.34
O1 CIT N . 32.09 -8.82 -2.99
O2 CIT N . 30.61 -9.97 -1.80
C2 CIT N . 30.13 -7.64 -2.25
C3 CIT N . 30.56 -6.17 -2.61
O7 CIT N . 31.80 -5.80 -2.00
C4 CIT N . 29.37 -5.15 -2.53
C5 CIT N . 28.78 -4.39 -1.38
O3 CIT N . 27.90 -4.93 -0.67
O4 CIT N . 29.21 -3.23 -1.14
C6 CIT N . 30.80 -5.98 -4.12
O5 CIT N . 31.65 -5.20 -4.60
O6 CIT N . 30.01 -6.57 -4.93
C1 GOL O . 34.66 -11.60 -21.70
O1 GOL O . 34.20 -12.41 -22.76
C2 GOL O . 35.84 -10.64 -22.13
O2 GOL O . 35.48 -9.92 -23.32
C3 GOL O . 37.16 -11.41 -22.39
O3 GOL O . 38.20 -10.51 -22.78
S SO4 P . -40.56 12.11 -7.51
O1 SO4 P . -42.00 12.07 -7.80
O2 SO4 P . -40.29 13.15 -6.50
O3 SO4 P . -40.13 10.80 -6.99
O4 SO4 P . -39.81 12.44 -8.74
S SO4 Q . -24.50 -13.29 -11.93
O1 SO4 Q . -24.62 -13.17 -10.47
O2 SO4 Q . -24.88 -12.03 -12.59
O3 SO4 Q . -23.13 -13.64 -12.32
O4 SO4 Q . -25.41 -14.37 -12.39
S SO4 R . -29.99 7.85 23.33
O1 SO4 R . -29.32 6.80 24.13
O2 SO4 R . -30.99 7.24 22.44
O3 SO4 R . -30.66 8.79 24.25
O4 SO4 R . -28.99 8.57 22.53
N1A COA S . -16.84 -7.97 26.73
C2A COA S . -16.37 -8.09 28.04
N3A COA S . -16.44 -7.11 28.96
C4A COA S . -16.94 -5.90 28.49
C5A COA S . -17.59 -5.67 27.24
C6A COA S . -17.52 -6.82 26.28
N6A COA S . -18.07 -6.76 25.10
N7A COA S . -18.15 -4.43 27.18
C8A COA S . -17.68 -3.79 28.24
N9A COA S . -16.93 -4.63 29.10
C1B COA S . -16.27 -4.31 30.38
C2B COA S . -14.90 -3.77 30.05
O2B COA S . -13.98 -4.86 29.89
C3B COA S . -14.57 -2.87 31.23
O3B COA S . -13.73 -3.47 32.18
P3B COA S . -13.00 -2.62 33.46
O7A COA S . -13.99 -2.17 34.65
O8A COA S . -12.19 -3.95 33.76
O9A COA S . -12.12 -1.44 32.84
C4B COA S . -15.99 -2.33 31.61
O4B COA S . -16.98 -3.13 30.82
C5B COA S . -16.32 -0.83 31.34
O5B COA S . -16.01 -0.55 29.93
P1A COA S . -15.91 0.63 28.83
O1A COA S . -15.11 1.81 29.34
O2A COA S . -15.53 0.06 27.48
O3A COA S . -17.43 1.03 28.66
P2A COA S . -18.19 1.63 27.33
O4A COA S . -19.59 2.16 27.76
O5A COA S . -17.39 2.66 26.51
O6A COA S . -18.31 0.30 26.43
CBP COA S . -18.49 -0.53 24.16
CCP COA S . -19.13 0.31 25.29
CDP COA S . -19.38 -0.47 22.92
CEP COA S . -17.15 0.21 23.78
CAP COA S . -18.30 -2.00 24.79
OAP COA S . -19.60 -2.51 25.17
C9P COA S . -17.52 -2.99 23.84
O9P COA S . -16.20 -2.97 23.81
N8P COA S . -18.28 -3.81 23.07
C7P COA S . -17.61 -4.92 22.35
C6P COA S . -17.82 -4.68 20.85
C5P COA S . -19.27 -4.70 20.45
O5P COA S . -20.02 -5.71 20.59
N4P COA S . -19.68 -3.58 19.95
C3P COA S . -21.10 -3.20 19.76
C2P COA S . -21.61 -2.20 20.78
S1P COA S . -23.40 -2.31 20.88
C1 CIT T . -25.13 2.21 20.48
O1 CIT T . -26.36 2.35 20.64
O2 CIT T . -24.31 2.76 21.28
C2 CIT T . -24.60 1.40 19.30
C3 CIT T . -25.47 0.36 18.46
O7 CIT T . -26.36 -0.41 19.28
C4 CIT T . -24.65 -0.42 17.37
C5 CIT T . -23.56 -1.46 17.49
O3 CIT T . -22.45 -1.23 16.96
O4 CIT T . -23.78 -2.54 18.12
C6 CIT T . -26.42 1.08 17.49
O5 CIT T . -27.44 0.54 17.02
O6 CIT T . -26.13 2.25 17.08
C1 GOL U . -37.70 15.36 12.02
O1 GOL U . -37.55 16.78 11.98
C2 GOL U . -39.20 14.91 12.08
O2 GOL U . -39.90 15.40 10.92
C3 GOL U . -39.89 15.39 13.38
O3 GOL U . -41.28 15.03 13.53
S SO4 V . 11.10 7.78 6.26
O1 SO4 V . 11.50 8.20 7.61
O2 SO4 V . 10.63 8.94 5.49
O3 SO4 V . 12.24 7.15 5.55
O4 SO4 V . 10.01 6.79 6.37
S SO4 W . -10.21 22.71 24.42
O1 SO4 W . -9.94 21.27 24.59
O2 SO4 W . -8.95 23.47 24.59
O3 SO4 W . -10.73 22.96 23.06
O4 SO4 W . -11.19 23.15 25.42
N1A COA X . -22.35 37.99 16.41
C2A COA X . -23.54 38.29 17.07
N3A COA X . -24.06 37.51 18.02
C4A COA X . -23.35 36.35 18.30
C5A COA X . -22.13 35.93 17.72
C6A COA X . -21.65 36.79 16.61
N6A COA X . -20.66 36.43 15.87
N7A COA X . -21.65 34.80 18.32
C8A COA X . -22.61 34.40 19.09
N9A COA X . -23.63 35.36 19.23
C1B COA X . -24.77 35.39 20.15
C2B COA X . -25.74 34.37 19.74
O2B COA X . -26.59 35.13 18.77
C3B COA X . -26.44 34.03 21.03
O3B COA X . -27.63 34.78 21.22
P3B COA X . -28.69 34.69 22.52
O7A COA X . -27.99 34.76 23.97
O8A COA X . -29.31 36.04 22.05
O9A COA X . -29.72 33.46 22.25
C4B COA X . -25.19 34.08 22.07
O4B COA X . -24.11 34.77 21.34
C5B COA X . -24.55 32.78 22.64
O5B COA X . -24.50 31.74 21.58
P1A COA X . -24.94 30.21 21.22
O1A COA X . -25.01 29.28 22.44
O2A COA X . -26.12 30.26 20.37
O3A COA X . -23.78 29.73 20.23
P2A COA X . -22.19 29.61 20.55
O4A COA X . -21.57 31.08 20.70
O5A COA X . -21.85 28.67 21.71
O6A COA X . -21.68 28.84 19.25
CBP COA X . -20.21 29.77 17.52
CCP COA X . -21.66 29.52 18.01
CDP COA X . -19.20 28.87 18.25
CEP COA X . -20.20 29.32 15.99
CAP COA X . -20.00 31.34 17.80
OAP COA X . -18.58 31.60 18.10
C9P COA X . -20.52 32.28 16.66
O9P COA X . -21.82 32.58 16.56
N8P COA X . -19.57 32.76 15.85
C7P COA X . -20.01 33.17 14.51
C6P COA X . -19.30 32.27 13.49
C5P COA X . -17.82 32.26 13.62
O5P COA X . -17.12 33.30 13.46
N4P COA X . -17.32 31.11 13.93
C3P COA X . -15.92 30.86 14.28
C2P COA X . -15.68 29.65 15.21
S1P COA X . -15.90 30.16 16.89
C1 CIT Y . -13.30 26.36 17.95
O1 CIT Y . -12.24 26.28 18.64
O2 CIT Y . -14.42 26.03 18.46
C2 CIT Y . -13.23 26.80 16.49
C3 CIT Y . -11.96 27.51 15.81
O7 CIT Y . -11.35 28.47 16.69
C4 CIT Y . -12.19 27.96 14.33
C5 CIT Y . -13.43 28.69 13.84
O3 CIT Y . -14.22 28.09 13.03
O4 CIT Y . -13.66 29.87 14.22
C6 CIT Y . -10.84 26.48 15.56
O5 CIT Y . -9.64 26.79 15.41
O6 CIT Y . -11.13 25.25 15.45
C1 GOL Z . 5.76 9.81 19.11
O1 GOL Z . 4.69 10.75 19.18
C2 GOL Z . 5.16 8.41 18.72
O2 GOL Z . 5.47 7.45 19.75
C3 GOL Z . 5.74 7.91 17.38
O3 GOL Z . 5.17 6.65 17.02
#